data_1VJQ
# 
_entry.id   1VJQ 
# 
_audit_conform.dict_name       mmcif_pdbx.dic 
_audit_conform.dict_version    5.397 
_audit_conform.dict_location   http://mmcif.pdb.org/dictionaries/ascii/mmcif_pdbx.dic 
# 
loop_
_database_2.database_id 
_database_2.database_code 
_database_2.pdbx_database_accession 
_database_2.pdbx_DOI 
PDB   1VJQ         pdb_00001vjq 10.2210/pdb1vjq/pdb 
RCSB  RCSB001927   ?            ?                   
WWPDB D_1000001927 ?            ?                   
# 
loop_
_pdbx_audit_revision_history.ordinal 
_pdbx_audit_revision_history.data_content_type 
_pdbx_audit_revision_history.major_revision 
_pdbx_audit_revision_history.minor_revision 
_pdbx_audit_revision_history.revision_date 
1 'Structure model' 1 0 2004-03-30 
2 'Structure model' 1 1 2008-04-26 
3 'Structure model' 1 2 2011-07-13 
4 'Structure model' 1 3 2017-10-04 
5 'Structure model' 1 4 2023-12-27 
6 'Structure model' 1 5 2024-10-30 
# 
_pdbx_audit_revision_details.ordinal             1 
_pdbx_audit_revision_details.revision_ordinal    1 
_pdbx_audit_revision_details.data_content_type   'Structure model' 
_pdbx_audit_revision_details.provider            repository 
_pdbx_audit_revision_details.type                'Initial release' 
_pdbx_audit_revision_details.description         ? 
_pdbx_audit_revision_details.details             ? 
# 
loop_
_pdbx_audit_revision_group.ordinal 
_pdbx_audit_revision_group.revision_ordinal 
_pdbx_audit_revision_group.data_content_type 
_pdbx_audit_revision_group.group 
1 2 'Structure model' 'Version format compliance' 
2 3 'Structure model' Advisory                    
3 3 'Structure model' 'Version format compliance' 
4 4 'Structure model' 'Refinement description'    
5 5 'Structure model' 'Data collection'           
6 5 'Structure model' 'Database references'       
7 5 'Structure model' 'Derived calculations'      
8 6 'Structure model' 'Structure summary'         
# 
loop_
_pdbx_audit_revision_category.ordinal 
_pdbx_audit_revision_category.revision_ordinal 
_pdbx_audit_revision_category.data_content_type 
_pdbx_audit_revision_category.category 
1 4 'Structure model' software                  
2 5 'Structure model' chem_comp_atom            
3 5 'Structure model' chem_comp_bond            
4 5 'Structure model' database_2                
5 5 'Structure model' struct_conn               
6 6 'Structure model' pdbx_entry_details        
7 6 'Structure model' pdbx_modification_feature 
# 
loop_
_pdbx_audit_revision_item.ordinal 
_pdbx_audit_revision_item.revision_ordinal 
_pdbx_audit_revision_item.data_content_type 
_pdbx_audit_revision_item.item 
1 5 'Structure model' '_database_2.pdbx_DOI'                
2 5 'Structure model' '_database_2.pdbx_database_accession' 
3 5 'Structure model' '_struct_conn.pdbx_leaving_atom_flag' 
# 
_pdbx_database_status.entry_id                        1VJQ 
_pdbx_database_status.status_code                     REL 
_pdbx_database_status.deposit_site                    RCSB 
_pdbx_database_status.process_site                    RCSB 
_pdbx_database_status.recvd_initial_deposition_date   2004-03-19 
_pdbx_database_status.SG_entry                        Y 
_pdbx_database_status.status_code_sf                  REL 
_pdbx_database_status.pdb_format_compatible           Y 
_pdbx_database_status.status_code_mr                  ? 
_pdbx_database_status.status_code_cs                  ? 
_pdbx_database_status.methods_development_category    ? 
_pdbx_database_status.status_code_nmr_data            ? 
# 
_pdbx_database_related.db_name        TargetDB 
_pdbx_database_related.db_id          DBsf000001AYE 
_pdbx_database_related.details        . 
_pdbx_database_related.content_type   unspecified 
# 
loop_
_audit_author.name 
_audit_author.pdbx_ordinal 
'Merritt, E.A.'                                                1 
'Baker, D.'                                                    2 
'Structural Genomics of Pathogenic Protozoa Consortium (SGPP)' 3 
# 
loop_
_citation.id 
_citation.title 
_citation.journal_abbrev 
_citation.journal_volume 
_citation.page_first 
_citation.page_last 
_citation.year 
_citation.journal_id_ASTM 
_citation.country 
_citation.journal_id_ISSN 
_citation.journal_id_CSD 
_citation.book_publisher 
_citation.pdbx_database_id_PubMed 
_citation.pdbx_database_id_DOI 
primary 
;Designed protein based on backbone conformation of procarboxypeptidase-A (1AYE) with sidechains chosen for maximal predicted stability.
;
'To be Published' ?   ?   ?   ?    ?      ?  ?         0353 ? ?        ?                               
1       
'A large scale test of computational protein design: folding and stability of nine completely redesigned globular proteins.' 
J.Mol.Biol.       332 449 460 2003 JMOBAK UK 0022-2836 0070 ? 12948494 '10.1016/S0022-2836(03)00888-X' 
# 
loop_
_citation_author.citation_id 
_citation_author.name 
_citation_author.ordinal 
_citation_author.identifier_ORCID 
primary 'Kuhlman, B.'   1 ? 
primary 'Dantas, G.'    2 ? 
primary 'Merritt, E.A.' 3 ? 
primary 'Baker, D.'     4 ? 
1       'Dantas, G.'    5 ? 
1       'Kuhlman, B.'   6 ? 
1       'Callender, D.' 7 ? 
1       'Wong, M.'      8 ? 
1       'Baker, D.'     9 ? 
# 
loop_
_entity.id 
_entity.type 
_entity.src_method 
_entity.pdbx_description 
_entity.formula_weight 
_entity.pdbx_number_of_molecules 
_entity.pdbx_ec 
_entity.pdbx_mutation 
_entity.pdbx_fragment 
_entity.details 
1 polymer man 'designed protein' 9144.039 2  ? ? ? ? 
2 water   nat water              18.015   66 ? ? ? ? 
# 
_entity_poly.entity_id                      1 
_entity_poly.type                           'polypeptide(L)' 
_entity_poly.nstd_linkage                   no 
_entity_poly.nstd_monomer                   yes 
_entity_poly.pdbx_seq_one_letter_code       
;KTIFVIVPTNEEQVAFLEALAKQDELNFDWQNPPTEPGQPVVILIPSD(MSE)VEWFLE(MSE)LKAKGIPFTVYVEEGG
SENKYFQ
;
_entity_poly.pdbx_seq_one_letter_code_can   KTIFVIVPTNEEQVAFLEALAKQDELNFDWQNPPTEPGQPVVILIPSDMVEWFLEMLKAKGIPFTVYVEEGGSENKYFQ 
_entity_poly.pdbx_strand_id                 A,B 
_entity_poly.pdbx_target_identifier         DBsf000001AYE 
# 
_pdbx_entity_nonpoly.entity_id   2 
_pdbx_entity_nonpoly.name        water 
_pdbx_entity_nonpoly.comp_id     HOH 
# 
loop_
_entity_poly_seq.entity_id 
_entity_poly_seq.num 
_entity_poly_seq.mon_id 
_entity_poly_seq.hetero 
1 1  LYS n 
1 2  THR n 
1 3  ILE n 
1 4  PHE n 
1 5  VAL n 
1 6  ILE n 
1 7  VAL n 
1 8  PRO n 
1 9  THR n 
1 10 ASN n 
1 11 GLU n 
1 12 GLU n 
1 13 GLN n 
1 14 VAL n 
1 15 ALA n 
1 16 PHE n 
1 17 LEU n 
1 18 GLU n 
1 19 ALA n 
1 20 LEU n 
1 21 ALA n 
1 22 LYS n 
1 23 GLN n 
1 24 ASP n 
1 25 GLU n 
1 26 LEU n 
1 27 ASN n 
1 28 PHE n 
1 29 ASP n 
1 30 TRP n 
1 31 GLN n 
1 32 ASN n 
1 33 PRO n 
1 34 PRO n 
1 35 THR n 
1 36 GLU n 
1 37 PRO n 
1 38 GLY n 
1 39 GLN n 
1 40 PRO n 
1 41 VAL n 
1 42 VAL n 
1 43 ILE n 
1 44 LEU n 
1 45 ILE n 
1 46 PRO n 
1 47 SER n 
1 48 ASP n 
1 49 MSE n 
1 50 VAL n 
1 51 GLU n 
1 52 TRP n 
1 53 PHE n 
1 54 LEU n 
1 55 GLU n 
1 56 MSE n 
1 57 LEU n 
1 58 LYS n 
1 59 ALA n 
1 60 LYS n 
1 61 GLY n 
1 62 ILE n 
1 63 PRO n 
1 64 PHE n 
1 65 THR n 
1 66 VAL n 
1 67 TYR n 
1 68 VAL n 
1 69 GLU n 
1 70 GLU n 
1 71 GLY n 
1 72 GLY n 
1 73 SER n 
1 74 GLU n 
1 75 ASN n 
1 76 LYS n 
1 77 TYR n 
1 78 PHE n 
1 79 GLN n 
# 
_entity_src_gen.entity_id                          1 
_entity_src_gen.pdbx_src_id                        1 
_entity_src_gen.pdbx_alt_source_flag               sample 
_entity_src_gen.pdbx_seq_type                      ? 
_entity_src_gen.pdbx_beg_seq_num                   ? 
_entity_src_gen.pdbx_end_seq_num                   ? 
_entity_src_gen.gene_src_common_name               ? 
_entity_src_gen.gene_src_genus                     ? 
_entity_src_gen.pdbx_gene_src_gene                 ? 
_entity_src_gen.gene_src_species                   ? 
_entity_src_gen.gene_src_strain                    ? 
_entity_src_gen.gene_src_tissue                    ? 
_entity_src_gen.gene_src_tissue_fraction           ? 
_entity_src_gen.gene_src_details                   ? 
_entity_src_gen.pdbx_gene_src_fragment             ? 
_entity_src_gen.pdbx_gene_src_scientific_name      ? 
_entity_src_gen.pdbx_gene_src_ncbi_taxonomy_id     ? 
_entity_src_gen.pdbx_gene_src_variant              ? 
_entity_src_gen.pdbx_gene_src_cell_line            ? 
_entity_src_gen.pdbx_gene_src_atcc                 ? 
_entity_src_gen.pdbx_gene_src_organ                ? 
_entity_src_gen.pdbx_gene_src_organelle            ? 
_entity_src_gen.pdbx_gene_src_cell                 ? 
_entity_src_gen.pdbx_gene_src_cellular_location    ? 
_entity_src_gen.host_org_common_name               ? 
_entity_src_gen.pdbx_host_org_scientific_name      'Escherichia coli' 
_entity_src_gen.pdbx_host_org_ncbi_taxonomy_id     562 
_entity_src_gen.host_org_genus                     Escherichia 
_entity_src_gen.pdbx_host_org_gene                 ? 
_entity_src_gen.pdbx_host_org_organ                ? 
_entity_src_gen.host_org_species                   ? 
_entity_src_gen.pdbx_host_org_tissue               ? 
_entity_src_gen.pdbx_host_org_tissue_fraction      ? 
_entity_src_gen.pdbx_host_org_strain               ? 
_entity_src_gen.pdbx_host_org_variant              ? 
_entity_src_gen.pdbx_host_org_cell_line            ? 
_entity_src_gen.pdbx_host_org_atcc                 ? 
_entity_src_gen.pdbx_host_org_culture_collection   ? 
_entity_src_gen.pdbx_host_org_cell                 ? 
_entity_src_gen.pdbx_host_org_organelle            ? 
_entity_src_gen.pdbx_host_org_cellular_location    ? 
_entity_src_gen.pdbx_host_org_vector_type          ? 
_entity_src_gen.pdbx_host_org_vector               plasmid 
_entity_src_gen.host_org_details                   ? 
_entity_src_gen.expression_system_id               ? 
_entity_src_gen.plasmid_name                       pET3a 
_entity_src_gen.plasmid_details                    
'Designed protein Cloned as fusion with structural genomics target Lmaj000047AAA' 
_entity_src_gen.pdbx_description                   'Cloned as fusion with structural genomics target Lmaj000047AAA' 
# 
loop_
_chem_comp.id 
_chem_comp.type 
_chem_comp.mon_nstd_flag 
_chem_comp.name 
_chem_comp.pdbx_synonyms 
_chem_comp.formula 
_chem_comp.formula_weight 
ALA 'L-peptide linking' y ALANINE          ? 'C3 H7 N O2'     89.093  
ASN 'L-peptide linking' y ASPARAGINE       ? 'C4 H8 N2 O3'    132.118 
ASP 'L-peptide linking' y 'ASPARTIC ACID'  ? 'C4 H7 N O4'     133.103 
GLN 'L-peptide linking' y GLUTAMINE        ? 'C5 H10 N2 O3'   146.144 
GLU 'L-peptide linking' y 'GLUTAMIC ACID'  ? 'C5 H9 N O4'     147.129 
GLY 'peptide linking'   y GLYCINE          ? 'C2 H5 N O2'     75.067  
HOH non-polymer         . WATER            ? 'H2 O'           18.015  
ILE 'L-peptide linking' y ISOLEUCINE       ? 'C6 H13 N O2'    131.173 
LEU 'L-peptide linking' y LEUCINE          ? 'C6 H13 N O2'    131.173 
LYS 'L-peptide linking' y LYSINE           ? 'C6 H15 N2 O2 1' 147.195 
MSE 'L-peptide linking' n SELENOMETHIONINE ? 'C5 H11 N O2 Se' 196.106 
PHE 'L-peptide linking' y PHENYLALANINE    ? 'C9 H11 N O2'    165.189 
PRO 'L-peptide linking' y PROLINE          ? 'C5 H9 N O2'     115.130 
SER 'L-peptide linking' y SERINE           ? 'C3 H7 N O3'     105.093 
THR 'L-peptide linking' y THREONINE        ? 'C4 H9 N O3'     119.119 
TRP 'L-peptide linking' y TRYPTOPHAN       ? 'C11 H12 N2 O2'  204.225 
TYR 'L-peptide linking' y TYROSINE         ? 'C9 H11 N O3'    181.189 
VAL 'L-peptide linking' y VALINE           ? 'C5 H11 N O2'    117.146 
# 
loop_
_pdbx_poly_seq_scheme.asym_id 
_pdbx_poly_seq_scheme.entity_id 
_pdbx_poly_seq_scheme.seq_id 
_pdbx_poly_seq_scheme.mon_id 
_pdbx_poly_seq_scheme.ndb_seq_num 
_pdbx_poly_seq_scheme.pdb_seq_num 
_pdbx_poly_seq_scheme.auth_seq_num 
_pdbx_poly_seq_scheme.pdb_mon_id 
_pdbx_poly_seq_scheme.auth_mon_id 
_pdbx_poly_seq_scheme.pdb_strand_id 
_pdbx_poly_seq_scheme.pdb_ins_code 
_pdbx_poly_seq_scheme.hetero 
A 1 1  LYS 1  1  1  LYS LYS A . n 
A 1 2  THR 2  2  2  THR THR A . n 
A 1 3  ILE 3  3  3  ILE ILE A . n 
A 1 4  PHE 4  4  4  PHE PHE A . n 
A 1 5  VAL 5  5  5  VAL VAL A . n 
A 1 6  ILE 6  6  6  ILE ILE A . n 
A 1 7  VAL 7  7  7  VAL VAL A . n 
A 1 8  PRO 8  8  8  PRO PRO A . n 
A 1 9  THR 9  9  9  THR THR A . n 
A 1 10 ASN 10 10 10 ASN ASN A . n 
A 1 11 GLU 11 11 11 GLU GLU A . n 
A 1 12 GLU 12 12 12 GLU GLU A . n 
A 1 13 GLN 13 13 13 GLN GLN A . n 
A 1 14 VAL 14 14 14 VAL VAL A . n 
A 1 15 ALA 15 15 15 ALA ALA A . n 
A 1 16 PHE 16 16 16 PHE PHE A . n 
A 1 17 LEU 17 17 17 LEU LEU A . n 
A 1 18 GLU 18 18 18 GLU GLU A . n 
A 1 19 ALA 19 19 19 ALA ALA A . n 
A 1 20 LEU 20 20 20 LEU LEU A . n 
A 1 21 ALA 21 21 21 ALA ALA A . n 
A 1 22 LYS 22 22 22 LYS LYS A . n 
A 1 23 GLN 23 23 23 GLN GLN A . n 
A 1 24 ASP 24 24 24 ASP ASP A . n 
A 1 25 GLU 25 25 25 GLU GLU A . n 
A 1 26 LEU 26 26 26 LEU LEU A . n 
A 1 27 ASN 27 27 27 ASN ASN A . n 
A 1 28 PHE 28 28 28 PHE PHE A . n 
A 1 29 ASP 29 29 29 ASP ASP A . n 
A 1 30 TRP 30 30 30 TRP TRP A . n 
A 1 31 GLN 31 31 31 GLN GLN A . n 
A 1 32 ASN 32 32 32 ASN ASN A . n 
A 1 33 PRO 33 33 33 PRO PRO A . n 
A 1 34 PRO 34 34 34 PRO PRO A . n 
A 1 35 THR 35 35 35 THR THR A . n 
A 1 36 GLU 36 36 36 GLU GLU A . n 
A 1 37 PRO 37 37 37 PRO PRO A . n 
A 1 38 GLY 38 38 38 GLY GLY A . n 
A 1 39 GLN 39 39 39 GLN GLN A . n 
A 1 40 PRO 40 40 40 PRO PRO A . n 
A 1 41 VAL 41 41 41 VAL VAL A . n 
A 1 42 VAL 42 42 42 VAL VAL A . n 
A 1 43 ILE 43 43 43 ILE ILE A . n 
A 1 44 LEU 44 44 44 LEU LEU A . n 
A 1 45 ILE 45 45 45 ILE ILE A . n 
A 1 46 PRO 46 46 46 PRO PRO A . n 
A 1 47 SER 47 47 47 SER SER A . n 
A 1 48 ASP 48 48 48 ASP ASP A . n 
A 1 49 MSE 49 49 49 MSE MSE A . n 
A 1 50 VAL 50 50 50 VAL VAL A . n 
A 1 51 GLU 51 51 51 GLU GLU A . n 
A 1 52 TRP 52 52 52 TRP TRP A . n 
A 1 53 PHE 53 53 53 PHE PHE A . n 
A 1 54 LEU 54 54 54 LEU LEU A . n 
A 1 55 GLU 55 55 55 GLU GLU A . n 
A 1 56 MSE 56 56 56 MSE MSE A . n 
A 1 57 LEU 57 57 57 LEU LEU A . n 
A 1 58 LYS 58 58 58 LYS LYS A . n 
A 1 59 ALA 59 59 59 ALA ALA A . n 
A 1 60 LYS 60 60 60 LYS LYS A . n 
A 1 61 GLY 61 61 61 GLY GLY A . n 
A 1 62 ILE 62 62 62 ILE ILE A . n 
A 1 63 PRO 63 63 63 PRO PRO A . n 
A 1 64 PHE 64 64 64 PHE PHE A . n 
A 1 65 THR 65 65 65 THR THR A . n 
A 1 66 VAL 66 66 66 VAL VAL A . n 
A 1 67 TYR 67 67 67 TYR TYR A . n 
A 1 68 VAL 68 68 68 VAL VAL A . n 
A 1 69 GLU 69 69 69 GLU GLU A . n 
A 1 70 GLU 70 70 70 GLU GLU A . n 
A 1 71 GLY 71 71 71 GLY GLY A . n 
A 1 72 GLY 72 72 72 GLY GLY A . n 
A 1 73 SER 73 73 73 SER SER A . n 
A 1 74 GLU 74 74 ?  ?   ?   A . n 
A 1 75 ASN 75 75 ?  ?   ?   A . n 
A 1 76 LYS 76 76 ?  ?   ?   A . n 
A 1 77 TYR 77 77 ?  ?   ?   A . n 
A 1 78 PHE 78 78 ?  ?   ?   A . n 
A 1 79 GLN 79 79 ?  ?   ?   A . n 
B 1 1  LYS 1  1  1  LYS LYS B . n 
B 1 2  THR 2  2  2  THR THR B . n 
B 1 3  ILE 3  3  3  ILE ILE B . n 
B 1 4  PHE 4  4  4  PHE PHE B . n 
B 1 5  VAL 5  5  5  VAL VAL B . n 
B 1 6  ILE 6  6  6  ILE ILE B . n 
B 1 7  VAL 7  7  7  VAL VAL B . n 
B 1 8  PRO 8  8  8  PRO PRO B . n 
B 1 9  THR 9  9  9  THR THR B . n 
B 1 10 ASN 10 10 10 ASN ASN B . n 
B 1 11 GLU 11 11 11 GLU GLU B . n 
B 1 12 GLU 12 12 12 GLU GLU B . n 
B 1 13 GLN 13 13 13 GLN GLN B . n 
B 1 14 VAL 14 14 14 VAL VAL B . n 
B 1 15 ALA 15 15 15 ALA ALA B . n 
B 1 16 PHE 16 16 16 PHE PHE B . n 
B 1 17 LEU 17 17 17 LEU LEU B . n 
B 1 18 GLU 18 18 18 GLU GLU B . n 
B 1 19 ALA 19 19 19 ALA ALA B . n 
B 1 20 LEU 20 20 20 LEU LEU B . n 
B 1 21 ALA 21 21 21 ALA ALA B . n 
B 1 22 LYS 22 22 22 LYS LYS B . n 
B 1 23 GLN 23 23 23 GLN GLN B . n 
B 1 24 ASP 24 24 24 ASP ASP B . n 
B 1 25 GLU 25 25 25 GLU GLU B . n 
B 1 26 LEU 26 26 26 LEU LEU B . n 
B 1 27 ASN 27 27 27 ASN ASN B . n 
B 1 28 PHE 28 28 28 PHE PHE B . n 
B 1 29 ASP 29 29 29 ASP ASP B . n 
B 1 30 TRP 30 30 30 TRP TRP B . n 
B 1 31 GLN 31 31 31 GLN GLN B . n 
B 1 32 ASN 32 32 32 ASN ASN B . n 
B 1 33 PRO 33 33 33 PRO PRO B . n 
B 1 34 PRO 34 34 34 PRO PRO B . n 
B 1 35 THR 35 35 35 THR THR B . n 
B 1 36 GLU 36 36 36 GLU GLU B . n 
B 1 37 PRO 37 37 37 PRO PRO B . n 
B 1 38 GLY 38 38 38 GLY GLY B . n 
B 1 39 GLN 39 39 39 GLN GLN B . n 
B 1 40 PRO 40 40 40 PRO PRO B . n 
B 1 41 VAL 41 41 41 VAL VAL B . n 
B 1 42 VAL 42 42 42 VAL VAL B . n 
B 1 43 ILE 43 43 43 ILE ILE B . n 
B 1 44 LEU 44 44 44 LEU LEU B . n 
B 1 45 ILE 45 45 45 ILE ILE B . n 
B 1 46 PRO 46 46 46 PRO PRO B . n 
B 1 47 SER 47 47 47 SER SER B . n 
B 1 48 ASP 48 48 48 ASP ASP B . n 
B 1 49 MSE 49 49 49 MSE MSE B . n 
B 1 50 VAL 50 50 50 VAL VAL B . n 
B 1 51 GLU 51 51 51 GLU GLU B . n 
B 1 52 TRP 52 52 52 TRP TRP B . n 
B 1 53 PHE 53 53 53 PHE PHE B . n 
B 1 54 LEU 54 54 54 LEU LEU B . n 
B 1 55 GLU 55 55 55 GLU GLU B . n 
B 1 56 MSE 56 56 56 MSE MSE B . n 
B 1 57 LEU 57 57 57 LEU LEU B . n 
B 1 58 LYS 58 58 58 LYS LYS B . n 
B 1 59 ALA 59 59 59 ALA ALA B . n 
B 1 60 LYS 60 60 60 LYS LYS B . n 
B 1 61 GLY 61 61 61 GLY GLY B . n 
B 1 62 ILE 62 62 62 ILE ILE B . n 
B 1 63 PRO 63 63 63 PRO PRO B . n 
B 1 64 PHE 64 64 64 PHE PHE B . n 
B 1 65 THR 65 65 65 THR THR B . n 
B 1 66 VAL 66 66 66 VAL VAL B . n 
B 1 67 TYR 67 67 67 TYR TYR B . n 
B 1 68 VAL 68 68 68 VAL VAL B . n 
B 1 69 GLU 69 69 69 GLU GLU B . n 
B 1 70 GLU 70 70 70 GLU GLU B . n 
B 1 71 GLY 71 71 71 GLY GLY B . n 
B 1 72 GLY 72 72 72 GLY GLY B . n 
B 1 73 SER 73 73 73 SER SER B . n 
B 1 74 GLU 74 74 ?  ?   ?   B . n 
B 1 75 ASN 75 75 ?  ?   ?   B . n 
B 1 76 LYS 76 76 ?  ?   ?   B . n 
B 1 77 TYR 77 77 ?  ?   ?   B . n 
B 1 78 PHE 78 78 ?  ?   ?   B . n 
B 1 79 GLN 79 79 ?  ?   ?   B . n 
# 
loop_
_pdbx_nonpoly_scheme.asym_id 
_pdbx_nonpoly_scheme.entity_id 
_pdbx_nonpoly_scheme.mon_id 
_pdbx_nonpoly_scheme.ndb_seq_num 
_pdbx_nonpoly_scheme.pdb_seq_num 
_pdbx_nonpoly_scheme.auth_seq_num 
_pdbx_nonpoly_scheme.pdb_mon_id 
_pdbx_nonpoly_scheme.auth_mon_id 
_pdbx_nonpoly_scheme.pdb_strand_id 
_pdbx_nonpoly_scheme.pdb_ins_code 
C 2 HOH 1  80  1  HOH HOH A . 
C 2 HOH 2  81  2  HOH HOH A . 
C 2 HOH 3  82  5  HOH HOH A . 
C 2 HOH 4  83  6  HOH HOH A . 
C 2 HOH 5  84  9  HOH HOH A . 
C 2 HOH 6  85  10 HOH HOH A . 
C 2 HOH 7  86  11 HOH HOH A . 
C 2 HOH 8  87  12 HOH HOH A . 
C 2 HOH 9  88  13 HOH HOH A . 
C 2 HOH 10 89  16 HOH HOH A . 
C 2 HOH 11 90  17 HOH HOH A . 
C 2 HOH 12 91  20 HOH HOH A . 
C 2 HOH 13 92  25 HOH HOH A . 
C 2 HOH 14 93  26 HOH HOH A . 
C 2 HOH 15 94  28 HOH HOH A . 
C 2 HOH 16 95  30 HOH HOH A . 
C 2 HOH 17 96  31 HOH HOH A . 
C 2 HOH 18 97  33 HOH HOH A . 
C 2 HOH 19 98  35 HOH HOH A . 
C 2 HOH 20 99  36 HOH HOH A . 
C 2 HOH 21 100 37 HOH HOH A . 
C 2 HOH 22 101 41 HOH HOH A . 
C 2 HOH 23 102 43 HOH HOH A . 
C 2 HOH 24 103 47 HOH HOH A . 
C 2 HOH 25 104 50 HOH HOH A . 
C 2 HOH 26 105 54 HOH HOH A . 
C 2 HOH 27 106 56 HOH HOH A . 
C 2 HOH 28 107 59 HOH HOH A . 
C 2 HOH 29 108 61 HOH HOH A . 
C 2 HOH 30 109 66 HOH HOH A . 
D 2 HOH 1  80  3  HOH HOH B . 
D 2 HOH 2  81  4  HOH HOH B . 
D 2 HOH 3  82  7  HOH HOH B . 
D 2 HOH 4  83  8  HOH HOH B . 
D 2 HOH 5  84  14 HOH HOH B . 
D 2 HOH 6  85  15 HOH HOH B . 
D 2 HOH 7  86  18 HOH HOH B . 
D 2 HOH 8  87  19 HOH HOH B . 
D 2 HOH 9  88  21 HOH HOH B . 
D 2 HOH 10 89  22 HOH HOH B . 
D 2 HOH 11 90  23 HOH HOH B . 
D 2 HOH 12 91  24 HOH HOH B . 
D 2 HOH 13 92  27 HOH HOH B . 
D 2 HOH 14 93  29 HOH HOH B . 
D 2 HOH 15 94  32 HOH HOH B . 
D 2 HOH 16 95  34 HOH HOH B . 
D 2 HOH 17 96  38 HOH HOH B . 
D 2 HOH 18 97  39 HOH HOH B . 
D 2 HOH 19 98  40 HOH HOH B . 
D 2 HOH 20 99  42 HOH HOH B . 
D 2 HOH 21 100 44 HOH HOH B . 
D 2 HOH 22 101 45 HOH HOH B . 
D 2 HOH 23 102 48 HOH HOH B . 
D 2 HOH 24 103 49 HOH HOH B . 
D 2 HOH 25 104 51 HOH HOH B . 
D 2 HOH 26 105 52 HOH HOH B . 
D 2 HOH 27 106 53 HOH HOH B . 
D 2 HOH 28 107 55 HOH HOH B . 
D 2 HOH 29 108 57 HOH HOH B . 
D 2 HOH 30 109 58 HOH HOH B . 
D 2 HOH 31 110 60 HOH HOH B . 
D 2 HOH 32 111 62 HOH HOH B . 
D 2 HOH 33 112 63 HOH HOH B . 
D 2 HOH 34 113 64 HOH HOH B . 
D 2 HOH 35 114 65 HOH HOH B . 
D 2 HOH 36 115 67 HOH HOH B . 
# 
loop_
_software.name 
_software.version 
_software.date 
_software.type 
_software.contact_author 
_software.contact_author_email 
_software.classification 
_software.location 
_software.language 
_software.citation_id 
_software.pdbx_ordinal 
DENZO     .    ?           package 'Zbyszek Otwinowski' zbyszek@mix.swmed.edu        'data reduction' 
http://www.lnls.br/infra/linhasluz/denzo-hkl.htm ?       ? 1 
SCALEPACK .    ?           package 'Zbyszek Otwinowski' zbyszek@mix.swmed.edu        'data scaling'   
http://www.lnls.br/infra/linhasluz/denzo-hkl.htm ?       ? 2 
SOLVE     2.06 28-Dec-2003 program 'Tom Terwilliger'    terwilliger@LANL.gov         phasing          http://www.solve.lanl.gov/ ? 
? 3 
SHELX     .    ?           package 'George Sheldrick'   gsheldr@shelx.uni-ac.gwdg.de phasing          
http://shelx.uni-ac.gwdg.de/SHELX/               Fortran ? 4 
RESOLVE   2.06 02-Jan-2004 program 'Terwilliger, T. C'  terwilliger@LANL.gov         phasing          http://www.solve.lanl.gov/ ? 
? 5 
REFMAC    .    ?           program 'Murshudov, G.N.'    ccp4@dl.ac.uk                refinement       
http://www.ccp4.ac.uk/main.html                  Fortran ? 6 
SHELXD    .    ?           ?       ?                    ?                            phasing          ? ?       ? 7 
# 
_cell.length_a           61.442 
_cell.length_b           65.041 
_cell.length_c           39.201 
_cell.angle_alpha        90.000 
_cell.angle_beta         90.000 
_cell.angle_gamma        90.000 
_cell.entry_id           1VJQ 
_cell.pdbx_unique_axis   ? 
_cell.Z_PDB              8 
# 
_symmetry.space_group_name_H-M             'P 21 21 2' 
_symmetry.entry_id                         1VJQ 
_symmetry.pdbx_full_space_group_name_H-M   ? 
_symmetry.Int_Tables_number                18 
_symmetry.cell_setting                     ? 
# 
_exptl.entry_id          1VJQ 
_exptl.crystals_number   ? 
_exptl.method            'X-RAY DIFFRACTION' 
# 
_exptl_crystal.id                    1 
_exptl_crystal.density_meas          ? 
_exptl_crystal.density_percent_sol   42.52 
_exptl_crystal.density_Matthews      2.14 
_exptl_crystal.description           ? 
# 
_exptl_crystal_grow.crystal_id      1 
_exptl_crystal_grow.method          'VAPOR DIFFUSION, SITTING DROP' 
_exptl_crystal_grow.temp            290 
_exptl_crystal_grow.pH              5.0 
_exptl_crystal_grow.pdbx_details    
;1 ul protein 6.87 mg/ml
1 ul crystallization buffer 20% PEG 1000, 40 mM CaCl, 100 mM NaAc
1 ul micro-seeds of sulfur-Met protein in crystallization buffer, pH 5.0, VAPOR DIFFUSION, SITTING DROP, temperature 290K
;
_exptl_crystal_grow.temp_details    ? 
_exptl_crystal_grow.pdbx_pH_range   . 
# 
_diffrn.id                     1 
_diffrn.ambient_temp           ? 
_diffrn.ambient_temp_details   ? 
_diffrn.crystal_id             1 
# 
_diffrn_detector.diffrn_id              1 
_diffrn_detector.detector               CCD 
_diffrn_detector.type                   'ADSC QUANTUM 210' 
_diffrn_detector.pdbx_collection_date   2004-01-07 
_diffrn_detector.details                ? 
# 
_diffrn_radiation.diffrn_id                        1 
_diffrn_radiation.wavelength_id                    1 
_diffrn_radiation.pdbx_monochromatic_or_laue_m_l   M 
_diffrn_radiation.monochromator                    ? 
_diffrn_radiation.pdbx_diffrn_protocol             MAD 
_diffrn_radiation.pdbx_scattering_type             x-ray 
# 
_diffrn_radiation_wavelength.id           1 
_diffrn_radiation_wavelength.wavelength   0.97954 
_diffrn_radiation_wavelength.wt           1.0 
# 
_diffrn_source.pdbx_wavelength             0.97954 
_diffrn_source.pdbx_wavelength_list        ? 
_diffrn_source.diffrn_id                   1 
_diffrn_source.source                      SYNCHROTRON 
_diffrn_source.type                        'ALS BEAMLINE 8.2.1' 
_diffrn_source.pdbx_synchrotron_site       ALS 
_diffrn_source.pdbx_synchrotron_beamline   8.2.1 
# 
_reflns.entry_id                     1VJQ 
_reflns.d_resolution_high            2.098 
_reflns.d_resolution_low             44.721 
_reflns.limit_h_max                  29 
_reflns.limit_h_min                  0 
_reflns.limit_k_max                  30 
_reflns.limit_k_min                  0 
_reflns.limit_l_max                  18 
_reflns.limit_l_min                  0 
_reflns.number_all                   ? 
_reflns.number_obs                   8236 
_reflns.percent_possible_obs         85.000 
_reflns.observed_criterion_sigma_F   ? 
_reflns.observed_criterion_sigma_I   ? 
_reflns.pdbx_Rmerge_I_obs            0.108 
_reflns.pdbx_Rsym_value              ? 
_reflns.pdbx_netI_over_sigmaI        ? 
_reflns.B_iso_Wilson_estimate        ? 
_reflns.pdbx_redundancy              ? 
_reflns.R_free_details               ? 
_reflns.observed_criterion_F_max     ? 
_reflns.observed_criterion_F_min     ? 
_reflns.pdbx_ordinal                 1 
_reflns.pdbx_diffrn_id               1 
# 
loop_
_reflns_shell.d_res_high 
_reflns_shell.d_res_low 
_reflns_shell.percent_possible_obs 
_reflns_shell.Rmerge_I_obs 
_reflns_shell.percent_possible_all 
_reflns_shell.meanI_over_sigI_obs 
_reflns_shell.pdbx_Rsym_value 
_reflns_shell.pdbx_redundancy 
_reflns_shell.number_unique_all 
_reflns_shell.pdbx_ordinal 
_reflns_shell.pdbx_diffrn_id 
2.10 2.18  32.900  0.375 ? ? ? ? ? 1  1 
2.18 2.26  53.300  0.393 ? ? ? ? ? 2  1 
2.26 2.37  71.900  0.362 ? ? ? ? ? 3  1 
2.37 2.49  89.100  0.34  ? ? ? ? ? 4  1 
2.49 2.65  99.600  0.301 ? ? ? ? ? 5  1 
2.65 2.85  100.000 0.255 ? ? ? ? ? 6  1 
2.85 3.14  100.000 0.17  ? ? ? ? ? 7  1 
3.14 3.59  100.000 0.102 ? ? ? ? ? 8  1 
3.59 4.52  100.000 0.071 ? ? ? ? ? 9  1 
4.52 50.00 100.000 0.066 ? ? ? ? ? 10 1 
# 
_refine.details                                  'HYDROGENS HAVE BEEN ADDED IN THE RIDING POSITIONS' 
_refine.B_iso_mean                               27.261 
_refine.aniso_B[1][1]                            -1.098 
_refine.aniso_B[2][2]                            3.071 
_refine.aniso_B[3][3]                            -1.973 
_refine.aniso_B[1][2]                            0.000 
_refine.aniso_B[1][3]                            0.000 
_refine.aniso_B[2][3]                            0.000 
_refine.solvent_model_details                    'BABINET MODEL PLUS MASK' 
_refine.pdbx_solvent_vdw_probe_radii             1.200 
_refine.pdbx_solvent_ion_probe_radii             0.800 
_refine.pdbx_solvent_shrinkage_radii             0.800 
_refine.ls_d_res_high                            2.098 
_refine.ls_d_res_low                             44.721 
_refine.ls_number_reflns_R_free                  386 
_refine.ls_R_factor_R_work                       0.1991 
_refine.ls_R_factor_R_free                       0.2906 
_refine.ls_R_factor_all                          0.203 
_refine.ls_percent_reflns_R_free                 4.779 
_refine.correlation_coeff_Fo_to_Fc               0.943 
_refine.correlation_coeff_Fo_to_Fc_free          0.880 
_refine.overall_SU_R_Cruickshank_DPI             0.306 
_refine.pdbx_overall_ESU_R_Free                  0.265 
_refine.overall_SU_ML                            0.164 
_refine.overall_SU_B                             12.164 
_refine.entry_id                                 1VJQ 
_refine.ls_R_factor_obs                          ? 
_refine.ls_number_reflns_obs                     8077 
_refine.ls_percent_reflns_obs                    ? 
_refine.ls_number_reflns_all                     ? 
_refine.pdbx_ls_sigma_F                          ? 
_refine.pdbx_ls_sigma_I                          ? 
_refine.ls_redundancy_reflns_obs                 ? 
_refine.pdbx_data_cutoff_high_absF               ? 
_refine.pdbx_data_cutoff_low_absF                ? 
_refine.ls_number_parameters                     ? 
_refine.ls_number_restraints                     ? 
_refine.ls_R_factor_R_free_error                 ? 
_refine.ls_R_factor_R_free_error_details         ? 
_refine.pdbx_method_to_determine_struct          MAD 
_refine.pdbx_starting_model                      ? 
_refine.pdbx_isotropic_thermal_model             ? 
_refine.pdbx_ls_cross_valid_method               ? 
_refine.pdbx_R_Free_selection_details            ? 
_refine.pdbx_stereochem_target_val_spec_case     ? 
_refine.pdbx_stereochemistry_target_values       ? 
_refine.solvent_model_param_bsol                 ? 
_refine.solvent_model_param_ksol                 ? 
_refine.occupancy_max                            ? 
_refine.occupancy_min                            ? 
_refine.pdbx_overall_ESU_R                       0.306 
_refine.pdbx_data_cutoff_high_rms_absF           ? 
_refine.B_iso_min                                ? 
_refine.B_iso_max                                ? 
_refine.overall_SU_R_free                        ? 
_refine.pdbx_refine_id                           'X-RAY DIFFRACTION' 
_refine.pdbx_TLS_residual_ADP_flag               'LIKELY RESIDUAL' 
_refine.pdbx_diffrn_id                           1 
_refine.pdbx_overall_phase_error                 ? 
_refine.pdbx_overall_SU_R_free_Cruickshank_DPI   ? 
_refine.pdbx_overall_SU_R_Blow_DPI               ? 
_refine.pdbx_overall_SU_R_free_Blow_DPI          ? 
# 
_refine_hist.pdbx_refine_id                   'X-RAY DIFFRACTION' 
_refine_hist.cycle_id                         LAST 
_refine_hist.pdbx_number_atoms_protein        1162 
_refine_hist.pdbx_number_atoms_nucleic_acid   0 
_refine_hist.pdbx_number_atoms_ligand         0 
_refine_hist.number_atoms_solvent             66 
_refine_hist.number_atoms_total               1228 
_refine_hist.d_res_high                       2.098 
_refine_hist.d_res_low                        44.721 
# 
loop_
_refine_ls_restr.type 
_refine_ls_restr.number 
_refine_ls_restr.dev_ideal 
_refine_ls_restr.dev_ideal_target 
_refine_ls_restr.weight 
_refine_ls_restr.pdbx_refine_id 
_refine_ls_restr.pdbx_restraint_function 
r_bond_refined_d         1211 0.014  0.022  ? 'X-RAY DIFFRACTION' ? 
r_bond_other_d           1094 0.001  0.020  ? 'X-RAY DIFFRACTION' ? 
r_angle_refined_deg      1657 1.411  1.954  ? 'X-RAY DIFFRACTION' ? 
r_angle_other_deg        2577 0.890  3.000  ? 'X-RAY DIFFRACTION' ? 
r_dihedral_angle_1_deg   144  5.902  5.000  ? 'X-RAY DIFFRACTION' ? 
r_dihedral_angle_2_deg   57   42.045 27.193 ? 'X-RAY DIFFRACTION' ? 
r_dihedral_angle_3_deg   202  19.789 15.000 ? 'X-RAY DIFFRACTION' ? 
r_chiral_restr           187  0.098  0.200  ? 'X-RAY DIFFRACTION' ? 
r_gen_planes_refined     1320 0.004  0.020  ? 'X-RAY DIFFRACTION' ? 
r_gen_planes_other       208  0.001  0.020  ? 'X-RAY DIFFRACTION' ? 
r_nbd_refined            238  0.195  0.200  ? 'X-RAY DIFFRACTION' ? 
r_nbd_other              1085 0.184  0.200  ? 'X-RAY DIFFRACTION' ? 
r_nbtor_refined          602  0.178  0.200  ? 'X-RAY DIFFRACTION' ? 
r_nbtor_other            671  0.091  0.200  ? 'X-RAY DIFFRACTION' ? 
r_xyhbond_nbd_refined    52   0.415  0.200  ? 'X-RAY DIFFRACTION' ? 
r_symmetry_vdw_refined   9    0.148  0.200  ? 'X-RAY DIFFRACTION' ? 
r_symmetry_vdw_other     39   0.196  0.200  ? 'X-RAY DIFFRACTION' ? 
r_symmetry_hbond_refined 3    0.232  0.200  ? 'X-RAY DIFFRACTION' ? 
r_mcbond_it              888  1.857  3.000  ? 'X-RAY DIFFRACTION' ? 
r_mcbond_other           290  0.408  3.000  ? 'X-RAY DIFFRACTION' ? 
r_mcangle_it             1219 2.381  4.000  ? 'X-RAY DIFFRACTION' ? 
r_mcangle_other          999  1.490  4.000  ? 'X-RAY DIFFRACTION' ? 
r_scbond_it              542  1.087  2.000  ? 'X-RAY DIFFRACTION' ? 
r_scbond_other           1010 0.219  2.000  ? 'X-RAY DIFFRACTION' ? 
r_scangle_it             438  1.730  3.000  ? 'X-RAY DIFFRACTION' ? 
r_scangle_other          1578 0.780  3.000  ? 'X-RAY DIFFRACTION' ? 
# 
loop_
_refine_ls_shell.d_res_low 
_refine_ls_shell.d_res_high 
_refine_ls_shell.number_reflns_all 
_refine_ls_shell.number_reflns_R_work 
_refine_ls_shell.R_factor_R_work 
_refine_ls_shell.number_reflns_R_free 
_refine_ls_shell.R_factor_R_free 
_refine_ls_shell.R_factor_R_free_error 
_refine_ls_shell.pdbx_total_number_of_bins_used 
_refine_ls_shell.percent_reflns_R_free 
_refine_ls_shell.percent_reflns_obs 
_refine_ls_shell.redundancy_reflns_obs 
_refine_ls_shell.number_reflns_obs 
_refine_ls_shell.pdbx_refine_id 
_refine_ls_shell.R_factor_all 
2.1521  2.098 674 172 0.238 8  0.17  . 20 . . . . 'X-RAY DIFFRACTION' . 
2.2110  2.152 688 268 0.232 13 0.344 . 20 . . . . 'X-RAY DIFFRACTION' . 
2.2749  2.211 658 345 0.185 21 0.312 . 20 . . . . 'X-RAY DIFFRACTION' . 
2.3447  2.275 637 390 0.212 26 0.353 . 20 . . . . 'X-RAY DIFFRACTION' . 
2.4214  2.345 623 480 0.219 30 0.317 . 20 . . . . 'X-RAY DIFFRACTION' . 
2.5061  2.421 615 550 0.199 18 0.23  . 20 . . . . 'X-RAY DIFFRACTION' . 
2.6004  2.506 587 553 0.204 32 0.37  . 20 . . . . 'X-RAY DIFFRACTION' . 
2.7062  2.600 563 528 0.211 34 0.381 . 20 . . . . 'X-RAY DIFFRACTION' . 
2.8261  2.706 551 528 0.216 23 0.422 . 20 . . . . 'X-RAY DIFFRACTION' . 
2.9634  2.826 514 487 0.207 27 0.342 . 20 . . . . 'X-RAY DIFFRACTION' . 
3.1230  2.963 486 464 0.203 22 0.253 . 20 . . . . 'X-RAY DIFFRACTION' . 
3.3114  3.123 494 470 0.202 24 0.285 . 20 . . . . 'X-RAY DIFFRACTION' . 
3.5387  3.311 433 414 0.196 19 0.255 . 20 . . . . 'X-RAY DIFFRACTION' . 
3.8202  3.539 425 410 0.171 15 0.27  . 20 . . . . 'X-RAY DIFFRACTION' . 
4.1818  3.820 380 363 0.18  17 0.238 . 20 . . . . 'X-RAY DIFFRACTION' . 
4.6702  4.182 365 348 0.158 17 0.199 . 20 . . . . 'X-RAY DIFFRACTION' . 
5.3830  4.670 316 305 0.167 11 0.237 . 20 . . . . 'X-RAY DIFFRACTION' . 
6.5690  5.383 281 271 0.245 10 0.254 . 20 . . . . 'X-RAY DIFFRACTION' . 
9.1913  6.569 220 208 0.22  12 0.319 . 20 . . . . 'X-RAY DIFFRACTION' . 
44.7214 9.191 144 137 0.283 7  0.382 . 20 . . . . 'X-RAY DIFFRACTION' . 
# 
_struct.entry_id                  1VJQ 
_struct.title                     
;Designed protein based on backbone conformation of procarboxypeptidase-A (1AYE) with sidechains chosen for maximal predicted stability.
;
_struct.pdbx_model_details        ? 
_struct.pdbx_CASP_flag            ? 
_struct.pdbx_model_type_details   ? 
# 
_struct_keywords.pdbx_keywords   'STRUCTURAL GENOMICS, DE NOVO PROTEIN' 
_struct_keywords.text            
;STRUCTURAL GENOMICS, ENGINEERED PROTEIN, PSI, Protein Structure Initiative, Structural Genomics of Pathogenic Protozoa Consortium, SGPP, DE NOVO PROTEIN
;
_struct_keywords.entry_id        1VJQ 
# 
loop_
_struct_asym.id 
_struct_asym.pdbx_blank_PDB_chainid_flag 
_struct_asym.pdbx_modified 
_struct_asym.entity_id 
_struct_asym.details 
A N N 1 ? 
B N N 1 ? 
C N N 2 ? 
D N N 2 ? 
# 
_struct_ref.id                         1 
_struct_ref.entity_id                  1 
_struct_ref.db_name                    PDB 
_struct_ref.db_code                    1VJQ 
_struct_ref.pdbx_db_accession          1VJQ 
_struct_ref.pdbx_db_isoform            ? 
_struct_ref.pdbx_seq_one_letter_code   ? 
_struct_ref.pdbx_align_begin           ? 
# 
loop_
_struct_ref_seq.align_id 
_struct_ref_seq.ref_id 
_struct_ref_seq.pdbx_PDB_id_code 
_struct_ref_seq.pdbx_strand_id 
_struct_ref_seq.seq_align_beg 
_struct_ref_seq.pdbx_seq_align_beg_ins_code 
_struct_ref_seq.seq_align_end 
_struct_ref_seq.pdbx_seq_align_end_ins_code 
_struct_ref_seq.pdbx_db_accession 
_struct_ref_seq.db_align_beg 
_struct_ref_seq.pdbx_db_align_beg_ins_code 
_struct_ref_seq.db_align_end 
_struct_ref_seq.pdbx_db_align_end_ins_code 
_struct_ref_seq.pdbx_auth_seq_align_beg 
_struct_ref_seq.pdbx_auth_seq_align_end 
1 1 1VJQ A 1 ? 79 ? 1VJQ 1 ? 79 ? 1 79 
2 1 1VJQ B 1 ? 79 ? 1VJQ 1 ? 79 ? 1 79 
# 
_pdbx_struct_assembly.id                   1 
_pdbx_struct_assembly.details              author_and_software_defined_assembly 
_pdbx_struct_assembly.method_details       PISA 
_pdbx_struct_assembly.oligomeric_details   dimeric 
_pdbx_struct_assembly.oligomeric_count     2 
# 
loop_
_pdbx_struct_assembly_prop.biol_id 
_pdbx_struct_assembly_prop.type 
_pdbx_struct_assembly_prop.value 
_pdbx_struct_assembly_prop.details 
1 'ABSA (A^2)' 1480 ? 
1 MORE         -11  ? 
1 'SSA (A^2)'  7940 ? 
# 
_pdbx_struct_assembly_gen.assembly_id       1 
_pdbx_struct_assembly_gen.oper_expression   1 
_pdbx_struct_assembly_gen.asym_id_list      A,B,C,D 
# 
_pdbx_struct_oper_list.id                   1 
_pdbx_struct_oper_list.type                 'identity operation' 
_pdbx_struct_oper_list.name                 1_555 
_pdbx_struct_oper_list.symmetry_operation   x,y,z 
_pdbx_struct_oper_list.matrix[1][1]         1.0000000000 
_pdbx_struct_oper_list.matrix[1][2]         0.0000000000 
_pdbx_struct_oper_list.matrix[1][3]         0.0000000000 
_pdbx_struct_oper_list.vector[1]            0.0000000000 
_pdbx_struct_oper_list.matrix[2][1]         0.0000000000 
_pdbx_struct_oper_list.matrix[2][2]         1.0000000000 
_pdbx_struct_oper_list.matrix[2][3]         0.0000000000 
_pdbx_struct_oper_list.vector[2]            0.0000000000 
_pdbx_struct_oper_list.matrix[3][1]         0.0000000000 
_pdbx_struct_oper_list.matrix[3][2]         0.0000000000 
_pdbx_struct_oper_list.matrix[3][3]         1.0000000000 
_pdbx_struct_oper_list.vector[3]            0.0000000000 
# 
_struct_biol.id                    1 
_struct_biol.pdbx_parent_biol_id   ? 
_struct_biol.details               ? 
# 
loop_
_struct_conf.conf_type_id 
_struct_conf.id 
_struct_conf.pdbx_PDB_helix_id 
_struct_conf.beg_label_comp_id 
_struct_conf.beg_label_asym_id 
_struct_conf.beg_label_seq_id 
_struct_conf.pdbx_beg_PDB_ins_code 
_struct_conf.end_label_comp_id 
_struct_conf.end_label_asym_id 
_struct_conf.end_label_seq_id 
_struct_conf.pdbx_end_PDB_ins_code 
_struct_conf.beg_auth_comp_id 
_struct_conf.beg_auth_asym_id 
_struct_conf.beg_auth_seq_id 
_struct_conf.end_auth_comp_id 
_struct_conf.end_auth_asym_id 
_struct_conf.end_auth_seq_id 
_struct_conf.pdbx_PDB_helix_class 
_struct_conf.details 
_struct_conf.pdbx_PDB_helix_length 
HELX_P HELX_P1 1 ASN A 10 ? LYS A 22 ? ASN A 10 LYS A 22 1 ? 13 
HELX_P HELX_P2 2 PRO A 46 ? ASP A 48 ? PRO A 46 ASP A 48 5 ? 3  
HELX_P HELX_P3 3 MSE A 49 ? LYS A 60 ? MSE A 49 LYS A 60 1 ? 12 
HELX_P HELX_P4 4 ASN B 10 ? ALA B 21 ? ASN B 10 ALA B 21 1 ? 12 
HELX_P HELX_P5 5 LYS B 22 ? ASN B 27 ? LYS B 22 ASN B 27 5 ? 6  
HELX_P HELX_P6 6 PRO B 46 ? ASP B 48 ? PRO B 46 ASP B 48 5 ? 3  
HELX_P HELX_P7 7 MSE B 49 ? GLY B 61 ? MSE B 49 GLY B 61 1 ? 13 
# 
_struct_conf_type.id          HELX_P 
_struct_conf_type.criteria    ? 
_struct_conf_type.reference   ? 
# 
loop_
_struct_conn.id 
_struct_conn.conn_type_id 
_struct_conn.pdbx_leaving_atom_flag 
_struct_conn.pdbx_PDB_id 
_struct_conn.ptnr1_label_asym_id 
_struct_conn.ptnr1_label_comp_id 
_struct_conn.ptnr1_label_seq_id 
_struct_conn.ptnr1_label_atom_id 
_struct_conn.pdbx_ptnr1_label_alt_id 
_struct_conn.pdbx_ptnr1_PDB_ins_code 
_struct_conn.pdbx_ptnr1_standard_comp_id 
_struct_conn.ptnr1_symmetry 
_struct_conn.ptnr2_label_asym_id 
_struct_conn.ptnr2_label_comp_id 
_struct_conn.ptnr2_label_seq_id 
_struct_conn.ptnr2_label_atom_id 
_struct_conn.pdbx_ptnr2_label_alt_id 
_struct_conn.pdbx_ptnr2_PDB_ins_code 
_struct_conn.ptnr1_auth_asym_id 
_struct_conn.ptnr1_auth_comp_id 
_struct_conn.ptnr1_auth_seq_id 
_struct_conn.ptnr2_auth_asym_id 
_struct_conn.ptnr2_auth_comp_id 
_struct_conn.ptnr2_auth_seq_id 
_struct_conn.ptnr2_symmetry 
_struct_conn.pdbx_ptnr3_label_atom_id 
_struct_conn.pdbx_ptnr3_label_seq_id 
_struct_conn.pdbx_ptnr3_label_comp_id 
_struct_conn.pdbx_ptnr3_label_asym_id 
_struct_conn.pdbx_ptnr3_label_alt_id 
_struct_conn.pdbx_ptnr3_PDB_ins_code 
_struct_conn.details 
_struct_conn.pdbx_dist_value 
_struct_conn.pdbx_value_order 
_struct_conn.pdbx_role 
covale1 covale both ? A ASP 48 C ? ? ? 1_555 A MSE 49 N ? ? A ASP 48 A MSE 49 1_555 ? ? ? ? ? ? ? 1.333 ? ? 
covale2 covale both ? A MSE 49 C ? ? ? 1_555 A VAL 50 N ? ? A MSE 49 A VAL 50 1_555 ? ? ? ? ? ? ? 1.333 ? ? 
covale3 covale both ? A GLU 55 C ? ? ? 1_555 A MSE 56 N ? ? A GLU 55 A MSE 56 1_555 ? ? ? ? ? ? ? 1.333 ? ? 
covale4 covale both ? A MSE 56 C ? ? ? 1_555 A LEU 57 N ? ? A MSE 56 A LEU 57 1_555 ? ? ? ? ? ? ? 1.326 ? ? 
covale5 covale both ? B ASP 48 C ? ? ? 1_555 B MSE 49 N ? ? B ASP 48 B MSE 49 1_555 ? ? ? ? ? ? ? 1.336 ? ? 
covale6 covale both ? B MSE 49 C ? ? ? 1_555 B VAL 50 N ? ? B MSE 49 B VAL 50 1_555 ? ? ? ? ? ? ? 1.338 ? ? 
covale7 covale both ? B GLU 55 C ? ? ? 1_555 B MSE 56 N ? ? B GLU 55 B MSE 56 1_555 ? ? ? ? ? ? ? 1.325 ? ? 
covale8 covale both ? B MSE 56 C ? ? ? 1_555 B LEU 57 N ? ? B MSE 56 B LEU 57 1_555 ? ? ? ? ? ? ? 1.325 ? ? 
# 
_struct_conn_type.id          covale 
_struct_conn_type.criteria    ? 
_struct_conn_type.reference   ? 
# 
loop_
_pdbx_modification_feature.ordinal 
_pdbx_modification_feature.label_comp_id 
_pdbx_modification_feature.label_asym_id 
_pdbx_modification_feature.label_seq_id 
_pdbx_modification_feature.label_alt_id 
_pdbx_modification_feature.modified_residue_label_comp_id 
_pdbx_modification_feature.modified_residue_label_asym_id 
_pdbx_modification_feature.modified_residue_label_seq_id 
_pdbx_modification_feature.modified_residue_label_alt_id 
_pdbx_modification_feature.auth_comp_id 
_pdbx_modification_feature.auth_asym_id 
_pdbx_modification_feature.auth_seq_id 
_pdbx_modification_feature.PDB_ins_code 
_pdbx_modification_feature.symmetry 
_pdbx_modification_feature.modified_residue_auth_comp_id 
_pdbx_modification_feature.modified_residue_auth_asym_id 
_pdbx_modification_feature.modified_residue_auth_seq_id 
_pdbx_modification_feature.modified_residue_PDB_ins_code 
_pdbx_modification_feature.modified_residue_symmetry 
_pdbx_modification_feature.comp_id_linking_atom 
_pdbx_modification_feature.modified_residue_id_linking_atom 
_pdbx_modification_feature.modified_residue_id 
_pdbx_modification_feature.ref_pcm_id 
_pdbx_modification_feature.ref_comp_id 
_pdbx_modification_feature.type 
_pdbx_modification_feature.category 
1 MSE A 49 ? . . . . MSE A 49 ? 1_555 . . . . . . . MET 1 MSE Selenomethionine 'Named protein modification' 
2 MSE A 56 ? . . . . MSE A 56 ? 1_555 . . . . . . . MET 1 MSE Selenomethionine 'Named protein modification' 
3 MSE B 49 ? . . . . MSE B 49 ? 1_555 . . . . . . . MET 1 MSE Selenomethionine 'Named protein modification' 
4 MSE B 56 ? . . . . MSE B 56 ? 1_555 . . . . . . . MET 1 MSE Selenomethionine 'Named protein modification' 
# 
_struct_sheet.id               A 
_struct_sheet.type             ? 
_struct_sheet.number_strands   8 
_struct_sheet.details          ? 
# 
loop_
_struct_sheet_order.sheet_id 
_struct_sheet_order.range_id_1 
_struct_sheet_order.range_id_2 
_struct_sheet_order.offset 
_struct_sheet_order.sense 
A 1 2 ? anti-parallel 
A 2 3 ? anti-parallel 
A 3 4 ? anti-parallel 
A 4 5 ? anti-parallel 
A 5 6 ? anti-parallel 
A 6 7 ? anti-parallel 
A 7 8 ? anti-parallel 
# 
loop_
_struct_sheet_range.sheet_id 
_struct_sheet_range.id 
_struct_sheet_range.beg_label_comp_id 
_struct_sheet_range.beg_label_asym_id 
_struct_sheet_range.beg_label_seq_id 
_struct_sheet_range.pdbx_beg_PDB_ins_code 
_struct_sheet_range.end_label_comp_id 
_struct_sheet_range.end_label_asym_id 
_struct_sheet_range.end_label_seq_id 
_struct_sheet_range.pdbx_end_PDB_ins_code 
_struct_sheet_range.beg_auth_comp_id 
_struct_sheet_range.beg_auth_asym_id 
_struct_sheet_range.beg_auth_seq_id 
_struct_sheet_range.end_auth_comp_id 
_struct_sheet_range.end_auth_asym_id 
_struct_sheet_range.end_auth_seq_id 
A 1 ASP A 29 ? TRP A 30 ? ASP A 29 TRP A 30 
A 2 VAL A 41 ? ILE A 45 ? VAL A 41 ILE A 45 
A 3 THR A 2  ? ILE A 6  ? THR A 2  ILE A 6  
A 4 PHE A 64 ? GLY A 72 ? PHE A 64 GLY A 72 
A 5 PHE B 64 ? GLU B 69 ? PHE B 64 GLU B 69 
A 6 THR B 2  ? ILE B 6  ? THR B 2  ILE B 6  
A 7 VAL B 41 ? ILE B 45 ? VAL B 41 ILE B 45 
A 8 ASP B 29 ? TRP B 30 ? ASP B 29 TRP B 30 
# 
loop_
_pdbx_struct_sheet_hbond.sheet_id 
_pdbx_struct_sheet_hbond.range_id_1 
_pdbx_struct_sheet_hbond.range_id_2 
_pdbx_struct_sheet_hbond.range_1_label_atom_id 
_pdbx_struct_sheet_hbond.range_1_label_comp_id 
_pdbx_struct_sheet_hbond.range_1_label_asym_id 
_pdbx_struct_sheet_hbond.range_1_label_seq_id 
_pdbx_struct_sheet_hbond.range_1_PDB_ins_code 
_pdbx_struct_sheet_hbond.range_1_auth_atom_id 
_pdbx_struct_sheet_hbond.range_1_auth_comp_id 
_pdbx_struct_sheet_hbond.range_1_auth_asym_id 
_pdbx_struct_sheet_hbond.range_1_auth_seq_id 
_pdbx_struct_sheet_hbond.range_2_label_atom_id 
_pdbx_struct_sheet_hbond.range_2_label_comp_id 
_pdbx_struct_sheet_hbond.range_2_label_asym_id 
_pdbx_struct_sheet_hbond.range_2_label_seq_id 
_pdbx_struct_sheet_hbond.range_2_PDB_ins_code 
_pdbx_struct_sheet_hbond.range_2_auth_atom_id 
_pdbx_struct_sheet_hbond.range_2_auth_comp_id 
_pdbx_struct_sheet_hbond.range_2_auth_asym_id 
_pdbx_struct_sheet_hbond.range_2_auth_seq_id 
A 1 2 N ASP A 29 ? N ASP A 29 O LEU A 44 ? O LEU A 44 
A 2 3 O VAL A 41 ? O VAL A 41 N ILE A 6  ? N ILE A 6  
A 3 4 N ILE A 3  ? N ILE A 3  O TYR A 67 ? O TYR A 67 
A 4 5 N GLY A 71 ? N GLY A 71 O VAL B 66 ? O VAL B 66 
A 5 6 O TYR B 67 ? O TYR B 67 N ILE B 3  ? N ILE B 3  
A 6 7 N ILE B 6  ? N ILE B 6  O VAL B 41 ? O VAL B 41 
A 7 8 O LEU B 44 ? O LEU B 44 N ASP B 29 ? N ASP B 29 
# 
_pdbx_entry_details.entry_id                   1VJQ 
_pdbx_entry_details.compound_details           ? 
_pdbx_entry_details.source_details             ? 
_pdbx_entry_details.nonpolymer_details         ? 
_pdbx_entry_details.sequence_details           ? 
_pdbx_entry_details.has_ligand_of_interest     ? 
_pdbx_entry_details.has_protein_modification   Y 
# 
loop_
_pdbx_validate_torsion.id 
_pdbx_validate_torsion.PDB_model_num 
_pdbx_validate_torsion.auth_comp_id 
_pdbx_validate_torsion.auth_asym_id 
_pdbx_validate_torsion.auth_seq_id 
_pdbx_validate_torsion.PDB_ins_code 
_pdbx_validate_torsion.label_alt_id 
_pdbx_validate_torsion.phi 
_pdbx_validate_torsion.psi 
1 1 ASN A 27 ? ? 67.16   -3.10  
2 1 THR A 35 ? ? -128.95 -76.03 
3 1 THR B 35 ? ? -126.75 -72.18 
# 
_pdbx_SG_project.id                    1 
_pdbx_SG_project.project_name          'PSI, Protein Structure Initiative' 
_pdbx_SG_project.full_name_of_center   'Structural Genomics of Pathogenic Protozoa Consortium' 
_pdbx_SG_project.initial_of_center     SGPP 
# 
loop_
_pdbx_struct_mod_residue.id 
_pdbx_struct_mod_residue.label_asym_id 
_pdbx_struct_mod_residue.label_comp_id 
_pdbx_struct_mod_residue.label_seq_id 
_pdbx_struct_mod_residue.auth_asym_id 
_pdbx_struct_mod_residue.auth_comp_id 
_pdbx_struct_mod_residue.auth_seq_id 
_pdbx_struct_mod_residue.PDB_ins_code 
_pdbx_struct_mod_residue.parent_comp_id 
_pdbx_struct_mod_residue.details 
1 A MSE 49 A MSE 49 ? MET SELENOMETHIONINE 
2 A MSE 56 A MSE 56 ? MET SELENOMETHIONINE 
3 B MSE 49 B MSE 49 ? MET SELENOMETHIONINE 
4 B MSE 56 B MSE 56 ? MET SELENOMETHIONINE 
# 
loop_
_pdbx_refine_tls.id 
_pdbx_refine_tls.details 
_pdbx_refine_tls.method 
_pdbx_refine_tls.origin_x 
_pdbx_refine_tls.origin_y 
_pdbx_refine_tls.origin_z 
_pdbx_refine_tls.T[1][1] 
_pdbx_refine_tls.T[2][2] 
_pdbx_refine_tls.T[3][3] 
_pdbx_refine_tls.T[1][2] 
_pdbx_refine_tls.T[1][3] 
_pdbx_refine_tls.T[2][3] 
_pdbx_refine_tls.L[1][1] 
_pdbx_refine_tls.L[2][2] 
_pdbx_refine_tls.L[3][3] 
_pdbx_refine_tls.L[1][2] 
_pdbx_refine_tls.L[1][3] 
_pdbx_refine_tls.L[2][3] 
_pdbx_refine_tls.S[1][1] 
_pdbx_refine_tls.S[2][2] 
_pdbx_refine_tls.S[3][3] 
_pdbx_refine_tls.S[1][2] 
_pdbx_refine_tls.S[1][3] 
_pdbx_refine_tls.S[2][3] 
_pdbx_refine_tls.S[2][1] 
_pdbx_refine_tls.S[3][1] 
_pdbx_refine_tls.S[3][2] 
_pdbx_refine_tls.pdbx_refine_id 
1 . refined -1.4574 -0.5086 -10.0361 -0.0523 -0.0673 -0.0271 0.0203  0.0203  0.0046 0.6441 3.0174 3.4225 1.2167  1.3167 1.7622  -0.0405 -0.0118 0.0523  0.0380  -0.0448 -0.1113 -0.0012 0.0965  0.0018  'X-RAY DIFFRACTION' 
2 . refined 1.5854  0.5256  9.9638   -0.0722 -0.0269 -0.0319 -0.0102 -0.0160 0.0013 1.3690 2.0106 1.8747 -0.2450 0.0868 -0.8365 -0.0050 0.0236  -0.0186 -0.0545 0.0140  0.0081  0.0337  -0.0779 -0.0156 'X-RAY DIFFRACTION' 
# 
loop_
_pdbx_refine_tls_group.id 
_pdbx_refine_tls_group.refine_tls_id 
_pdbx_refine_tls_group.beg_label_asym_id 
_pdbx_refine_tls_group.beg_label_seq_id 
_pdbx_refine_tls_group.end_label_asym_id 
_pdbx_refine_tls_group.end_label_seq_id 
_pdbx_refine_tls_group.selection 
_pdbx_refine_tls_group.beg_auth_asym_id 
_pdbx_refine_tls_group.beg_auth_seq_id 
_pdbx_refine_tls_group.end_auth_asym_id 
_pdbx_refine_tls_group.end_auth_seq_id 
_pdbx_refine_tls_group.pdbx_refine_id 
_pdbx_refine_tls_group.selection_details 
1 1 A 1 A 73 ALL A 1 A 73 'X-RAY DIFFRACTION' ? 
2 2 B 1 B 73 ALL B 1 B 73 'X-RAY DIFFRACTION' ? 
# 
loop_
_pdbx_phasing_MAD_set_site.id 
_pdbx_phasing_MAD_set_site.atom_type_symbol 
_pdbx_phasing_MAD_set_site.Cartn_x 
_pdbx_phasing_MAD_set_site.Cartn_y 
_pdbx_phasing_MAD_set_site.Cartn_z 
_pdbx_phasing_MAD_set_site.occupancy 
_pdbx_phasing_MAD_set_site.b_iso 
1 SE -2.948 10.849 18.510 0.55 32.4 
2 SE -4.670 9.100  15.460 0.54 36.6 
3 SE 7.363  10.622 22.330 0.71 60.0 
4 SE 2.325  2.289  19.934 0.51 52.1 
# 
loop_
_pdbx_phasing_MAD_shell.d_res_low 
_pdbx_phasing_MAD_shell.d_res_high 
_pdbx_phasing_MAD_shell.reflns 
_pdbx_phasing_MAD_shell.fom 
50.000 8.33 391  0.78 
8.33   5.24 642  0.79 
5.24   4.09 806  0.74 
4.09   3.47 930  0.66 
3.47   3.06 1049 0.53 
3.06   2.77 1146 0.36 
2.77   2.55 1174 0.25 
2.55   2.37 931  0.12 
# 
_pdbx_phasing_dm.entry_id          1VJQ 
_pdbx_phasing_dm.fom_acentric      0.70 
_pdbx_phasing_dm.fom_centric       0.68 
_pdbx_phasing_dm.fom               0.69 
_pdbx_phasing_dm.reflns_acentric   5858 
_pdbx_phasing_dm.reflns_centric    1212 
_pdbx_phasing_dm.reflns            7070 
# 
loop_
_pdbx_phasing_dm_shell.d_res_low 
_pdbx_phasing_dm_shell.d_res_high 
_pdbx_phasing_dm_shell.fom_acentric 
_pdbx_phasing_dm_shell.fom_centric 
_pdbx_phasing_dm_shell.fom 
_pdbx_phasing_dm_shell.reflns_acentric 
_pdbx_phasing_dm_shell.reflns_centric 
_pdbx_phasing_dm_shell.reflns 
44.853 6.6 0.96 0.88 0.96 217  153 370  
6.6    4.1 0.94 0.86 0.92 788  247 1035 
4.1    3.3 0.89 0.78 0.87 1033 240 1273 
3.3    2.9 0.77 0.70 0.76 1074 199 1273 
2.9    2.5 0.56 0.45 0.54 1866 281 2147 
2.5    2.3 0.40 0.34 0.39 880  92  972  
# 
_phasing.method   MAD 
# 
_phasing_MAD.entry_id          1VJQ 
_phasing_MAD.pdbx_d_res_high   2.300 
_phasing_MAD.pdbx_d_res_low    50.000 
_phasing_MAD.pdbx_reflns       7069 
_phasing_MAD.pdbx_fom          0.48 
# 
_phasing_MAD_clust.id           1 
_phasing_MAD_clust.expt_id      1 
_phasing_MAD_clust.number_set   ? 
# 
_phasing_MAD_expt.id         1 
_phasing_MAD_expt.mean_fom   ? 
# 
loop_
_phasing_MAD_set.set_id 
_phasing_MAD_set.wavelength 
_phasing_MAD_set.pdbx_f_prime_refined 
_phasing_MAD_set.pdbx_f_double_prime_refined 
_phasing_MAD_set.expt_id 
_phasing_MAD_set.clust_id 
1 0.9795 -7.10  8.20 1 1 
2 0.9797 -12.40 3.00 1 1 
3 0.9787 -5.20  5.20 1 1 
# 
loop_
_phasing_set.id 
_phasing_set.pdbx_d_res_high 
_phasing_set.pdbx_d_res_low 
1 . . 
2 . . 
3 . . 
# 
_pdbx_database_remark.id     999 
_pdbx_database_remark.text   
;SEQUENCE
DESIGNED PROTEIN BASED ON PROCARBOXYPEPTIDASE-A BACKBONE
(1AYE) WITH SIDECHAINS CHOSEN FOR MAXIMAL PREDICTED 
STABILITY. DESIGNED SEQUENCE TERMINATES AT GLU 70. 
RESIDUES 71-79 REMAIN AFTER CLEAVAGE FROM ORIGINAL 
FUSION PROTEIN.
;
# 
loop_
_pdbx_unobs_or_zero_occ_residues.id 
_pdbx_unobs_or_zero_occ_residues.PDB_model_num 
_pdbx_unobs_or_zero_occ_residues.polymer_flag 
_pdbx_unobs_or_zero_occ_residues.occupancy_flag 
_pdbx_unobs_or_zero_occ_residues.auth_asym_id 
_pdbx_unobs_or_zero_occ_residues.auth_comp_id 
_pdbx_unobs_or_zero_occ_residues.auth_seq_id 
_pdbx_unobs_or_zero_occ_residues.PDB_ins_code 
_pdbx_unobs_or_zero_occ_residues.label_asym_id 
_pdbx_unobs_or_zero_occ_residues.label_comp_id 
_pdbx_unobs_or_zero_occ_residues.label_seq_id 
1  1 Y 1 A GLU 74 ? A GLU 74 
2  1 Y 1 A ASN 75 ? A ASN 75 
3  1 Y 1 A LYS 76 ? A LYS 76 
4  1 Y 1 A TYR 77 ? A TYR 77 
5  1 Y 1 A PHE 78 ? A PHE 78 
6  1 Y 1 A GLN 79 ? A GLN 79 
7  1 Y 1 B GLU 74 ? B GLU 74 
8  1 Y 1 B ASN 75 ? B ASN 75 
9  1 Y 1 B LYS 76 ? B LYS 76 
10 1 Y 1 B TYR 77 ? B TYR 77 
11 1 Y 1 B PHE 78 ? B PHE 78 
12 1 Y 1 B GLN 79 ? B GLN 79 
# 
loop_
_chem_comp_atom.comp_id 
_chem_comp_atom.atom_id 
_chem_comp_atom.type_symbol 
_chem_comp_atom.pdbx_aromatic_flag 
_chem_comp_atom.pdbx_stereo_config 
_chem_comp_atom.pdbx_ordinal 
ALA N    N  N N 1   
ALA CA   C  N S 2   
ALA C    C  N N 3   
ALA O    O  N N 4   
ALA CB   C  N N 5   
ALA OXT  O  N N 6   
ALA H    H  N N 7   
ALA H2   H  N N 8   
ALA HA   H  N N 9   
ALA HB1  H  N N 10  
ALA HB2  H  N N 11  
ALA HB3  H  N N 12  
ALA HXT  H  N N 13  
ASN N    N  N N 14  
ASN CA   C  N S 15  
ASN C    C  N N 16  
ASN O    O  N N 17  
ASN CB   C  N N 18  
ASN CG   C  N N 19  
ASN OD1  O  N N 20  
ASN ND2  N  N N 21  
ASN OXT  O  N N 22  
ASN H    H  N N 23  
ASN H2   H  N N 24  
ASN HA   H  N N 25  
ASN HB2  H  N N 26  
ASN HB3  H  N N 27  
ASN HD21 H  N N 28  
ASN HD22 H  N N 29  
ASN HXT  H  N N 30  
ASP N    N  N N 31  
ASP CA   C  N S 32  
ASP C    C  N N 33  
ASP O    O  N N 34  
ASP CB   C  N N 35  
ASP CG   C  N N 36  
ASP OD1  O  N N 37  
ASP OD2  O  N N 38  
ASP OXT  O  N N 39  
ASP H    H  N N 40  
ASP H2   H  N N 41  
ASP HA   H  N N 42  
ASP HB2  H  N N 43  
ASP HB3  H  N N 44  
ASP HD2  H  N N 45  
ASP HXT  H  N N 46  
GLN N    N  N N 47  
GLN CA   C  N S 48  
GLN C    C  N N 49  
GLN O    O  N N 50  
GLN CB   C  N N 51  
GLN CG   C  N N 52  
GLN CD   C  N N 53  
GLN OE1  O  N N 54  
GLN NE2  N  N N 55  
GLN OXT  O  N N 56  
GLN H    H  N N 57  
GLN H2   H  N N 58  
GLN HA   H  N N 59  
GLN HB2  H  N N 60  
GLN HB3  H  N N 61  
GLN HG2  H  N N 62  
GLN HG3  H  N N 63  
GLN HE21 H  N N 64  
GLN HE22 H  N N 65  
GLN HXT  H  N N 66  
GLU N    N  N N 67  
GLU CA   C  N S 68  
GLU C    C  N N 69  
GLU O    O  N N 70  
GLU CB   C  N N 71  
GLU CG   C  N N 72  
GLU CD   C  N N 73  
GLU OE1  O  N N 74  
GLU OE2  O  N N 75  
GLU OXT  O  N N 76  
GLU H    H  N N 77  
GLU H2   H  N N 78  
GLU HA   H  N N 79  
GLU HB2  H  N N 80  
GLU HB3  H  N N 81  
GLU HG2  H  N N 82  
GLU HG3  H  N N 83  
GLU HE2  H  N N 84  
GLU HXT  H  N N 85  
GLY N    N  N N 86  
GLY CA   C  N N 87  
GLY C    C  N N 88  
GLY O    O  N N 89  
GLY OXT  O  N N 90  
GLY H    H  N N 91  
GLY H2   H  N N 92  
GLY HA2  H  N N 93  
GLY HA3  H  N N 94  
GLY HXT  H  N N 95  
HOH O    O  N N 96  
HOH H1   H  N N 97  
HOH H2   H  N N 98  
ILE N    N  N N 99  
ILE CA   C  N S 100 
ILE C    C  N N 101 
ILE O    O  N N 102 
ILE CB   C  N S 103 
ILE CG1  C  N N 104 
ILE CG2  C  N N 105 
ILE CD1  C  N N 106 
ILE OXT  O  N N 107 
ILE H    H  N N 108 
ILE H2   H  N N 109 
ILE HA   H  N N 110 
ILE HB   H  N N 111 
ILE HG12 H  N N 112 
ILE HG13 H  N N 113 
ILE HG21 H  N N 114 
ILE HG22 H  N N 115 
ILE HG23 H  N N 116 
ILE HD11 H  N N 117 
ILE HD12 H  N N 118 
ILE HD13 H  N N 119 
ILE HXT  H  N N 120 
LEU N    N  N N 121 
LEU CA   C  N S 122 
LEU C    C  N N 123 
LEU O    O  N N 124 
LEU CB   C  N N 125 
LEU CG   C  N N 126 
LEU CD1  C  N N 127 
LEU CD2  C  N N 128 
LEU OXT  O  N N 129 
LEU H    H  N N 130 
LEU H2   H  N N 131 
LEU HA   H  N N 132 
LEU HB2  H  N N 133 
LEU HB3  H  N N 134 
LEU HG   H  N N 135 
LEU HD11 H  N N 136 
LEU HD12 H  N N 137 
LEU HD13 H  N N 138 
LEU HD21 H  N N 139 
LEU HD22 H  N N 140 
LEU HD23 H  N N 141 
LEU HXT  H  N N 142 
LYS N    N  N N 143 
LYS CA   C  N S 144 
LYS C    C  N N 145 
LYS O    O  N N 146 
LYS CB   C  N N 147 
LYS CG   C  N N 148 
LYS CD   C  N N 149 
LYS CE   C  N N 150 
LYS NZ   N  N N 151 
LYS OXT  O  N N 152 
LYS H    H  N N 153 
LYS H2   H  N N 154 
LYS HA   H  N N 155 
LYS HB2  H  N N 156 
LYS HB3  H  N N 157 
LYS HG2  H  N N 158 
LYS HG3  H  N N 159 
LYS HD2  H  N N 160 
LYS HD3  H  N N 161 
LYS HE2  H  N N 162 
LYS HE3  H  N N 163 
LYS HZ1  H  N N 164 
LYS HZ2  H  N N 165 
LYS HZ3  H  N N 166 
LYS HXT  H  N N 167 
MSE N    N  N N 168 
MSE CA   C  N S 169 
MSE C    C  N N 170 
MSE O    O  N N 171 
MSE OXT  O  N N 172 
MSE CB   C  N N 173 
MSE CG   C  N N 174 
MSE SE   SE N N 175 
MSE CE   C  N N 176 
MSE H    H  N N 177 
MSE H2   H  N N 178 
MSE HA   H  N N 179 
MSE HXT  H  N N 180 
MSE HB2  H  N N 181 
MSE HB3  H  N N 182 
MSE HG2  H  N N 183 
MSE HG3  H  N N 184 
MSE HE1  H  N N 185 
MSE HE2  H  N N 186 
MSE HE3  H  N N 187 
PHE N    N  N N 188 
PHE CA   C  N S 189 
PHE C    C  N N 190 
PHE O    O  N N 191 
PHE CB   C  N N 192 
PHE CG   C  Y N 193 
PHE CD1  C  Y N 194 
PHE CD2  C  Y N 195 
PHE CE1  C  Y N 196 
PHE CE2  C  Y N 197 
PHE CZ   C  Y N 198 
PHE OXT  O  N N 199 
PHE H    H  N N 200 
PHE H2   H  N N 201 
PHE HA   H  N N 202 
PHE HB2  H  N N 203 
PHE HB3  H  N N 204 
PHE HD1  H  N N 205 
PHE HD2  H  N N 206 
PHE HE1  H  N N 207 
PHE HE2  H  N N 208 
PHE HZ   H  N N 209 
PHE HXT  H  N N 210 
PRO N    N  N N 211 
PRO CA   C  N S 212 
PRO C    C  N N 213 
PRO O    O  N N 214 
PRO CB   C  N N 215 
PRO CG   C  N N 216 
PRO CD   C  N N 217 
PRO OXT  O  N N 218 
PRO H    H  N N 219 
PRO HA   H  N N 220 
PRO HB2  H  N N 221 
PRO HB3  H  N N 222 
PRO HG2  H  N N 223 
PRO HG3  H  N N 224 
PRO HD2  H  N N 225 
PRO HD3  H  N N 226 
PRO HXT  H  N N 227 
SER N    N  N N 228 
SER CA   C  N S 229 
SER C    C  N N 230 
SER O    O  N N 231 
SER CB   C  N N 232 
SER OG   O  N N 233 
SER OXT  O  N N 234 
SER H    H  N N 235 
SER H2   H  N N 236 
SER HA   H  N N 237 
SER HB2  H  N N 238 
SER HB3  H  N N 239 
SER HG   H  N N 240 
SER HXT  H  N N 241 
THR N    N  N N 242 
THR CA   C  N S 243 
THR C    C  N N 244 
THR O    O  N N 245 
THR CB   C  N R 246 
THR OG1  O  N N 247 
THR CG2  C  N N 248 
THR OXT  O  N N 249 
THR H    H  N N 250 
THR H2   H  N N 251 
THR HA   H  N N 252 
THR HB   H  N N 253 
THR HG1  H  N N 254 
THR HG21 H  N N 255 
THR HG22 H  N N 256 
THR HG23 H  N N 257 
THR HXT  H  N N 258 
TRP N    N  N N 259 
TRP CA   C  N S 260 
TRP C    C  N N 261 
TRP O    O  N N 262 
TRP CB   C  N N 263 
TRP CG   C  Y N 264 
TRP CD1  C  Y N 265 
TRP CD2  C  Y N 266 
TRP NE1  N  Y N 267 
TRP CE2  C  Y N 268 
TRP CE3  C  Y N 269 
TRP CZ2  C  Y N 270 
TRP CZ3  C  Y N 271 
TRP CH2  C  Y N 272 
TRP OXT  O  N N 273 
TRP H    H  N N 274 
TRP H2   H  N N 275 
TRP HA   H  N N 276 
TRP HB2  H  N N 277 
TRP HB3  H  N N 278 
TRP HD1  H  N N 279 
TRP HE1  H  N N 280 
TRP HE3  H  N N 281 
TRP HZ2  H  N N 282 
TRP HZ3  H  N N 283 
TRP HH2  H  N N 284 
TRP HXT  H  N N 285 
TYR N    N  N N 286 
TYR CA   C  N S 287 
TYR C    C  N N 288 
TYR O    O  N N 289 
TYR CB   C  N N 290 
TYR CG   C  Y N 291 
TYR CD1  C  Y N 292 
TYR CD2  C  Y N 293 
TYR CE1  C  Y N 294 
TYR CE2  C  Y N 295 
TYR CZ   C  Y N 296 
TYR OH   O  N N 297 
TYR OXT  O  N N 298 
TYR H    H  N N 299 
TYR H2   H  N N 300 
TYR HA   H  N N 301 
TYR HB2  H  N N 302 
TYR HB3  H  N N 303 
TYR HD1  H  N N 304 
TYR HD2  H  N N 305 
TYR HE1  H  N N 306 
TYR HE2  H  N N 307 
TYR HH   H  N N 308 
TYR HXT  H  N N 309 
VAL N    N  N N 310 
VAL CA   C  N S 311 
VAL C    C  N N 312 
VAL O    O  N N 313 
VAL CB   C  N N 314 
VAL CG1  C  N N 315 
VAL CG2  C  N N 316 
VAL OXT  O  N N 317 
VAL H    H  N N 318 
VAL H2   H  N N 319 
VAL HA   H  N N 320 
VAL HB   H  N N 321 
VAL HG11 H  N N 322 
VAL HG12 H  N N 323 
VAL HG13 H  N N 324 
VAL HG21 H  N N 325 
VAL HG22 H  N N 326 
VAL HG23 H  N N 327 
VAL HXT  H  N N 328 
# 
loop_
_chem_comp_bond.comp_id 
_chem_comp_bond.atom_id_1 
_chem_comp_bond.atom_id_2 
_chem_comp_bond.value_order 
_chem_comp_bond.pdbx_aromatic_flag 
_chem_comp_bond.pdbx_stereo_config 
_chem_comp_bond.pdbx_ordinal 
ALA N   CA   sing N N 1   
ALA N   H    sing N N 2   
ALA N   H2   sing N N 3   
ALA CA  C    sing N N 4   
ALA CA  CB   sing N N 5   
ALA CA  HA   sing N N 6   
ALA C   O    doub N N 7   
ALA C   OXT  sing N N 8   
ALA CB  HB1  sing N N 9   
ALA CB  HB2  sing N N 10  
ALA CB  HB3  sing N N 11  
ALA OXT HXT  sing N N 12  
ASN N   CA   sing N N 13  
ASN N   H    sing N N 14  
ASN N   H2   sing N N 15  
ASN CA  C    sing N N 16  
ASN CA  CB   sing N N 17  
ASN CA  HA   sing N N 18  
ASN C   O    doub N N 19  
ASN C   OXT  sing N N 20  
ASN CB  CG   sing N N 21  
ASN CB  HB2  sing N N 22  
ASN CB  HB3  sing N N 23  
ASN CG  OD1  doub N N 24  
ASN CG  ND2  sing N N 25  
ASN ND2 HD21 sing N N 26  
ASN ND2 HD22 sing N N 27  
ASN OXT HXT  sing N N 28  
ASP N   CA   sing N N 29  
ASP N   H    sing N N 30  
ASP N   H2   sing N N 31  
ASP CA  C    sing N N 32  
ASP CA  CB   sing N N 33  
ASP CA  HA   sing N N 34  
ASP C   O    doub N N 35  
ASP C   OXT  sing N N 36  
ASP CB  CG   sing N N 37  
ASP CB  HB2  sing N N 38  
ASP CB  HB3  sing N N 39  
ASP CG  OD1  doub N N 40  
ASP CG  OD2  sing N N 41  
ASP OD2 HD2  sing N N 42  
ASP OXT HXT  sing N N 43  
GLN N   CA   sing N N 44  
GLN N   H    sing N N 45  
GLN N   H2   sing N N 46  
GLN CA  C    sing N N 47  
GLN CA  CB   sing N N 48  
GLN CA  HA   sing N N 49  
GLN C   O    doub N N 50  
GLN C   OXT  sing N N 51  
GLN CB  CG   sing N N 52  
GLN CB  HB2  sing N N 53  
GLN CB  HB3  sing N N 54  
GLN CG  CD   sing N N 55  
GLN CG  HG2  sing N N 56  
GLN CG  HG3  sing N N 57  
GLN CD  OE1  doub N N 58  
GLN CD  NE2  sing N N 59  
GLN NE2 HE21 sing N N 60  
GLN NE2 HE22 sing N N 61  
GLN OXT HXT  sing N N 62  
GLU N   CA   sing N N 63  
GLU N   H    sing N N 64  
GLU N   H2   sing N N 65  
GLU CA  C    sing N N 66  
GLU CA  CB   sing N N 67  
GLU CA  HA   sing N N 68  
GLU C   O    doub N N 69  
GLU C   OXT  sing N N 70  
GLU CB  CG   sing N N 71  
GLU CB  HB2  sing N N 72  
GLU CB  HB3  sing N N 73  
GLU CG  CD   sing N N 74  
GLU CG  HG2  sing N N 75  
GLU CG  HG3  sing N N 76  
GLU CD  OE1  doub N N 77  
GLU CD  OE2  sing N N 78  
GLU OE2 HE2  sing N N 79  
GLU OXT HXT  sing N N 80  
GLY N   CA   sing N N 81  
GLY N   H    sing N N 82  
GLY N   H2   sing N N 83  
GLY CA  C    sing N N 84  
GLY CA  HA2  sing N N 85  
GLY CA  HA3  sing N N 86  
GLY C   O    doub N N 87  
GLY C   OXT  sing N N 88  
GLY OXT HXT  sing N N 89  
HOH O   H1   sing N N 90  
HOH O   H2   sing N N 91  
ILE N   CA   sing N N 92  
ILE N   H    sing N N 93  
ILE N   H2   sing N N 94  
ILE CA  C    sing N N 95  
ILE CA  CB   sing N N 96  
ILE CA  HA   sing N N 97  
ILE C   O    doub N N 98  
ILE C   OXT  sing N N 99  
ILE CB  CG1  sing N N 100 
ILE CB  CG2  sing N N 101 
ILE CB  HB   sing N N 102 
ILE CG1 CD1  sing N N 103 
ILE CG1 HG12 sing N N 104 
ILE CG1 HG13 sing N N 105 
ILE CG2 HG21 sing N N 106 
ILE CG2 HG22 sing N N 107 
ILE CG2 HG23 sing N N 108 
ILE CD1 HD11 sing N N 109 
ILE CD1 HD12 sing N N 110 
ILE CD1 HD13 sing N N 111 
ILE OXT HXT  sing N N 112 
LEU N   CA   sing N N 113 
LEU N   H    sing N N 114 
LEU N   H2   sing N N 115 
LEU CA  C    sing N N 116 
LEU CA  CB   sing N N 117 
LEU CA  HA   sing N N 118 
LEU C   O    doub N N 119 
LEU C   OXT  sing N N 120 
LEU CB  CG   sing N N 121 
LEU CB  HB2  sing N N 122 
LEU CB  HB3  sing N N 123 
LEU CG  CD1  sing N N 124 
LEU CG  CD2  sing N N 125 
LEU CG  HG   sing N N 126 
LEU CD1 HD11 sing N N 127 
LEU CD1 HD12 sing N N 128 
LEU CD1 HD13 sing N N 129 
LEU CD2 HD21 sing N N 130 
LEU CD2 HD22 sing N N 131 
LEU CD2 HD23 sing N N 132 
LEU OXT HXT  sing N N 133 
LYS N   CA   sing N N 134 
LYS N   H    sing N N 135 
LYS N   H2   sing N N 136 
LYS CA  C    sing N N 137 
LYS CA  CB   sing N N 138 
LYS CA  HA   sing N N 139 
LYS C   O    doub N N 140 
LYS C   OXT  sing N N 141 
LYS CB  CG   sing N N 142 
LYS CB  HB2  sing N N 143 
LYS CB  HB3  sing N N 144 
LYS CG  CD   sing N N 145 
LYS CG  HG2  sing N N 146 
LYS CG  HG3  sing N N 147 
LYS CD  CE   sing N N 148 
LYS CD  HD2  sing N N 149 
LYS CD  HD3  sing N N 150 
LYS CE  NZ   sing N N 151 
LYS CE  HE2  sing N N 152 
LYS CE  HE3  sing N N 153 
LYS NZ  HZ1  sing N N 154 
LYS NZ  HZ2  sing N N 155 
LYS NZ  HZ3  sing N N 156 
LYS OXT HXT  sing N N 157 
MSE N   CA   sing N N 158 
MSE N   H    sing N N 159 
MSE N   H2   sing N N 160 
MSE CA  C    sing N N 161 
MSE CA  CB   sing N N 162 
MSE CA  HA   sing N N 163 
MSE C   O    doub N N 164 
MSE C   OXT  sing N N 165 
MSE OXT HXT  sing N N 166 
MSE CB  CG   sing N N 167 
MSE CB  HB2  sing N N 168 
MSE CB  HB3  sing N N 169 
MSE CG  SE   sing N N 170 
MSE CG  HG2  sing N N 171 
MSE CG  HG3  sing N N 172 
MSE SE  CE   sing N N 173 
MSE CE  HE1  sing N N 174 
MSE CE  HE2  sing N N 175 
MSE CE  HE3  sing N N 176 
PHE N   CA   sing N N 177 
PHE N   H    sing N N 178 
PHE N   H2   sing N N 179 
PHE CA  C    sing N N 180 
PHE CA  CB   sing N N 181 
PHE CA  HA   sing N N 182 
PHE C   O    doub N N 183 
PHE C   OXT  sing N N 184 
PHE CB  CG   sing N N 185 
PHE CB  HB2  sing N N 186 
PHE CB  HB3  sing N N 187 
PHE CG  CD1  doub Y N 188 
PHE CG  CD2  sing Y N 189 
PHE CD1 CE1  sing Y N 190 
PHE CD1 HD1  sing N N 191 
PHE CD2 CE2  doub Y N 192 
PHE CD2 HD2  sing N N 193 
PHE CE1 CZ   doub Y N 194 
PHE CE1 HE1  sing N N 195 
PHE CE2 CZ   sing Y N 196 
PHE CE2 HE2  sing N N 197 
PHE CZ  HZ   sing N N 198 
PHE OXT HXT  sing N N 199 
PRO N   CA   sing N N 200 
PRO N   CD   sing N N 201 
PRO N   H    sing N N 202 
PRO CA  C    sing N N 203 
PRO CA  CB   sing N N 204 
PRO CA  HA   sing N N 205 
PRO C   O    doub N N 206 
PRO C   OXT  sing N N 207 
PRO CB  CG   sing N N 208 
PRO CB  HB2  sing N N 209 
PRO CB  HB3  sing N N 210 
PRO CG  CD   sing N N 211 
PRO CG  HG2  sing N N 212 
PRO CG  HG3  sing N N 213 
PRO CD  HD2  sing N N 214 
PRO CD  HD3  sing N N 215 
PRO OXT HXT  sing N N 216 
SER N   CA   sing N N 217 
SER N   H    sing N N 218 
SER N   H2   sing N N 219 
SER CA  C    sing N N 220 
SER CA  CB   sing N N 221 
SER CA  HA   sing N N 222 
SER C   O    doub N N 223 
SER C   OXT  sing N N 224 
SER CB  OG   sing N N 225 
SER CB  HB2  sing N N 226 
SER CB  HB3  sing N N 227 
SER OG  HG   sing N N 228 
SER OXT HXT  sing N N 229 
THR N   CA   sing N N 230 
THR N   H    sing N N 231 
THR N   H2   sing N N 232 
THR CA  C    sing N N 233 
THR CA  CB   sing N N 234 
THR CA  HA   sing N N 235 
THR C   O    doub N N 236 
THR C   OXT  sing N N 237 
THR CB  OG1  sing N N 238 
THR CB  CG2  sing N N 239 
THR CB  HB   sing N N 240 
THR OG1 HG1  sing N N 241 
THR CG2 HG21 sing N N 242 
THR CG2 HG22 sing N N 243 
THR CG2 HG23 sing N N 244 
THR OXT HXT  sing N N 245 
TRP N   CA   sing N N 246 
TRP N   H    sing N N 247 
TRP N   H2   sing N N 248 
TRP CA  C    sing N N 249 
TRP CA  CB   sing N N 250 
TRP CA  HA   sing N N 251 
TRP C   O    doub N N 252 
TRP C   OXT  sing N N 253 
TRP CB  CG   sing N N 254 
TRP CB  HB2  sing N N 255 
TRP CB  HB3  sing N N 256 
TRP CG  CD1  doub Y N 257 
TRP CG  CD2  sing Y N 258 
TRP CD1 NE1  sing Y N 259 
TRP CD1 HD1  sing N N 260 
TRP CD2 CE2  doub Y N 261 
TRP CD2 CE3  sing Y N 262 
TRP NE1 CE2  sing Y N 263 
TRP NE1 HE1  sing N N 264 
TRP CE2 CZ2  sing Y N 265 
TRP CE3 CZ3  doub Y N 266 
TRP CE3 HE3  sing N N 267 
TRP CZ2 CH2  doub Y N 268 
TRP CZ2 HZ2  sing N N 269 
TRP CZ3 CH2  sing Y N 270 
TRP CZ3 HZ3  sing N N 271 
TRP CH2 HH2  sing N N 272 
TRP OXT HXT  sing N N 273 
TYR N   CA   sing N N 274 
TYR N   H    sing N N 275 
TYR N   H2   sing N N 276 
TYR CA  C    sing N N 277 
TYR CA  CB   sing N N 278 
TYR CA  HA   sing N N 279 
TYR C   O    doub N N 280 
TYR C   OXT  sing N N 281 
TYR CB  CG   sing N N 282 
TYR CB  HB2  sing N N 283 
TYR CB  HB3  sing N N 284 
TYR CG  CD1  doub Y N 285 
TYR CG  CD2  sing Y N 286 
TYR CD1 CE1  sing Y N 287 
TYR CD1 HD1  sing N N 288 
TYR CD2 CE2  doub Y N 289 
TYR CD2 HD2  sing N N 290 
TYR CE1 CZ   doub Y N 291 
TYR CE1 HE1  sing N N 292 
TYR CE2 CZ   sing Y N 293 
TYR CE2 HE2  sing N N 294 
TYR CZ  OH   sing N N 295 
TYR OH  HH   sing N N 296 
TYR OXT HXT  sing N N 297 
VAL N   CA   sing N N 298 
VAL N   H    sing N N 299 
VAL N   H2   sing N N 300 
VAL CA  C    sing N N 301 
VAL CA  CB   sing N N 302 
VAL CA  HA   sing N N 303 
VAL C   O    doub N N 304 
VAL C   OXT  sing N N 305 
VAL CB  CG1  sing N N 306 
VAL CB  CG2  sing N N 307 
VAL CB  HB   sing N N 308 
VAL CG1 HG11 sing N N 309 
VAL CG1 HG12 sing N N 310 
VAL CG1 HG13 sing N N 311 
VAL CG2 HG21 sing N N 312 
VAL CG2 HG22 sing N N 313 
VAL CG2 HG23 sing N N 314 
VAL OXT HXT  sing N N 315 
# 
_atom_sites.entry_id                    1VJQ 
_atom_sites.fract_transf_matrix[1][1]   -0.01283825 
_atom_sites.fract_transf_matrix[1][2]   0.00926095 
_atom_sites.fract_transf_matrix[1][3]   -0.00378449 
_atom_sites.fract_transf_matrix[2][1]   0.00941268 
_atom_sites.fract_transf_matrix[2][2]   0.01170154 
_atom_sites.fract_transf_matrix[2][3]   -0.00329636 
_atom_sites.fract_transf_matrix[3][1]   0.00140239 
_atom_sites.fract_transf_matrix[3][2]   -0.00794543 
_atom_sites.fract_transf_matrix[3][3]   -0.02420048 
_atom_sites.fract_transf_vector[1]      0.506025 
_atom_sites.fract_transf_vector[2]      0.235355 
_atom_sites.fract_transf_vector[3]      0.620143 
# 
loop_
_atom_type.symbol 
C  
N  
O  
SE 
# 
loop_
_atom_site.group_PDB 
_atom_site.id 
_atom_site.type_symbol 
_atom_site.label_atom_id 
_atom_site.label_alt_id 
_atom_site.label_comp_id 
_atom_site.label_asym_id 
_atom_site.label_entity_id 
_atom_site.label_seq_id 
_atom_site.pdbx_PDB_ins_code 
_atom_site.Cartn_x 
_atom_site.Cartn_y 
_atom_site.Cartn_z 
_atom_site.occupancy 
_atom_site.B_iso_or_equiv 
_atom_site.pdbx_formal_charge 
_atom_site.auth_seq_id 
_atom_site.auth_comp_id 
_atom_site.auth_asym_id 
_atom_site.auth_atom_id 
_atom_site.pdbx_PDB_model_num 
ATOM   1    N  N   . LYS A 1 1  ? 9.563   0.718   -4.684  1.00 34.68 ? 1   LYS A N   1 
ATOM   2    C  CA  . LYS A 1 1  ? 10.115  2.054   -5.052  1.00 33.48 ? 1   LYS A CA  1 
ATOM   3    C  C   . LYS A 1 1  ? 9.051   3.143   -5.166  1.00 33.65 ? 1   LYS A C   1 
ATOM   4    O  O   . LYS A 1 1  ? 9.214   4.214   -4.588  1.00 34.02 ? 1   LYS A O   1 
ATOM   5    C  CB  . LYS A 1 1  ? 10.899  1.978   -6.368  1.00 35.77 ? 1   LYS A CB  1 
ATOM   6    C  CG  . LYS A 1 1  ? 12.376  1.730   -6.232  1.00 35.00 ? 1   LYS A CG  1 
ATOM   7    C  CD  . LYS A 1 1  ? 13.096  2.967   -5.670  1.00 35.46 ? 1   LYS A CD  1 
ATOM   8    C  CE  . LYS A 1 1  ? 14.359  2.583   -4.898  1.00 35.28 ? 1   LYS A CE  1 
ATOM   9    N  NZ  . LYS A 1 1  ? 14.075  1.638   -3.771  1.00 34.71 ? 1   LYS A NZ  1 
ATOM   10   N  N   . THR A 1 2  ? 7.999   2.890   -5.948  1.00 31.42 ? 2   THR A N   1 
ATOM   11   C  CA  . THR A 1 2  ? 6.859   3.809   -6.074  1.00 29.43 ? 2   THR A CA  1 
ATOM   12   C  C   . THR A 1 2  ? 5.548   3.037   -5.927  1.00 29.34 ? 2   THR A C   1 
ATOM   13   O  O   . THR A 1 2  ? 5.458   1.886   -6.373  1.00 30.23 ? 2   THR A O   1 
ATOM   14   C  CB  . THR A 1 2  ? 6.910   4.552   -7.438  1.00 28.74 ? 2   THR A CB  1 
ATOM   15   O  OG1 . THR A 1 2  ? 8.074   5.390   -7.498  1.00 27.27 ? 2   THR A OG1 1 
ATOM   16   C  CG2 . THR A 1 2  ? 5.749   5.540   -7.588  1.00 29.43 ? 2   THR A CG2 1 
ATOM   17   N  N   . ILE A 1 3  ? 4.544   3.655   -5.293  1.00 28.03 ? 3   ILE A N   1 
ATOM   18   C  CA  . ILE A 1 3  ? 3.235   3.000   -5.084  1.00 27.31 ? 3   ILE A CA  1 
ATOM   19   C  C   . ILE A 1 3  ? 2.153   3.612   -5.942  1.00 26.80 ? 3   ILE A C   1 
ATOM   20   O  O   . ILE A 1 3  ? 2.102   4.842   -6.112  1.00 27.23 ? 3   ILE A O   1 
ATOM   21   C  CB  . ILE A 1 3  ? 2.789   3.071   -3.605  1.00 28.48 ? 3   ILE A CB  1 
ATOM   22   C  CG1 . ILE A 1 3  ? 3.695   2.228   -2.731  1.00 28.90 ? 3   ILE A CG1 1 
ATOM   23   C  CG2 . ILE A 1 3  ? 1.338   2.588   -3.417  1.00 28.62 ? 3   ILE A CG2 1 
ATOM   24   C  CD1 . ILE A 1 3  ? 3.680   2.623   -1.340  1.00 29.16 ? 3   ILE A CD1 1 
ATOM   25   N  N   . PHE A 1 4  ? 1.282   2.753   -6.476  1.00 25.68 ? 4   PHE A N   1 
ATOM   26   C  CA  . PHE A 1 4  ? 0.036   3.189   -7.128  1.00 26.98 ? 4   PHE A CA  1 
ATOM   27   C  C   . PHE A 1 4  ? -1.104  2.635   -6.290  1.00 27.81 ? 4   PHE A C   1 
ATOM   28   O  O   . PHE A 1 4  ? -1.127  1.431   -5.985  1.00 26.93 ? 4   PHE A O   1 
ATOM   29   C  CB  . PHE A 1 4  ? -0.109  2.612   -8.535  1.00 27.39 ? 4   PHE A CB  1 
ATOM   30   C  CG  . PHE A 1 4  ? 0.729   3.293   -9.580  1.00 27.31 ? 4   PHE A CG  1 
ATOM   31   C  CD1 . PHE A 1 4  ? 2.085   3.043   -9.676  1.00 27.92 ? 4   PHE A CD1 1 
ATOM   32   C  CD2 . PHE A 1 4  ? 0.148   4.151   -10.492 1.00 27.74 ? 4   PHE A CD2 1 
ATOM   33   C  CE1 . PHE A 1 4  ? 2.868   3.671   -10.666 1.00 28.31 ? 4   PHE A CE1 1 
ATOM   34   C  CE2 . PHE A 1 4  ? 0.915   4.788   -11.485 1.00 28.03 ? 4   PHE A CE2 1 
ATOM   35   C  CZ  . PHE A 1 4  ? 2.282   4.537   -11.570 1.00 27.68 ? 4   PHE A CZ  1 
ATOM   36   N  N   . VAL A 1 5  ? -2.028  3.512   -5.913  1.00 26.80 ? 5   VAL A N   1 
ATOM   37   C  CA  . VAL A 1 5  ? -3.301  3.111   -5.349  1.00 25.69 ? 5   VAL A CA  1 
ATOM   38   C  C   . VAL A 1 5  ? -4.292  3.263   -6.493  1.00 26.70 ? 5   VAL A C   1 
ATOM   39   O  O   . VAL A 1 5  ? -4.620  4.399   -6.891  1.00 23.97 ? 5   VAL A O   1 
ATOM   40   C  CB  . VAL A 1 5  ? -3.711  3.979   -4.135  1.00 25.99 ? 5   VAL A CB  1 
ATOM   41   C  CG1 . VAL A 1 5  ? -5.086  3.596   -3.649  1.00 26.46 ? 5   VAL A CG1 1 
ATOM   42   C  CG2 . VAL A 1 5  ? -2.722  3.810   -2.985  1.00 27.50 ? 5   VAL A CG2 1 
ATOM   43   N  N   . ILE A 1 6  ? -4.730  2.120   -7.027  1.00 25.06 ? 6   ILE A N   1 
ATOM   44   C  CA  . ILE A 1 6  ? -5.567  2.058   -8.227  1.00 24.76 ? 6   ILE A CA  1 
ATOM   45   C  C   . ILE A 1 6  ? -6.979  1.717   -7.798  1.00 25.72 ? 6   ILE A C   1 
ATOM   46   O  O   . ILE A 1 6  ? -7.173  0.833   -6.957  1.00 26.50 ? 6   ILE A O   1 
ATOM   47   C  CB  . ILE A 1 6  ? -5.063  0.960   -9.207  1.00 24.02 ? 6   ILE A CB  1 
ATOM   48   C  CG1 . ILE A 1 6  ? -3.548  1.059   -9.425  1.00 24.60 ? 6   ILE A CG1 1 
ATOM   49   C  CG2 . ILE A 1 6  ? -5.799  1.057   -10.561 1.00 23.86 ? 6   ILE A CG2 1 
ATOM   50   C  CD1 . ILE A 1 6  ? -2.910  -0.211  -10.079 1.00 25.00 ? 6   ILE A CD1 1 
ATOM   51   N  N   . VAL A 1 7  ? -7.965  2.404   -8.367  1.00 25.72 ? 7   VAL A N   1 
ATOM   52   C  CA  . VAL A 1 7  ? -9.373  2.129   -8.024  1.00 26.74 ? 7   VAL A CA  1 
ATOM   53   C  C   . VAL A 1 7  ? -10.236 1.917   -9.267  1.00 27.08 ? 7   VAL A C   1 
ATOM   54   O  O   . VAL A 1 7  ? -10.625 2.868   -9.948  1.00 28.84 ? 7   VAL A O   1 
ATOM   55   C  CB  . VAL A 1 7  ? -9.983  3.083   -6.903  1.00 28.01 ? 7   VAL A CB  1 
ATOM   56   C  CG1 . VAL A 1 7  ? -9.024  4.213   -6.499  1.00 28.10 ? 7   VAL A CG1 1 
ATOM   57   C  CG2 . VAL A 1 7  ? -11.414 3.560   -7.225  1.00 28.27 ? 7   VAL A CG2 1 
ATOM   58   N  N   . PRO A 1 8  ? -10.490 0.643   -9.582  1.00 26.73 ? 8   PRO A N   1 
ATOM   59   C  CA  . PRO A 1 8  ? -11.339 0.296   -10.717 1.00 26.16 ? 8   PRO A CA  1 
ATOM   60   C  C   . PRO A 1 8  ? -12.782 0.699   -10.413 1.00 26.73 ? 8   PRO A C   1 
ATOM   61   O  O   . PRO A 1 8  ? -13.218 0.574   -9.276  1.00 22.97 ? 8   PRO A O   1 
ATOM   62   C  CB  . PRO A 1 8  ? -11.172 -1.223  -10.840 1.00 24.15 ? 8   PRO A CB  1 
ATOM   63   C  CG  . PRO A 1 8  ? -10.803 -1.680  -9.523  1.00 24.46 ? 8   PRO A CG  1 
ATOM   64   C  CD  . PRO A 1 8  ? -10.007 -0.567  -8.887  1.00 24.41 ? 8   PRO A CD  1 
ATOM   65   N  N   . THR A 1 9  ? -13.487 1.205   -11.427 1.00 26.44 ? 9   THR A N   1 
ATOM   66   C  CA  . THR A 1 9  ? -14.818 1.789   -11.245 1.00 25.89 ? 9   THR A CA  1 
ATOM   67   C  C   . THR A 1 9  ? -15.912 0.960   -11.890 1.00 25.67 ? 9   THR A C   1 
ATOM   68   O  O   . THR A 1 9  ? -17.076 1.291   -11.757 1.00 22.88 ? 9   THR A O   1 
ATOM   69   C  CB  . THR A 1 9  ? -14.863 3.190   -11.845 1.00 25.41 ? 9   THR A CB  1 
ATOM   70   O  OG1 . THR A 1 9  ? -14.641 3.108   -13.252 1.00 25.13 ? 9   THR A OG1 1 
ATOM   71   C  CG2 . THR A 1 9  ? -13.696 4.055   -11.335 1.00 25.69 ? 9   THR A CG2 1 
ATOM   72   N  N   . ASN A 1 10 ? -15.525 -0.097  -12.611 1.00 26.00 ? 10  ASN A N   1 
ATOM   73   C  CA  . ASN A 1 10 ? -16.473 -1.094  -13.112 1.00 26.72 ? 10  ASN A CA  1 
ATOM   74   C  C   . ASN A 1 10 ? -15.812 -2.481  -13.166 1.00 27.94 ? 10  ASN A C   1 
ATOM   75   O  O   . ASN A 1 10 ? -14.630 -2.607  -12.839 1.00 28.52 ? 10  ASN A O   1 
ATOM   76   C  CB  . ASN A 1 10 ? -17.019 -0.673  -14.465 1.00 24.76 ? 10  ASN A CB  1 
ATOM   77   C  CG  . ASN A 1 10 ? -15.937 -0.500  -15.512 1.00 24.67 ? 10  ASN A CG  1 
ATOM   78   O  OD1 . ASN A 1 10 ? -15.929 0.483   -16.234 1.00 25.57 ? 10  ASN A OD1 1 
ATOM   79   N  ND2 . ASN A 1 10 ? -15.036 -1.452  -15.603 1.00 22.38 ? 10  ASN A ND2 1 
ATOM   80   N  N   . GLU A 1 11 ? -16.564 -3.511  -13.550 1.00 27.74 ? 11  GLU A N   1 
ATOM   81   C  CA  . GLU A 1 11 ? -16.069 -4.896  -13.435 1.00 29.21 ? 11  GLU A CA  1 
ATOM   82   C  C   . GLU A 1 11 ? -15.066 -5.191  -14.528 1.00 28.82 ? 11  GLU A C   1 
ATOM   83   O  O   . GLU A 1 11 ? -14.199 -6.031  -14.374 1.00 30.87 ? 11  GLU A O   1 
ATOM   84   C  CB  . GLU A 1 11 ? -17.212 -5.931  -13.495 1.00 31.66 ? 11  GLU A CB  1 
ATOM   85   C  CG  . GLU A 1 11 ? -18.180 -5.907  -12.322 1.00 33.56 ? 11  GLU A CG  1 
ATOM   86   C  CD  . GLU A 1 11 ? -17.606 -6.372  -10.966 1.00 35.46 ? 11  GLU A CD  1 
ATOM   87   O  OE1 . GLU A 1 11 ? -16.412 -6.794  -10.858 1.00 36.37 ? 11  GLU A OE1 1 
ATOM   88   O  OE2 . GLU A 1 11 ? -18.378 -6.308  -9.967  1.00 36.45 ? 11  GLU A OE2 1 
ATOM   89   N  N   . GLU A 1 12 ? -15.187 -4.466  -15.625 1.00 28.01 ? 12  GLU A N   1 
ATOM   90   C  CA  . GLU A 1 12 ? -14.272 -4.581  -16.741 1.00 30.16 ? 12  GLU A CA  1 
ATOM   91   C  C   . GLU A 1 12 ? -12.842 -4.148  -16.337 1.00 29.30 ? 12  GLU A C   1 
ATOM   92   O  O   . GLU A 1 12 ? -11.864 -4.800  -16.681 1.00 26.22 ? 12  GLU A O   1 
ATOM   93   C  CB  . GLU A 1 12 ? -14.831 -3.786  -17.941 1.00 33.42 ? 12  GLU A CB  1 
ATOM   94   C  CG  . GLU A 1 12 ? -16.314 -4.111  -18.280 1.00 35.53 ? 12  GLU A CG  1 
ATOM   95   C  CD  . GLU A 1 12 ? -17.382 -3.255  -17.537 1.00 36.85 ? 12  GLU A CD  1 
ATOM   96   O  OE1 . GLU A 1 12 ? -17.756 -3.575  -16.382 1.00 36.42 ? 12  GLU A OE1 1 
ATOM   97   O  OE2 . GLU A 1 12 ? -17.881 -2.256  -18.123 1.00 38.30 ? 12  GLU A OE2 1 
ATOM   98   N  N   . GLN A 1 13 ? -12.732 -3.079  -15.558 1.00 28.65 ? 13  GLN A N   1 
ATOM   99   C  CA  . GLN A 1 13 ? -11.441 -2.603  -15.054 1.00 26.33 ? 13  GLN A CA  1 
ATOM   100  C  C   . GLN A 1 13 ? -10.908 -3.519  -13.933 1.00 26.31 ? 13  GLN A C   1 
ATOM   101  O  O   . GLN A 1 13 ? -9.703  -3.737  -13.813 1.00 23.84 ? 13  GLN A O   1 
ATOM   102  C  CB  . GLN A 1 13 ? -11.581 -1.164  -14.553 1.00 25.17 ? 13  GLN A CB  1 
ATOM   103  C  CG  . GLN A 1 13 ? -11.921 -0.147  -15.626 1.00 25.03 ? 13  GLN A CG  1 
ATOM   104  C  CD  . GLN A 1 13 ? -11.986 1.277   -15.081 1.00 25.98 ? 13  GLN A CD  1 
ATOM   105  O  OE1 . GLN A 1 13 ? -11.800 1.490   -13.884 1.00 27.32 ? 13  GLN A OE1 1 
ATOM   106  N  NE2 . GLN A 1 13 ? -12.242 2.250   -15.952 1.00 25.01 ? 13  GLN A NE2 1 
ATOM   107  N  N   . VAL A 1 14 ? -11.800 -4.047  -13.094 1.00 26.55 ? 14  VAL A N   1 
ATOM   108  C  CA  . VAL A 1 14 ? -11.380 -5.065  -12.122 1.00 26.15 ? 14  VAL A CA  1 
ATOM   109  C  C   . VAL A 1 14 ? -10.793 -6.295  -12.827 1.00 25.50 ? 14  VAL A C   1 
ATOM   110  O  O   . VAL A 1 14 ? -9.735  -6.798  -12.442 1.00 23.63 ? 14  VAL A O   1 
ATOM   111  C  CB  . VAL A 1 14 ? -12.530 -5.511  -11.208 1.00 26.74 ? 14  VAL A CB  1 
ATOM   112  C  CG1 . VAL A 1 14 ? -12.144 -6.783  -10.412 1.00 26.23 ? 14  VAL A CG1 1 
ATOM   113  C  CG2 . VAL A 1 14 ? -12.911 -4.381  -10.272 1.00 26.46 ? 14  VAL A CG2 1 
ATOM   114  N  N   . ALA A 1 15 ? -11.500 -6.770  -13.851 1.00 26.21 ? 15  ALA A N   1 
ATOM   115  C  CA  . ALA A 1 15 ? -11.064 -7.915  -14.636 1.00 25.95 ? 15  ALA A CA  1 
ATOM   116  C  C   . ALA A 1 15 ? -9.728  -7.649  -15.319 1.00 25.03 ? 15  ALA A C   1 
ATOM   117  O  O   . ALA A 1 15 ? -8.877  -8.498  -15.319 1.00 26.77 ? 15  ALA A O   1 
ATOM   118  C  CB  . ALA A 1 15 ? -12.140 -8.295  -15.656 1.00 26.08 ? 15  ALA A CB  1 
ATOM   119  N  N   . PHE A 1 16 ? -9.540  -6.458  -15.883 1.00 27.15 ? 16  PHE A N   1 
ATOM   120  C  CA  . PHE A 1 16 ? -8.248  -6.063  -16.484 1.00 27.03 ? 16  PHE A CA  1 
ATOM   121  C  C   . PHE A 1 16 ? -7.098  -6.151  -15.463 1.00 26.66 ? 16  PHE A C   1 
ATOM   122  O  O   . PHE A 1 16 ? -6.060  -6.750  -15.734 1.00 25.78 ? 16  PHE A O   1 
ATOM   123  C  CB  . PHE A 1 16 ? -8.326  -4.646  -17.101 1.00 25.76 ? 16  PHE A CB  1 
ATOM   124  C  CG  . PHE A 1 16 ? -6.984  -4.100  -17.536 1.00 26.19 ? 16  PHE A CG  1 
ATOM   125  C  CD1 . PHE A 1 16 ? -6.400  -4.510  -18.730 1.00 26.32 ? 16  PHE A CD1 1 
ATOM   126  C  CD2 . PHE A 1 16 ? -6.294  -3.193  -16.752 1.00 26.41 ? 16  PHE A CD2 1 
ATOM   127  C  CE1 . PHE A 1 16 ? -5.157  -4.021  -19.129 1.00 25.56 ? 16  PHE A CE1 1 
ATOM   128  C  CE2 . PHE A 1 16 ? -5.048  -2.696  -17.158 1.00 26.05 ? 16  PHE A CE2 1 
ATOM   129  C  CZ  . PHE A 1 16 ? -4.491  -3.114  -18.352 1.00 25.94 ? 16  PHE A CZ  1 
ATOM   130  N  N   . LEU A 1 17 ? -7.292  -5.565  -14.285 1.00 28.23 ? 17  LEU A N   1 
ATOM   131  C  CA  . LEU A 1 17 ? -6.273  -5.603  -13.224 1.00 26.74 ? 17  LEU A CA  1 
ATOM   132  C  C   . LEU A 1 17 ? -6.024  -7.019  -12.708 1.00 26.92 ? 17  LEU A C   1 
ATOM   133  O  O   . LEU A 1 17 ? -4.885  -7.385  -12.414 1.00 26.36 ? 17  LEU A O   1 
ATOM   134  C  CB  . LEU A 1 17 ? -6.670  -4.685  -12.058 1.00 26.96 ? 17  LEU A CB  1 
ATOM   135  C  CG  . LEU A 1 17 ? -6.797  -3.190  -12.335 1.00 26.77 ? 17  LEU A CG  1 
ATOM   136  C  CD1 . LEU A 1 17 ? -7.527  -2.495  -11.191 1.00 27.23 ? 17  LEU A CD1 1 
ATOM   137  C  CD2 . LEU A 1 17 ? -5.428  -2.599  -12.526 1.00 27.42 ? 17  LEU A CD2 1 
ATOM   138  N  N   . GLU A 1 18 ? -7.080  -7.829  -12.633 1.00 29.41 ? 18  GLU A N   1 
ATOM   139  C  CA  . GLU A 1 18 ? -6.923  -9.254  -12.290 1.00 29.44 ? 18  GLU A CA  1 
ATOM   140  C  C   . GLU A 1 18 ? -6.002  -9.982  -13.279 1.00 29.42 ? 18  GLU A C   1 
ATOM   141  O  O   . GLU A 1 18 ? -5.158  -10.775 -12.845 1.00 24.82 ? 18  GLU A O   1 
ATOM   142  C  CB  . GLU A 1 18 ? -8.288  -9.961  -12.134 1.00 32.70 ? 18  GLU A CB  1 
ATOM   143  C  CG  . GLU A 1 18 ? -8.984  -9.584  -10.819 1.00 34.59 ? 18  GLU A CG  1 
ATOM   144  C  CD  . GLU A 1 18 ? -10.404 -10.136 -10.633 1.00 35.98 ? 18  GLU A CD  1 
ATOM   145  O  OE1 . GLU A 1 18 ? -11.056 -10.563 -11.626 1.00 37.63 ? 18  GLU A OE1 1 
ATOM   146  O  OE2 . GLU A 1 18 ? -10.877 -10.129 -9.457  1.00 37.27 ? 18  GLU A OE2 1 
ATOM   147  N  N   . ALA A 1 19 ? -6.134  -9.678  -14.579 1.00 28.65 ? 19  ALA A N   1 
ATOM   148  C  CA  . ALA A 1 19 ? -5.287  -10.283 -15.630 1.00 28.76 ? 19  ALA A CA  1 
ATOM   149  C  C   . ALA A 1 19 ? -3.798  -9.960  -15.493 1.00 30.23 ? 19  ALA A C   1 
ATOM   150  O  O   . ALA A 1 19 ? -2.955  -10.837 -15.685 1.00 30.32 ? 19  ALA A O   1 
ATOM   151  C  CB  . ALA A 1 19 ? -5.770  -9.875  -17.007 1.00 27.70 ? 19  ALA A CB  1 
ATOM   152  N  N   . LEU A 1 20 ? -3.483  -8.698  -15.191 1.00 30.19 ? 20  LEU A N   1 
ATOM   153  C  CA  . LEU A 1 20 ? -2.113  -8.266  -14.870 1.00 29.36 ? 20  LEU A CA  1 
ATOM   154  C  C   . LEU A 1 20 ? -1.612  -8.964  -13.622 1.00 29.30 ? 20  LEU A C   1 
ATOM   155  O  O   . LEU A 1 20 ? -0.531  -9.544  -13.612 1.00 30.53 ? 20  LEU A O   1 
ATOM   156  C  CB  . LEU A 1 20 ? -2.055  -6.740  -14.618 1.00 27.72 ? 20  LEU A CB  1 
ATOM   157  C  CG  . LEU A 1 20 ? -2.562  -5.767  -15.678 1.00 26.92 ? 20  LEU A CG  1 
ATOM   158  C  CD1 . LEU A 1 20 ? -2.356  -4.318  -15.202 1.00 27.51 ? 20  LEU A CD1 1 
ATOM   159  C  CD2 . LEU A 1 20 ? -1.878  -5.975  -16.994 1.00 27.18 ? 20  LEU A CD2 1 
ATOM   160  N  N   . ALA A 1 21 ? -2.391  -8.901  -12.549 1.00 30.62 ? 21  ALA A N   1 
ATOM   161  C  CA  . ALA A 1 21 ? -1.933  -9.474  -11.260 1.00 30.92 ? 21  ALA A CA  1 
ATOM   162  C  C   . ALA A 1 21 ? -1.606  -10.958 -11.367 1.00 30.91 ? 21  ALA A C   1 
ATOM   163  O  O   . ALA A 1 21 ? -0.818  -11.496 -10.583 1.00 30.41 ? 21  ALA A O   1 
ATOM   164  C  CB  . ALA A 1 21 ? -2.972  -9.223  -10.134 1.00 29.54 ? 21  ALA A CB  1 
ATOM   165  N  N   . LYS A 1 22 ? -2.209  -11.605 -12.354 1.00 31.93 ? 22  LYS A N   1 
ATOM   166  C  CA  . LYS A 1 22 ? -2.000  -13.027 -12.626 1.00 35.01 ? 22  LYS A CA  1 
ATOM   167  C  C   . LYS A 1 22 ? -0.593  -13.338 -13.150 1.00 34.70 ? 22  LYS A C   1 
ATOM   168  O  O   . LYS A 1 22 ? -0.140  -14.475 -13.103 1.00 34.62 ? 22  LYS A O   1 
ATOM   169  C  CB  . LYS A 1 22 ? -3.036  -13.473 -13.664 1.00 36.83 ? 22  LYS A CB  1 
ATOM   170  C  CG  . LYS A 1 22 ? -3.456  -14.904 -13.559 1.00 37.72 ? 22  LYS A CG  1 
ATOM   171  C  CD  . LYS A 1 22 ? -4.865  -15.088 -14.115 1.00 38.25 ? 22  LYS A CD  1 
ATOM   172  C  CE  . LYS A 1 22 ? -5.933  -14.490 -13.211 1.00 38.34 ? 22  LYS A CE  1 
ATOM   173  N  NZ  . LYS A 1 22 ? -7.260  -15.101 -13.518 1.00 38.73 ? 22  LYS A NZ  1 
ATOM   174  N  N   . GLN A 1 23 ? 0.075   -12.325 -13.683 1.00 36.45 ? 23  GLN A N   1 
ATOM   175  C  CA  . GLN A 1 23 ? 1.401   -12.469 -14.239 1.00 37.89 ? 23  GLN A CA  1 
ATOM   176  C  C   . GLN A 1 23 ? 2.337   -12.223 -13.088 1.00 41.30 ? 23  GLN A C   1 
ATOM   177  O  O   . GLN A 1 23 ? 2.321   -11.145 -12.481 1.00 46.03 ? 23  GLN A O   1 
ATOM   178  C  CB  . GLN A 1 23 ? 1.638   -11.430 -15.339 1.00 38.17 ? 23  GLN A CB  1 
ATOM   179  C  CG  . GLN A 1 23 ? 0.485   -11.273 -16.310 1.00 37.85 ? 23  GLN A CG  1 
ATOM   180  C  CD  . GLN A 1 23 ? 0.008   -12.594 -16.867 1.00 37.77 ? 23  GLN A CD  1 
ATOM   181  O  OE1 . GLN A 1 23 ? -1.203  -12.854 -16.915 1.00 37.74 ? 23  GLN A OE1 1 
ATOM   182  N  NE2 . GLN A 1 23 ? 0.954   -13.443 -17.280 1.00 36.72 ? 23  GLN A NE2 1 
ATOM   183  N  N   . ASP A 1 24 ? 3.127   -13.226 -12.756 1.00 43.34 ? 24  ASP A N   1 
ATOM   184  C  CA  . ASP A 1 24 ? 4.082   -13.111 -11.675 1.00 43.30 ? 24  ASP A CA  1 
ATOM   185  C  C   . ASP A 1 24 ? 5.306   -12.439 -12.273 1.00 43.10 ? 24  ASP A C   1 
ATOM   186  O  O   . ASP A 1 24 ? 6.193   -13.116 -12.809 1.00 42.39 ? 24  ASP A O   1 
ATOM   187  C  CB  . ASP A 1 24 ? 4.401   -14.504 -11.107 1.00 43.99 ? 24  ASP A CB  1 
ATOM   188  C  CG  . ASP A 1 24 ? 5.486   -14.476 -10.050 1.00 44.46 ? 24  ASP A CG  1 
ATOM   189  O  OD1 . ASP A 1 24 ? 5.363   -13.706 -9.072  1.00 44.55 ? 24  ASP A OD1 1 
ATOM   190  O  OD2 . ASP A 1 24 ? 6.497   -15.211 -10.115 1.00 45.43 ? 24  ASP A OD2 1 
ATOM   191  N  N   . GLU A 1 25 ? 5.310   -11.105 -12.218 1.00 42.11 ? 25  GLU A N   1 
ATOM   192  C  CA  . GLU A 1 25 ? 6.400   -10.289 -12.742 1.00 42.05 ? 25  GLU A CA  1 
ATOM   193  C  C   . GLU A 1 25 ? 7.208   -9.732  -11.581 1.00 39.89 ? 25  GLU A C   1 
ATOM   194  O  O   . GLU A 1 25 ? 6.671   -9.068  -10.689 1.00 36.57 ? 25  GLU A O   1 
ATOM   195  C  CB  . GLU A 1 25 ? 5.867   -9.134  -13.605 1.00 43.25 ? 25  GLU A CB  1 
ATOM   196  C  CG  . GLU A 1 25 ? 6.958   -8.266  -14.247 1.00 43.64 ? 25  GLU A CG  1 
ATOM   197  C  CD  . GLU A 1 25 ? 6.409   -7.181  -15.176 1.00 44.30 ? 25  GLU A CD  1 
ATOM   198  O  OE1 . GLU A 1 25 ? 5.274   -6.679  -14.939 1.00 45.22 ? 25  GLU A OE1 1 
ATOM   199  O  OE2 . GLU A 1 25 ? 7.119   -6.814  -16.144 1.00 44.19 ? 25  GLU A OE2 1 
ATOM   200  N  N   . LEU A 1 26 ? 8.507   -9.999  -11.631 1.00 39.72 ? 26  LEU A N   1 
ATOM   201  C  CA  . LEU A 1 26 ? 9.460   -9.574  -10.611 1.00 39.58 ? 26  LEU A CA  1 
ATOM   202  C  C   . LEU A 1 26 ? 9.360   -8.075  -10.314 1.00 37.14 ? 26  LEU A C   1 
ATOM   203  O  O   . LEU A 1 26 ? 9.339   -7.253  -11.228 1.00 36.21 ? 26  LEU A O   1 
ATOM   204  C  CB  . LEU A 1 26 ? 10.889  -9.924  -11.072 1.00 40.74 ? 26  LEU A CB  1 
ATOM   205  C  CG  . LEU A 1 26 ? 12.035  -9.691  -10.086 1.00 40.95 ? 26  LEU A CG  1 
ATOM   206  C  CD1 . LEU A 1 26 ? 11.952  -10.657 -8.909  1.00 41.29 ? 26  LEU A CD1 1 
ATOM   207  C  CD2 . LEU A 1 26 ? 13.369  -9.810  -10.795 1.00 40.80 ? 26  LEU A CD2 1 
ATOM   208  N  N   . ASN A 1 27 ? 9.275   -7.736  -9.034  1.00 34.81 ? 27  ASN A N   1 
ATOM   209  C  CA  . ASN A 1 27 ? 9.218   -6.343  -8.589  1.00 36.32 ? 27  ASN A CA  1 
ATOM   210  C  C   . ASN A 1 27 ? 7.945   -5.551  -8.968  1.00 35.57 ? 27  ASN A C   1 
ATOM   211  O  O   . ASN A 1 27 ? 7.840   -4.387  -8.589  1.00 38.91 ? 27  ASN A O   1 
ATOM   212  C  CB  . ASN A 1 27 ? 10.468  -5.555  -9.037  1.00 36.04 ? 27  ASN A CB  1 
ATOM   213  C  CG  . ASN A 1 27 ? 11.767  -6.207  -8.597  1.00 36.09 ? 27  ASN A CG  1 
ATOM   214  O  OD1 . ASN A 1 27 ? 12.706  -6.344  -9.387  1.00 36.39 ? 27  ASN A OD1 1 
ATOM   215  N  ND2 . ASN A 1 27 ? 11.826  -6.620  -7.341  1.00 35.52 ? 27  ASN A ND2 1 
ATOM   216  N  N   . PHE A 1 28 ? 7.015   -6.143  -9.716  1.00 34.32 ? 28  PHE A N   1 
ATOM   217  C  CA  . PHE A 1 28 ? 5.630   -5.642  -9.763  1.00 35.89 ? 28  PHE A CA  1 
ATOM   218  C  C   . PHE A 1 28 ? 4.858   -6.339  -8.672  1.00 33.23 ? 28  PHE A C   1 
ATOM   219  O  O   . PHE A 1 28 ? 4.410   -7.459  -8.816  1.00 31.63 ? 28  PHE A O   1 
ATOM   220  C  CB  . PHE A 1 28 ? 4.969   -5.854  -11.119 1.00 37.86 ? 28  PHE A CB  1 
ATOM   221  C  CG  . PHE A 1 28 ? 5.497   -4.938  -12.162 1.00 38.55 ? 28  PHE A CG  1 
ATOM   222  C  CD1 . PHE A 1 28 ? 6.784   -5.113  -12.649 1.00 39.33 ? 28  PHE A CD1 1 
ATOM   223  C  CD2 . PHE A 1 28 ? 4.754   -3.860  -12.610 1.00 38.44 ? 28  PHE A CD2 1 
ATOM   224  C  CE1 . PHE A 1 28 ? 7.299   -4.248  -13.606 1.00 39.91 ? 28  PHE A CE1 1 
ATOM   225  C  CE2 . PHE A 1 28 ? 5.257   -2.993  -13.562 1.00 38.53 ? 28  PHE A CE2 1 
ATOM   226  C  CZ  . PHE A 1 28 ? 6.534   -3.177  -14.064 1.00 39.20 ? 28  PHE A CZ  1 
ATOM   227  N  N   . ASP A 1 29 ? 4.677   -5.612  -7.592  1.00 33.85 ? 29  ASP A N   1 
ATOM   228  C  CA  . ASP A 1 29 ? 4.369   -6.174  -6.308  1.00 33.22 ? 29  ASP A CA  1 
ATOM   229  C  C   . ASP A 1 29 ? 2.959   -5.843  -5.856  1.00 32.18 ? 29  ASP A C   1 
ATOM   230  O  O   . ASP A 1 29 ? 2.736   -4.792  -5.249  1.00 27.70 ? 29  ASP A O   1 
ATOM   231  C  CB  . ASP A 1 29 ? 5.349   -5.556  -5.339  1.00 37.96 ? 29  ASP A CB  1 
ATOM   232  C  CG  . ASP A 1 29 ? 5.996   -6.556  -4.522  1.00 39.55 ? 29  ASP A CG  1 
ATOM   233  O  OD1 . ASP A 1 29 ? 5.415   -7.010  -3.509  1.00 41.82 ? 29  ASP A OD1 1 
ATOM   234  O  OD2 . ASP A 1 29 ? 7.114   -6.972  -4.918  1.00 40.02 ? 29  ASP A OD2 1 
ATOM   235  N  N   . TRP A 1 30 ? 2.005   -6.728  -6.159  1.00 31.06 ? 30  TRP A N   1 
ATOM   236  C  CA  . TRP A 1 30 ? 0.604   -6.456  -5.831  1.00 30.81 ? 30  TRP A CA  1 
ATOM   237  C  C   . TRP A 1 30 ? 0.373   -6.800  -4.382  1.00 30.54 ? 30  TRP A C   1 
ATOM   238  O  O   . TRP A 1 30 ? 0.588   -7.922  -3.963  1.00 31.20 ? 30  TRP A O   1 
ATOM   239  C  CB  . TRP A 1 30 ? -0.374  -7.263  -6.704  1.00 29.86 ? 30  TRP A CB  1 
ATOM   240  C  CG  . TRP A 1 30 ? -0.222  -7.048  -8.169  1.00 29.87 ? 30  TRP A CG  1 
ATOM   241  C  CD1 . TRP A 1 30 ? 0.634   -7.709  -9.009  1.00 29.65 ? 30  TRP A CD1 1 
ATOM   242  C  CD2 . TRP A 1 30 ? -0.928  -6.100  -8.980  1.00 30.23 ? 30  TRP A CD2 1 
ATOM   243  N  NE1 . TRP A 1 30 ? 0.498   -7.232  -10.284 1.00 29.94 ? 30  TRP A NE1 1 
ATOM   244  C  CE2 . TRP A 1 30 ? -0.455  -6.246  -10.297 1.00 29.59 ? 30  TRP A CE2 1 
ATOM   245  C  CE3 . TRP A 1 30 ? -1.937  -5.144  -8.727  1.00 29.56 ? 30  TRP A CE3 1 
ATOM   246  C  CZ2 . TRP A 1 30 ? -0.945  -5.477  -11.366 1.00 29.67 ? 30  TRP A CZ2 1 
ATOM   247  C  CZ3 . TRP A 1 30 ? -2.410  -4.365  -9.796  1.00 29.92 ? 30  TRP A CZ3 1 
ATOM   248  C  CH2 . TRP A 1 30 ? -1.913  -4.546  -11.098 1.00 29.71 ? 30  TRP A CH2 1 
ATOM   249  N  N   . GLN A 1 31 ? -0.111  -5.838  -3.625  1.00 32.64 ? 31  GLN A N   1 
ATOM   250  C  CA  . GLN A 1 31 ? -0.222  -5.983  -2.178  1.00 32.86 ? 31  GLN A CA  1 
ATOM   251  C  C   . GLN A 1 31 ? -1.577  -6.547  -1.780  1.00 32.24 ? 31  GLN A C   1 
ATOM   252  O  O   . GLN A 1 31 ? -1.693  -7.276  -0.800  1.00 28.27 ? 31  GLN A O   1 
ATOM   253  C  CB  . GLN A 1 31 ? 0.024   -4.627  -1.532  1.00 34.43 ? 31  GLN A CB  1 
ATOM   254  C  CG  . GLN A 1 31 ? 1.365   -4.020  -1.937  1.00 34.78 ? 31  GLN A CG  1 
ATOM   255  C  CD  . GLN A 1 31 ? 2.552   -4.843  -1.456  1.00 35.79 ? 31  GLN A CD  1 
ATOM   256  O  OE1 . GLN A 1 31 ? 2.516   -5.412  -0.355  1.00 36.07 ? 31  GLN A OE1 1 
ATOM   257  N  NE2 . GLN A 1 31 ? 3.608   -4.921  -2.282  1.00 36.76 ? 31  GLN A NE2 1 
ATOM   258  N  N   . ASN A 1 32 ? -2.604  -6.200  -2.548  1.00 31.97 ? 32  ASN A N   1 
ATOM   259  C  CA  . ASN A 1 32 ? -3.887  -6.853  -2.435  1.00 33.31 ? 32  ASN A CA  1 
ATOM   260  C  C   . ASN A 1 32 ? -4.452  -7.058  -3.819  1.00 33.34 ? 32  ASN A C   1 
ATOM   261  O  O   . ASN A 1 32 ? -4.200  -6.264  -4.718  1.00 33.56 ? 32  ASN A O   1 
ATOM   262  C  CB  . ASN A 1 32 ? -4.882  -6.074  -1.552  1.00 35.06 ? 32  ASN A CB  1 
ATOM   263  C  CG  . ASN A 1 32 ? -5.030  -4.615  -1.956  1.00 36.04 ? 32  ASN A CG  1 
ATOM   264  O  OD1 . ASN A 1 32 ? -4.196  -4.067  -2.667  1.00 38.94 ? 32  ASN A OD1 1 
ATOM   265  N  ND2 . ASN A 1 32 ? -6.087  -3.971  -1.479  1.00 36.20 ? 32  ASN A ND2 1 
ATOM   266  N  N   . PRO A 1 33 ? -5.226  -8.127  -3.982  1.00 33.64 ? 33  PRO A N   1 
ATOM   267  C  CA  . PRO A 1 33 ? -5.840  -8.428  -5.259  1.00 33.59 ? 33  PRO A CA  1 
ATOM   268  C  C   . PRO A 1 33 ? -7.046  -7.508  -5.532  1.00 32.71 ? 33  PRO A C   1 
ATOM   269  O  O   . PRO A 1 33 ? -7.667  -6.999  -4.592  1.00 28.45 ? 33  PRO A O   1 
ATOM   270  C  CB  . PRO A 1 33 ? -6.293  -9.888  -5.080  1.00 32.71 ? 33  PRO A CB  1 
ATOM   271  C  CG  . PRO A 1 33 ? -6.634  -9.979  -3.636  1.00 32.83 ? 33  PRO A CG  1 
ATOM   272  C  CD  . PRO A 1 33 ? -5.617  -9.105  -2.946  1.00 32.74 ? 33  PRO A CD  1 
ATOM   273  N  N   . PRO A 1 34 ? -7.363  -7.286  -6.810  1.00 34.02 ? 34  PRO A N   1 
ATOM   274  C  CA  . PRO A 1 34 ? -8.654  -6.692  -7.154  1.00 33.22 ? 34  PRO A CA  1 
ATOM   275  C  C   . PRO A 1 34 ? -9.796  -7.572  -6.648  1.00 34.14 ? 34  PRO A C   1 
ATOM   276  O  O   . PRO A 1 34 ? -9.659  -8.799  -6.542  1.00 36.49 ? 34  PRO A O   1 
ATOM   277  C  CB  . PRO A 1 34 ? -8.635  -6.604  -8.684  1.00 33.52 ? 34  PRO A CB  1 
ATOM   278  C  CG  . PRO A 1 34 ? -7.165  -6.846  -9.110  1.00 33.58 ? 34  PRO A CG  1 
ATOM   279  C  CD  . PRO A 1 34 ? -6.512  -7.551  -7.995  1.00 33.62 ? 34  PRO A CD  1 
ATOM   280  N  N   . THR A 1 35 ? -10.894 -6.927  -6.289  1.00 33.35 ? 35  THR A N   1 
ATOM   281  C  CA  . THR A 1 35 ? -12.059 -7.601  -5.761  1.00 32.24 ? 35  THR A CA  1 
ATOM   282  C  C   . THR A 1 35 ? -13.263 -7.127  -6.559  1.00 31.74 ? 35  THR A C   1 
ATOM   283  O  O   . THR A 1 35 ? -13.727 -7.837  -7.454  1.00 30.75 ? 35  THR A O   1 
ATOM   284  C  CB  . THR A 1 35 ? -12.228 -7.313  -4.246  1.00 32.40 ? 35  THR A CB  1 
ATOM   285  O  OG1 . THR A 1 35 ? -12.021 -5.921  -3.969  1.00 32.72 ? 35  THR A OG1 1 
ATOM   286  C  CG2 . THR A 1 35 ? -11.139 -8.007  -3.420  1.00 32.46 ? 35  THR A CG2 1 
ATOM   287  N  N   . GLU A 1 36 ? -13.715 -5.907  -6.269  1.00 30.66 ? 36  GLU A N   1 
ATOM   288  C  CA  . GLU A 1 36 ? -14.920 -5.332  -6.865  1.00 31.87 ? 36  GLU A CA  1 
ATOM   289  C  C   . GLU A 1 36 ? -14.691 -3.853  -7.219  1.00 31.25 ? 36  GLU A C   1 
ATOM   290  O  O   . GLU A 1 36 ? -13.777 -3.224  -6.673  1.00 31.16 ? 36  GLU A O   1 
ATOM   291  C  CB  A GLU A 1 36 ? -16.112 -5.464  -5.904  0.50 32.17 ? 36  GLU A CB  1 
ATOM   292  C  CB  B GLU A 1 36 ? -16.062 -5.436  -5.858  0.50 31.43 ? 36  GLU A CB  1 
ATOM   293  C  CG  A GLU A 1 36 ? -16.497 -6.898  -5.525  0.50 32.76 ? 36  GLU A CG  1 
ATOM   294  C  CG  B GLU A 1 36 ? -16.450 -6.868  -5.522  0.50 31.74 ? 36  GLU A CG  1 
ATOM   295  C  CD  A GLU A 1 36 ? -17.555 -7.549  -6.425  0.50 32.60 ? 36  GLU A CD  1 
ATOM   296  C  CD  B GLU A 1 36 ? -16.678 -7.115  -4.037  0.50 31.23 ? 36  GLU A CD  1 
ATOM   297  O  OE1 A GLU A 1 36 ? -18.574 -6.901  -6.760  0.50 32.39 ? 36  GLU A OE1 1 
ATOM   298  O  OE1 B GLU A 1 36 ? -15.925 -6.568  -3.206  0.50 30.70 ? 36  GLU A OE1 1 
ATOM   299  O  OE2 A GLU A 1 36 ? -17.385 -8.739  -6.761  0.50 32.23 ? 36  GLU A OE2 1 
ATOM   300  O  OE2 B GLU A 1 36 ? -17.598 -7.892  -3.715  0.50 31.00 ? 36  GLU A OE2 1 
ATOM   301  N  N   . PRO A 1 37 ? -15.513 -3.297  -8.115  1.00 30.63 ? 37  PRO A N   1 
ATOM   302  C  CA  . PRO A 1 37 ? -15.528 -1.850  -8.379  1.00 30.11 ? 37  PRO A CA  1 
ATOM   303  C  C   . PRO A 1 37 ? -15.525 -0.989  -7.113  1.00 29.02 ? 37  PRO A C   1 
ATOM   304  O  O   . PRO A 1 37 ? -16.191 -1.331  -6.146  1.00 28.85 ? 37  PRO A O   1 
ATOM   305  C  CB  . PRO A 1 37 ? -16.847 -1.639  -9.128  1.00 30.03 ? 37  PRO A CB  1 
ATOM   306  C  CG  . PRO A 1 37 ? -17.195 -2.950  -9.722  1.00 29.92 ? 37  PRO A CG  1 
ATOM   307  C  CD  . PRO A 1 37 ? -16.474 -4.008  -8.972  1.00 30.60 ? 37  PRO A CD  1 
ATOM   308  N  N   . GLY A 1 38 ? -14.766 0.103   -7.126  1.00 28.74 ? 38  GLY A N   1 
ATOM   309  C  CA  . GLY A 1 38 ? -14.669 1.014   -5.992  1.00 29.11 ? 38  GLY A CA  1 
ATOM   310  C  C   . GLY A 1 38 ? -13.669 0.632   -4.905  1.00 28.86 ? 38  GLY A C   1 
ATOM   311  O  O   . GLY A 1 38 ? -13.460 1.390   -3.964  1.00 28.02 ? 38  GLY A O   1 
ATOM   312  N  N   . GLN A 1 39 ? -13.058 -0.542  -5.010  1.00 29.08 ? 39  GLN A N   1 
ATOM   313  C  CA  . GLN A 1 39 ? -12.129 -1.012  -3.982  1.00 30.17 ? 39  GLN A CA  1 
ATOM   314  C  C   . GLN A 1 39 ? -10.698 -0.790  -4.435  1.00 29.51 ? 39  GLN A C   1 
ATOM   315  O  O   . GLN A 1 39 ? -10.341 -1.204  -5.538  1.00 28.45 ? 39  GLN A O   1 
ATOM   316  C  CB  . GLN A 1 39 ? -12.353 -2.493  -3.696  1.00 33.14 ? 39  GLN A CB  1 
ATOM   317  C  CG  . GLN A 1 39 ? -13.701 -2.773  -3.097  1.00 34.59 ? 39  GLN A CG  1 
ATOM   318  C  CD  . GLN A 1 39 ? -13.886 -2.061  -1.792  1.00 35.39 ? 39  GLN A CD  1 
ATOM   319  O  OE1 . GLN A 1 39 ? -14.794 -1.249  -1.656  1.00 37.00 ? 39  GLN A OE1 1 
ATOM   320  N  NE2 . GLN A 1 39 ? -13.014 -2.339  -0.832  1.00 36.30 ? 39  GLN A NE2 1 
ATOM   321  N  N   . PRO A 1 40 ? -9.886  -0.138  -3.604  1.00 29.07 ? 40  PRO A N   1 
ATOM   322  C  CA  . PRO A 1 40 ? -8.496  0.121   -3.955  1.00 29.27 ? 40  PRO A CA  1 
ATOM   323  C  C   . PRO A 1 40 ? -7.689  -1.141  -4.172  1.00 29.23 ? 40  PRO A C   1 
ATOM   324  O  O   . PRO A 1 40 ? -7.899  -2.162  -3.505  1.00 28.14 ? 40  PRO A O   1 
ATOM   325  C  CB  . PRO A 1 40 ? -7.962  0.905   -2.747  1.00 30.21 ? 40  PRO A CB  1 
ATOM   326  C  CG  . PRO A 1 40 ? -9.192  1.513   -2.135  1.00 30.30 ? 40  PRO A CG  1 
ATOM   327  C  CD  . PRO A 1 40 ? -10.228 0.442   -2.291  1.00 30.04 ? 40  PRO A CD  1 
ATOM   328  N  N   . VAL A 1 41 ? -6.784  -1.059  -5.135  1.00 29.68 ? 41  VAL A N   1 
ATOM   329  C  CA  . VAL A 1 41 ? -5.797  -2.100  -5.367  1.00 29.38 ? 41  VAL A CA  1 
ATOM   330  C  C   . VAL A 1 41 ? -4.459  -1.419  -5.262  1.00 28.07 ? 41  VAL A C   1 
ATOM   331  O  O   . VAL A 1 41 ? -4.226  -0.384  -5.899  1.00 29.27 ? 41  VAL A O   1 
ATOM   332  C  CB  . VAL A 1 41 ? -5.940  -2.715  -6.757  1.00 29.81 ? 41  VAL A CB  1 
ATOM   333  C  CG1 . VAL A 1 41 ? -5.033  -3.938  -6.893  1.00 30.23 ? 41  VAL A CG1 1 
ATOM   334  C  CG2 . VAL A 1 41 ? -7.404  -3.085  -7.034  1.00 29.88 ? 41  VAL A CG2 1 
ATOM   335  N  N   . VAL A 1 42 ? -3.576  -1.988  -4.457  1.00 27.16 ? 42  VAL A N   1 
ATOM   336  C  CA  . VAL A 1 42 ? -2.279  -1.366  -4.222  1.00 27.00 ? 42  VAL A CA  1 
ATOM   337  C  C   . VAL A 1 42 ? -1.157  -2.201  -4.780  1.00 24.65 ? 42  VAL A C   1 
ATOM   338  O  O   . VAL A 1 42 ? -1.063  -3.410  -4.548  1.00 24.07 ? 42  VAL A O   1 
ATOM   339  C  CB  . VAL A 1 42 ? -2.058  -1.093  -2.705  1.00 27.77 ? 42  VAL A CB  1 
ATOM   340  C  CG1 . VAL A 1 42 ? -0.719  -0.389  -2.460  1.00 27.60 ? 42  VAL A CG1 1 
ATOM   341  C  CG2 . VAL A 1 42 ? -3.217  -0.273  -2.163  1.00 26.77 ? 42  VAL A CG2 1 
ATOM   342  N  N   . ILE A 1 43 ? -0.300  -1.536  -5.526  1.00 24.41 ? 43  ILE A N   1 
ATOM   343  C  CA  . ILE A 1 43 ? 0.879   -2.165  -6.100  1.00 26.44 ? 43  ILE A CA  1 
ATOM   344  C  C   . ILE A 1 43 ? 2.132   -1.324  -5.870  1.00 24.41 ? 43  ILE A C   1 
ATOM   345  O  O   . ILE A 1 43 ? 2.100   -0.100  -5.884  1.00 23.09 ? 43  ILE A O   1 
ATOM   346  C  CB  . ILE A 1 43 ? 0.660   -2.423  -7.614  1.00 28.47 ? 43  ILE A CB  1 
ATOM   347  C  CG1 . ILE A 1 43 ? 1.680   -3.433  -8.137  1.00 28.77 ? 43  ILE A CG1 1 
ATOM   348  C  CG2 . ILE A 1 43 ? 0.644   -1.077  -8.406  1.00 28.59 ? 43  ILE A CG2 1 
ATOM   349  C  CD1 . ILE A 1 43 ? 1.676   -3.616  -9.623  1.00 29.25 ? 43  ILE A CD1 1 
ATOM   350  N  N   . LEU A 1 44 ? 3.232   -2.016  -5.614  1.00 27.53 ? 44  LEU A N   1 
ATOM   351  C  CA  . LEU A 1 44 ? 4.561   -1.411  -5.501  1.00 27.68 ? 44  LEU A CA  1 
ATOM   352  C  C   . LEU A 1 44 ? 5.321   -1.827  -6.766  1.00 25.87 ? 44  LEU A C   1 
ATOM   353  O  O   . LEU A 1 44 ? 5.324   -3.002  -7.101  1.00 24.59 ? 44  LEU A O   1 
ATOM   354  C  CB  . LEU A 1 44 ? 5.277   -1.945  -4.268  1.00 32.22 ? 44  LEU A CB  1 
ATOM   355  C  CG  . LEU A 1 44 ? 5.227   -1.154  -2.970  1.00 35.13 ? 44  LEU A CG  1 
ATOM   356  C  CD1 . LEU A 1 44 ? 5.630   -2.045  -1.820  1.00 35.86 ? 44  LEU A CD1 1 
ATOM   357  C  CD2 . LEU A 1 44 ? 6.174   0.063   -3.039  1.00 36.94 ? 44  LEU A CD2 1 
ATOM   358  N  N   . ILE A 1 45 ? 5.918   -0.868  -7.465  1.00 24.00 ? 45  ILE A N   1 
ATOM   359  C  CA  . ILE A 1 45 ? 6.699   -1.119  -8.693  1.00 26.51 ? 45  ILE A CA  1 
ATOM   360  C  C   . ILE A 1 45 ? 8.039   -0.360  -8.656  1.00 22.41 ? 45  ILE A C   1 
ATOM   361  O  O   . ILE A 1 45 ? 8.194   0.523   -7.847  1.00 24.33 ? 45  ILE A O   1 
ATOM   362  C  CB  . ILE A 1 45 ? 5.869   -0.778  -9.997  1.00 27.21 ? 45  ILE A CB  1 
ATOM   363  C  CG1 . ILE A 1 45 ? 5.786   0.732   -10.293 1.00 27.94 ? 45  ILE A CG1 1 
ATOM   364  C  CG2 . ILE A 1 45 ? 4.502   -1.364  -9.893  1.00 27.50 ? 45  ILE A CG2 1 
ATOM   365  C  CD1 . ILE A 1 45 ? 5.036   1.065   -11.622 1.00 28.00 ? 45  ILE A CD1 1 
ATOM   366  N  N   . PRO A 1 46 ? 9.021   -0.759  -9.463  1.00 24.62 ? 46  PRO A N   1 
ATOM   367  C  CA  . PRO A 1 46 ? 10.250  0.027   -9.613  1.00 24.78 ? 46  PRO A CA  1 
ATOM   368  C  C   . PRO A 1 46 ? 9.939   1.413   -10.133 1.00 24.83 ? 46  PRO A C   1 
ATOM   369  O  O   . PRO A 1 46 ? 9.135   1.562   -11.045 1.00 24.74 ? 46  PRO A O   1 
ATOM   370  C  CB  . PRO A 1 46 ? 11.045  -0.775  -10.641 1.00 24.99 ? 46  PRO A CB  1 
ATOM   371  C  CG  . PRO A 1 46 ? 10.560  -2.155  -10.451 1.00 24.80 ? 46  PRO A CG  1 
ATOM   372  C  CD  . PRO A 1 46 ? 9.084   -1.997  -10.261 1.00 24.39 ? 46  PRO A CD  1 
ATOM   373  N  N   . SER A 1 47 ? 10.577  2.422   -9.571  1.00 26.69 ? 47  SER A N   1 
ATOM   374  C  CA  . SER A 1 47 ? 10.252  3.804   -9.902  1.00 28.68 ? 47  SER A CA  1 
ATOM   375  C  C   . SER A 1 47 ? 10.541  4.148   -11.344 1.00 30.38 ? 47  SER A C   1 
ATOM   376  O  O   . SER A 1 47 ? 9.914   5.044   -11.900 1.00 32.21 ? 47  SER A O   1 
ATOM   377  C  CB  . SER A 1 47 ? 10.991  4.765   -8.979  1.00 29.35 ? 47  SER A CB  1 
ATOM   378  O  OG  . SER A 1 47 ? 10.437  4.734   -7.679  1.00 29.33 ? 47  SER A OG  1 
ATOM   379  N  N   . ASP A 1 48 ? 11.467  3.439   -11.973 1.00 32.75 ? 48  ASP A N   1 
ATOM   380  C  CA  . ASP A 1 48 ? 11.765  3.715   -13.379 1.00 36.36 ? 48  ASP A CA  1 
ATOM   381  C  C   . ASP A 1 48 ? 10.679  3.208   -14.350 1.00 37.32 ? 48  ASP A C   1 
ATOM   382  O  O   . ASP A 1 48 ? 10.793  3.401   -15.558 1.00 36.83 ? 48  ASP A O   1 
ATOM   383  C  CB  . ASP A 1 48 ? 13.162  3.201   -13.775 1.00 37.19 ? 48  ASP A CB  1 
ATOM   384  C  CG  . ASP A 1 48 ? 13.340  1.711   -13.556 1.00 37.81 ? 48  ASP A CG  1 
ATOM   385  O  OD1 . ASP A 1 48 ? 12.501  1.082   -12.883 1.00 38.88 ? 48  ASP A OD1 1 
ATOM   386  O  OD2 . ASP A 1 48 ? 14.310  1.078   -14.012 1.00 38.56 ? 48  ASP A OD2 1 
HETATM 387  N  N   . MSE A 1 49 ? 9.615   2.600   -13.825 1.00 38.81 ? 49  MSE A N   1 
HETATM 388  C  CA  . MSE A 1 49 ? 8.514   2.097   -14.662 1.00 41.43 ? 49  MSE A CA  1 
HETATM 389  C  C   . MSE A 1 49 ? 7.209   2.826   -14.433 1.00 36.83 ? 49  MSE A C   1 
HETATM 390  O  O   . MSE A 1 49 ? 6.151   2.395   -14.938 1.00 32.67 ? 49  MSE A O   1 
HETATM 391  C  CB  . MSE A 1 49 ? 8.281   0.647   -14.358 1.00 47.25 ? 49  MSE A CB  1 
HETATM 392  C  CG  . MSE A 1 49 ? 9.533   -0.031  -14.032 1.00 49.80 ? 49  MSE A CG  1 
HETATM 393  SE SE  . MSE A 1 49 ? 9.735   -1.545  -15.105 1.00 54.68 ? 49  MSE A SE  1 
HETATM 394  C  CE  . MSE A 1 49 ? 9.977   -2.793  -13.659 1.00 52.36 ? 49  MSE A CE  1 
ATOM   395  N  N   . VAL A 1 50 ? 7.300   3.920   -13.678 1.00 31.44 ? 50  VAL A N   1 
ATOM   396  C  CA  . VAL A 1 50 ? 6.153   4.703   -13.281 1.00 30.40 ? 50  VAL A CA  1 
ATOM   397  C  C   . VAL A 1 50 ? 5.532   5.398   -14.508 1.00 29.37 ? 50  VAL A C   1 
ATOM   398  O  O   . VAL A 1 50 ? 4.310   5.384   -14.695 1.00 28.09 ? 50  VAL A O   1 
ATOM   399  C  CB  . VAL A 1 50 ? 6.551   5.751   -12.215 1.00 29.40 ? 50  VAL A CB  1 
ATOM   400  C  CG1 . VAL A 1 50 ? 5.396   6.739   -11.933 1.00 29.24 ? 50  VAL A CG1 1 
ATOM   401  C  CG2 . VAL A 1 50 ? 6.978   5.067   -10.934 1.00 30.30 ? 50  VAL A CG2 1 
ATOM   402  N  N   . GLU A 1 51 ? 6.375   5.985   -15.344 1.00 29.34 ? 51  GLU A N   1 
ATOM   403  C  CA  . GLU A 1 51 ? 5.877   6.824   -16.432 1.00 30.85 ? 51  GLU A CA  1 
ATOM   404  C  C   . GLU A 1 51 ? 5.016   6.003   -17.378 1.00 29.04 ? 51  GLU A C   1 
ATOM   405  O  O   . GLU A 1 51 ? 3.922   6.438   -17.737 1.00 30.55 ? 51  GLU A O   1 
ATOM   406  C  CB  . GLU A 1 51 ? 7.016   7.499   -17.208 1.00 33.79 ? 51  GLU A CB  1 
ATOM   407  C  CG  . GLU A 1 51 ? 6.777   8.954   -17.612 1.00 36.21 ? 51  GLU A CG  1 
ATOM   408  C  CD  . GLU A 1 51 ? 5.317   9.341   -17.864 1.00 37.42 ? 51  GLU A CD  1 
ATOM   409  O  OE1 . GLU A 1 51 ? 4.767   8.988   -18.925 1.00 38.68 ? 51  GLU A OE1 1 
ATOM   410  O  OE2 . GLU A 1 51 ? 4.730   10.045  -17.006 1.00 38.30 ? 51  GLU A OE2 1 
ATOM   411  N  N   . TRP A 1 52 ? 5.492   4.823   -17.778 1.00 26.14 ? 52  TRP A N   1 
ATOM   412  C  CA  . TRP A 1 52 ? 4.700   3.999   -18.697 1.00 25.28 ? 52  TRP A CA  1 
ATOM   413  C  C   . TRP A 1 52 ? 3.519   3.329   -18.022 1.00 23.42 ? 52  TRP A C   1 
ATOM   414  O  O   . TRP A 1 52 ? 2.498   3.113   -18.673 1.00 18.24 ? 52  TRP A O   1 
ATOM   415  C  CB  . TRP A 1 52 ? 5.550   3.007   -19.530 1.00 24.19 ? 52  TRP A CB  1 
ATOM   416  C  CG  . TRP A 1 52 ? 6.193   1.866   -18.807 1.00 24.34 ? 52  TRP A CG  1 
ATOM   417  C  CD1 . TRP A 1 52 ? 7.527   1.738   -18.484 1.00 23.88 ? 52  TRP A CD1 1 
ATOM   418  C  CD2 . TRP A 1 52 ? 5.555   0.661   -18.350 1.00 23.96 ? 52  TRP A CD2 1 
ATOM   419  N  NE1 . TRP A 1 52 ? 7.736   0.545   -17.833 1.00 24.03 ? 52  TRP A NE1 1 
ATOM   420  C  CE2 . TRP A 1 52 ? 6.547   -0.136  -17.743 1.00 24.24 ? 52  TRP A CE2 1 
ATOM   421  C  CE3 . TRP A 1 52 ? 4.249   0.171   -18.400 1.00 24.46 ? 52  TRP A CE3 1 
ATOM   422  C  CZ2 . TRP A 1 52 ? 6.269   -1.379  -17.196 1.00 24.29 ? 52  TRP A CZ2 1 
ATOM   423  C  CZ3 . TRP A 1 52 ? 3.975   -1.068  -17.840 1.00 24.39 ? 52  TRP A CZ3 1 
ATOM   424  C  CH2 . TRP A 1 52 ? 4.983   -1.823  -17.250 1.00 24.11 ? 52  TRP A CH2 1 
ATOM   425  N  N   . PHE A 1 53 ? 3.655   3.007   -16.728 1.00 22.99 ? 53  PHE A N   1 
ATOM   426  C  CA  . PHE A 1 53 ? 2.599   2.326   -15.992 1.00 23.80 ? 53  PHE A CA  1 
ATOM   427  C  C   . PHE A 1 53 ? 1.400   3.230   -15.803 1.00 23.85 ? 53  PHE A C   1 
ATOM   428  O  O   . PHE A 1 53 ? 0.281   2.788   -15.934 1.00 24.68 ? 53  PHE A O   1 
ATOM   429  C  CB  . PHE A 1 53 ? 3.075   1.854   -14.617 1.00 25.49 ? 53  PHE A CB  1 
ATOM   430  C  CG  . PHE A 1 53 ? 2.230   0.748   -14.033 1.00 25.60 ? 53  PHE A CG  1 
ATOM   431  C  CD1 . PHE A 1 53 ? 2.374   -0.559  -14.477 1.00 26.67 ? 53  PHE A CD1 1 
ATOM   432  C  CD2 . PHE A 1 53 ? 1.278   1.015   -13.058 1.00 26.35 ? 53  PHE A CD2 1 
ATOM   433  C  CE1 . PHE A 1 53 ? 1.597   -1.591  -13.933 1.00 26.50 ? 53  PHE A CE1 1 
ATOM   434  C  CE2 . PHE A 1 53 ? 0.518   0.010   -12.532 1.00 26.35 ? 53  PHE A CE2 1 
ATOM   435  C  CZ  . PHE A 1 53 ? 0.667   -1.306  -12.990 1.00 26.24 ? 53  PHE A CZ  1 
ATOM   436  N  N   . LEU A 1 54 ? 1.638   4.495   -15.497 1.00 24.93 ? 54  LEU A N   1 
ATOM   437  C  CA  . LEU A 1 54 ? 0.548   5.445   -15.349 1.00 26.88 ? 54  LEU A CA  1 
ATOM   438  C  C   . LEU A 1 54 ? -0.095  5.797   -16.689 1.00 27.11 ? 54  LEU A C   1 
ATOM   439  O  O   . LEU A 1 54 ? -1.312  5.926   -16.756 1.00 25.60 ? 54  LEU A O   1 
ATOM   440  C  CB  . LEU A 1 54 ? 1.001   6.693   -14.578 1.00 28.28 ? 54  LEU A CB  1 
ATOM   441  C  CG  . LEU A 1 54 ? 1.672   7.910   -15.222 1.00 29.14 ? 54  LEU A CG  1 
ATOM   442  C  CD1 . LEU A 1 54 ? 0.651   8.826   -15.908 1.00 28.81 ? 54  LEU A CD1 1 
ATOM   443  C  CD2 . LEU A 1 54 ? 2.402   8.708   -14.114 1.00 28.97 ? 54  LEU A CD2 1 
ATOM   444  N  N   . GLU A 1 55 ? 0.695   5.926   -17.755 1.00 28.51 ? 55  GLU A N   1 
ATOM   445  C  CA  . GLU A 1 55 ? 0.114   6.133   -19.101 1.00 29.85 ? 55  GLU A CA  1 
ATOM   446  C  C   . GLU A 1 55 ? -0.844  5.020   -19.506 1.00 29.62 ? 55  GLU A C   1 
ATOM   447  O  O   . GLU A 1 55 ? -1.857  5.284   -20.160 1.00 27.10 ? 55  GLU A O   1 
ATOM   448  C  CB  . GLU A 1 55 ? 1.184   6.236   -20.179 1.00 33.78 ? 55  GLU A CB  1 
ATOM   449  C  CG  . GLU A 1 55 ? 1.976   7.533   -20.195 1.00 36.05 ? 55  GLU A CG  1 
ATOM   450  C  CD  . GLU A 1 55 ? 1.124   8.787   -20.061 1.00 38.12 ? 55  GLU A CD  1 
ATOM   451  O  OE1 . GLU A 1 55 ? 0.118   8.929   -20.815 1.00 39.40 ? 55  GLU A OE1 1 
ATOM   452  O  OE2 . GLU A 1 55 ? 1.481   9.645   -19.211 1.00 39.74 ? 55  GLU A OE2 1 
HETATM 453  N  N   . MSE A 1 56 ? -0.513  3.784   -19.131 1.00 27.70 ? 56  MSE A N   1 
HETATM 454  C  CA  . MSE A 1 56 ? -1.360  2.653   -19.411 1.00 29.19 ? 56  MSE A CA  1 
HETATM 455  C  C   . MSE A 1 56 ? -2.675  2.783   -18.643 1.00 27.02 ? 56  MSE A C   1 
HETATM 456  O  O   . MSE A 1 56 ? -3.737  2.649   -19.212 1.00 25.18 ? 56  MSE A O   1 
HETATM 457  C  CB  . MSE A 1 56 ? -0.661  1.349   -19.039 1.00 30.98 ? 56  MSE A CB  1 
HETATM 458  C  CG  . MSE A 1 56 ? -1.567  0.139   -19.110 1.00 33.49 ? 56  MSE A CG  1 
HETATM 459  SE SE  . MSE A 1 56 ? -0.714  -1.542  -18.497 1.00 37.82 ? 56  MSE A SE  1 
HETATM 460  C  CE  . MSE A 1 56 ? -0.967  -1.291  -16.459 1.00 35.94 ? 56  MSE A CE  1 
ATOM   461  N  N   . LEU A 1 57 ? -2.598  3.009   -17.339 1.00 27.31 ? 57  LEU A N   1 
ATOM   462  C  CA  . LEU A 1 57 ? -3.807  3.160   -16.543 1.00 28.23 ? 57  LEU A CA  1 
ATOM   463  C  C   . LEU A 1 57 ? -4.678  4.296   -17.088 1.00 28.29 ? 57  LEU A C   1 
ATOM   464  O  O   . LEU A 1 57 ? -5.897  4.163   -17.148 1.00 25.83 ? 57  LEU A O   1 
ATOM   465  C  CB  . LEU A 1 57 ? -3.462  3.432   -15.098 1.00 25.84 ? 57  LEU A CB  1 
ATOM   466  C  CG  . LEU A 1 57 ? -2.679  2.343   -14.362 1.00 25.20 ? 57  LEU A CG  1 
ATOM   467  C  CD1 . LEU A 1 57 ? -2.434  2.800   -12.934 1.00 23.63 ? 57  LEU A CD1 1 
ATOM   468  C  CD2 . LEU A 1 57 ? -3.441  1.033   -14.432 1.00 25.02 ? 57  LEU A CD2 1 
ATOM   469  N  N   . LYS A 1 58 ? -4.034  5.390   -17.490 1.00 28.84 ? 58  LYS A N   1 
ATOM   470  C  CA  . LYS A 1 58 ? -4.738  6.547   -18.065 1.00 31.23 ? 58  LYS A CA  1 
ATOM   471  C  C   . LYS A 1 58 ? -5.377  6.219   -19.385 1.00 29.25 ? 58  LYS A C   1 
ATOM   472  O  O   . LYS A 1 58 ? -6.545  6.539   -19.616 1.00 26.48 ? 58  LYS A O   1 
ATOM   473  C  CB  . LYS A 1 58 ? -3.793  7.748   -18.239 1.00 33.35 ? 58  LYS A CB  1 
ATOM   474  C  CG  . LYS A 1 58 ? -3.949  8.759   -17.129 1.00 35.71 ? 58  LYS A CG  1 
ATOM   475  C  CD  . LYS A 1 58 ? -2.691  9.595   -16.863 1.00 36.32 ? 58  LYS A CD  1 
ATOM   476  C  CE  . LYS A 1 58 ? -2.402  10.588  -17.985 1.00 37.35 ? 58  LYS A CE  1 
ATOM   477  N  NZ  . LYS A 1 58 ? -1.437  11.674  -17.540 1.00 38.01 ? 58  LYS A NZ  1 
ATOM   478  N  N   . ALA A 1 59 ? -4.605  5.586   -20.260 1.00 29.32 ? 59  ALA A N   1 
ATOM   479  C  CA  . ALA A 1 59 ? -5.123  5.096   -21.535 1.00 29.22 ? 59  ALA A CA  1 
ATOM   480  C  C   . ALA A 1 59 ? -6.400  4.313   -21.290 1.00 30.44 ? 59  ALA A C   1 
ATOM   481  O  O   . ALA A 1 59 ? -7.363  4.440   -22.044 1.00 30.17 ? 59  ALA A O   1 
ATOM   482  C  CB  . ALA A 1 59 ? -4.104  4.217   -22.228 1.00 28.93 ? 59  ALA A CB  1 
ATOM   483  N  N   . LYS A 1 60 ? -6.407  3.518   -20.225 1.00 30.60 ? 60  LYS A N   1 
ATOM   484  C  CA  . LYS A 1 60 ? -7.575  2.726   -19.858 1.00 31.38 ? 60  LYS A CA  1 
ATOM   485  C  C   . LYS A 1 60 ? -8.645  3.482   -19.028 1.00 30.23 ? 60  LYS A C   1 
ATOM   486  O  O   . LYS A 1 60 ? -9.703  2.933   -18.733 1.00 30.23 ? 60  LYS A O   1 
ATOM   487  C  CB  . LYS A 1 60 ? -7.107  1.468   -19.120 1.00 34.70 ? 60  LYS A CB  1 
ATOM   488  C  CG  . LYS A 1 60 ? -6.036  0.676   -19.900 1.00 36.06 ? 60  LYS A CG  1 
ATOM   489  C  CD  . LYS A 1 60 ? -6.380  -0.798  -20.032 1.00 37.23 ? 60  LYS A CD  1 
ATOM   490  C  CE  . LYS A 1 60 ? -7.612  -1.026  -20.887 1.00 37.50 ? 60  LYS A CE  1 
ATOM   491  N  NZ  . LYS A 1 60 ? -7.703  -2.405  -21.459 1.00 37.90 ? 60  LYS A NZ  1 
ATOM   492  N  N   . GLY A 1 61 ? -8.395  4.735   -18.667 1.00 28.19 ? 61  GLY A N   1 
ATOM   493  C  CA  . GLY A 1 61 ? -9.337  5.482   -17.838 1.00 27.27 ? 61  GLY A CA  1 
ATOM   494  C  C   . GLY A 1 61 ? -9.560  4.887   -16.449 1.00 27.96 ? 61  GLY A C   1 
ATOM   495  O  O   . GLY A 1 61 ? -10.652 4.996   -15.889 1.00 26.22 ? 61  GLY A O   1 
ATOM   496  N  N   . ILE A 1 62 ? -8.528  4.255   -15.885 1.00 27.82 ? 62  ILE A N   1 
ATOM   497  C  CA  . ILE A 1 62 ? -8.614  3.667   -14.533 1.00 27.23 ? 62  ILE A CA  1 
ATOM   498  C  C   . ILE A 1 62 ? -8.070  4.667   -13.533 1.00 27.48 ? 62  ILE A C   1 
ATOM   499  O  O   . ILE A 1 62 ? -6.905  5.033   -13.627 1.00 30.43 ? 62  ILE A O   1 
ATOM   500  C  CB  . ILE A 1 62 ? -7.826  2.342   -14.451 1.00 25.86 ? 62  ILE A CB  1 
ATOM   501  C  CG1 . ILE A 1 62 ? -8.401  1.332   -15.447 1.00 25.39 ? 62  ILE A CG1 1 
ATOM   502  C  CG2 . ILE A 1 62 ? -7.850  1.796   -13.031 1.00 25.31 ? 62  ILE A CG2 1 
ATOM   503  C  CD1 . ILE A 1 62 ? -7.758  -0.028  -15.394 1.00 26.14 ? 62  ILE A CD1 1 
ATOM   504  N  N   . PRO A 1 63 ? -8.904  5.146   -12.607 1.00 28.31 ? 63  PRO A N   1 
ATOM   505  C  CA  . PRO A 1 63 ? -8.451  6.085   -11.585 1.00 27.16 ? 63  PRO A CA  1 
ATOM   506  C  C   . PRO A 1 63 ? -7.333  5.550   -10.695 1.00 26.38 ? 63  PRO A C   1 
ATOM   507  O  O   . PRO A 1 63 ? -7.371  4.405   -10.250 1.00 23.65 ? 63  PRO A O   1 
ATOM   508  C  CB  . PRO A 1 63 ? -9.710  6.332   -10.739 1.00 27.73 ? 63  PRO A CB  1 
ATOM   509  C  CG  . PRO A 1 63 ? -10.834 5.937   -11.572 1.00 27.80 ? 63  PRO A CG  1 
ATOM   510  C  CD  . PRO A 1 63 ? -10.349 4.885   -12.495 1.00 27.53 ? 63  PRO A CD  1 
ATOM   511  N  N   . PHE A 1 64 ? -6.349  6.391   -10.423 1.00 25.95 ? 64  PHE A N   1 
ATOM   512  C  CA  . PHE A 1 64 ? -5.263  5.995   -9.557  1.00 26.88 ? 64  PHE A CA  1 
ATOM   513  C  C   . PHE A 1 64 ? -4.649  7.200   -8.880  1.00 25.70 ? 64  PHE A C   1 
ATOM   514  O  O   . PHE A 1 64 ? -4.872  8.360   -9.255  1.00 22.81 ? 64  PHE A O   1 
ATOM   515  C  CB  . PHE A 1 64 ? -4.176  5.262   -10.377 1.00 29.93 ? 64  PHE A CB  1 
ATOM   516  C  CG  . PHE A 1 64 ? -3.480  6.148   -11.394 1.00 29.64 ? 64  PHE A CG  1 
ATOM   517  C  CD1 . PHE A 1 64 ? -4.027  6.338   -12.663 1.00 30.31 ? 64  PHE A CD1 1 
ATOM   518  C  CD2 . PHE A 1 64 ? -2.303  6.795   -11.076 1.00 29.50 ? 64  PHE A CD2 1 
ATOM   519  C  CE1 . PHE A 1 64 ? -3.408  7.182   -13.590 1.00 29.98 ? 64  PHE A CE1 1 
ATOM   520  C  CE2 . PHE A 1 64 ? -1.686  7.649   -11.992 1.00 29.86 ? 64  PHE A CE2 1 
ATOM   521  C  CZ  . PHE A 1 64 ? -2.240  7.841   -13.248 1.00 29.89 ? 64  PHE A CZ  1 
ATOM   522  N  N   . THR A 1 65 ? -3.855  6.923   -7.869  1.00 26.21 ? 65  THR A N   1 
ATOM   523  C  CA  . THR A 1 65 ? -2.941  7.928   -7.389  1.00 25.75 ? 65  THR A CA  1 
ATOM   524  C  C   . THR A 1 65 ? -1.577  7.322   -7.063  1.00 24.91 ? 65  THR A C   1 
ATOM   525  O  O   . THR A 1 65 ? -1.467  6.164   -6.626  1.00 22.82 ? 65  THR A O   1 
ATOM   526  C  CB  . THR A 1 65 ? -3.572  8.792   -6.256  1.00 27.45 ? 65  THR A CB  1 
ATOM   527  O  OG1 . THR A 1 65 ? -2.688  8.905   -5.146  1.00 29.02 ? 65  THR A OG1 1 
ATOM   528  C  CG2 . THR A 1 65 ? -4.783  8.203   -5.675  1.00 26.59 ? 65  THR A CG2 1 
ATOM   529  N  N   . VAL A 1 66 ? -0.551  8.117   -7.352  1.00 24.04 ? 66  VAL A N   1 
ATOM   530  C  CA  . VAL A 1 66 ? 0.846   7.737   -7.185  1.00 23.98 ? 66  VAL A CA  1 
ATOM   531  C  C   . VAL A 1 66 ? 1.366   8.257   -5.858  1.00 23.72 ? 66  VAL A C   1 
ATOM   532  O  O   . VAL A 1 66 ? 1.093   9.412   -5.466  1.00 23.90 ? 66  VAL A O   1 
ATOM   533  C  CB  . VAL A 1 66 ? 1.720   8.344   -8.304  1.00 25.26 ? 66  VAL A CB  1 
ATOM   534  C  CG1 . VAL A 1 66 ? 3.157   7.939   -8.148  1.00 25.42 ? 66  VAL A CG1 1 
ATOM   535  C  CG2 . VAL A 1 66 ? 1.187   7.960   -9.690  1.00 26.10 ? 66  VAL A CG2 1 
ATOM   536  N  N   . TYR A 1 67 ? 2.126   7.414   -5.163  1.00 24.75 ? 67  TYR A N   1 
ATOM   537  C  CA  . TYR A 1 67 ? 2.662   7.767   -3.868  1.00 26.92 ? 67  TYR A CA  1 
ATOM   538  C  C   . TYR A 1 67 ? 4.150   7.499   -3.902  1.00 28.04 ? 67  TYR A C   1 
ATOM   539  O  O   . TYR A 1 67 ? 4.573   6.414   -4.272  1.00 26.73 ? 67  TYR A O   1 
ATOM   540  C  CB  . TYR A 1 67 ? 2.027   6.924   -2.769  1.00 30.30 ? 67  TYR A CB  1 
ATOM   541  C  CG  . TYR A 1 67 ? 0.649   7.337   -2.341  1.00 30.00 ? 67  TYR A CG  1 
ATOM   542  C  CD1 . TYR A 1 67 ? -0.440  7.063   -3.146  1.00 30.83 ? 67  TYR A CD1 1 
ATOM   543  C  CD2 . TYR A 1 67 ? 0.429   7.972   -1.109  1.00 30.41 ? 67  TYR A CD2 1 
ATOM   544  C  CE1 . TYR A 1 67 ? -1.723  7.419   -2.758  1.00 31.62 ? 67  TYR A CE1 1 
ATOM   545  C  CE2 . TYR A 1 67 ? -0.865  8.343   -0.699  1.00 30.62 ? 67  TYR A CE2 1 
ATOM   546  C  CZ  . TYR A 1 67 ? -1.933  8.068   -1.549  1.00 31.39 ? 67  TYR A CZ  1 
ATOM   547  O  OH  . TYR A 1 67 ? -3.218  8.379   -1.216  1.00 31.31 ? 67  TYR A OH  1 
ATOM   548  N  N   . VAL A 1 68 ? 4.936   8.487   -3.482  1.00 28.22 ? 68  VAL A N   1 
ATOM   549  C  CA  . VAL A 1 68 ? 6.384   8.398   -3.587  1.00 29.18 ? 68  VAL A CA  1 
ATOM   550  C  C   . VAL A 1 68 ? 7.014   8.327   -2.197  1.00 30.07 ? 68  VAL A C   1 
ATOM   551  O  O   . VAL A 1 68 ? 6.439   8.805   -1.218  1.00 29.84 ? 68  VAL A O   1 
ATOM   552  C  CB  . VAL A 1 68 ? 6.938   9.578   -4.399  1.00 28.34 ? 68  VAL A CB  1 
ATOM   553  C  CG1 . VAL A 1 68 ? 6.470   9.471   -5.860  1.00 28.45 ? 68  VAL A CG1 1 
ATOM   554  C  CG2 . VAL A 1 68 ? 6.500   10.923  -3.801  1.00 28.16 ? 68  VAL A CG2 1 
ATOM   555  N  N   . GLU A 1 69 ? 8.189   7.724   -2.124  1.00 29.96 ? 69  GLU A N   1 
ATOM   556  C  CA  . GLU A 1 69 ? 8.896   7.563   -0.867  1.00 33.07 ? 69  GLU A CA  1 
ATOM   557  C  C   . GLU A 1 69 ? 9.285   8.904   -0.285  1.00 34.19 ? 69  GLU A C   1 
ATOM   558  O  O   . GLU A 1 69 ? 9.793   9.764   -0.996  1.00 34.73 ? 69  GLU A O   1 
ATOM   559  C  CB  . GLU A 1 69 ? 10.147  6.710   -1.053  1.00 32.42 ? 69  GLU A CB  1 
ATOM   560  C  CG  . GLU A 1 69 ? 10.893  6.498   0.237   1.00 33.15 ? 69  GLU A CG  1 
ATOM   561  C  CD  . GLU A 1 69 ? 11.802  5.283   0.219   1.00 33.13 ? 69  GLU A CD  1 
ATOM   562  O  OE1 . GLU A 1 69 ? 12.084  4.734   -0.861  1.00 33.35 ? 69  GLU A OE1 1 
ATOM   563  O  OE2 . GLU A 1 69 ? 12.237  4.882   1.304   1.00 33.59 ? 69  GLU A OE2 1 
ATOM   564  N  N   . GLU A 1 70 ? 9.021   9.069   1.010   1.00 36.05 ? 70  GLU A N   1 
ATOM   565  C  CA  . GLU A 1 70 ? 9.332   10.287  1.740   1.00 37.18 ? 70  GLU A CA  1 
ATOM   566  C  C   . GLU A 1 70 ? 10.360  10.060  2.845   1.00 37.48 ? 70  GLU A C   1 
ATOM   567  O  O   . GLU A 1 70 ? 10.942  11.011  3.339   1.00 40.14 ? 70  GLU A O   1 
ATOM   568  C  CB  . GLU A 1 70 ? 8.034   10.879  2.321   1.00 39.27 ? 70  GLU A CB  1 
ATOM   569  C  CG  . GLU A 1 70 ? 8.243   11.990  3.342   1.00 40.09 ? 70  GLU A CG  1 
ATOM   570  C  CD  . GLU A 1 70 ? 7.046   12.914  3.490   1.00 41.16 ? 70  GLU A CD  1 
ATOM   571  O  OE1 . GLU A 1 70 ? 6.654   13.547  2.473   1.00 43.45 ? 70  GLU A OE1 1 
ATOM   572  O  OE2 . GLU A 1 70 ? 6.526   13.040  4.630   1.00 42.01 ? 70  GLU A OE2 1 
ATOM   573  N  N   . GLY A 1 71 ? 10.579  8.808   3.244   1.00 36.78 ? 71  GLY A N   1 
ATOM   574  C  CA  . GLY A 1 71 ? 11.514  8.477   4.311   1.00 35.23 ? 71  GLY A CA  1 
ATOM   575  C  C   . GLY A 1 71 ? 11.138  7.177   5.005   1.00 33.92 ? 71  GLY A C   1 
ATOM   576  O  O   . GLY A 1 71 ? 10.121  6.558   4.681   1.00 33.67 ? 71  GLY A O   1 
ATOM   577  N  N   . GLY A 1 72 ? 11.951  6.766   5.970   1.00 33.93 ? 72  GLY A N   1 
ATOM   578  C  CA  . GLY A 1 72 ? 11.738  5.493   6.662   1.00 33.65 ? 72  GLY A CA  1 
ATOM   579  C  C   . GLY A 1 72 ? 12.379  5.449   8.031   1.00 33.15 ? 72  GLY A C   1 
ATOM   580  O  O   . GLY A 1 72 ? 12.768  6.477   8.565   1.00 34.17 ? 72  GLY A O   1 
ATOM   581  N  N   . SER A 1 73 ? 12.475  4.251   8.592   1.00 31.33 ? 73  SER A N   1 
ATOM   582  C  CA  . SER A 1 73 ? 13.097  4.040   9.894   1.00 32.24 ? 73  SER A CA  1 
ATOM   583  C  C   . SER A 1 73 ? 14.601  4.293   9.850   1.00 33.64 ? 73  SER A C   1 
ATOM   584  O  O   . SER A 1 73 ? 15.269  4.174   8.818   1.00 35.14 ? 73  SER A O   1 
ATOM   585  C  CB  . SER A 1 73 ? 12.815  2.623   10.399  1.00 30.18 ? 73  SER A CB  1 
ATOM   586  O  OG  . SER A 1 73 ? 12.714  1.706   9.325   1.00 29.27 ? 73  SER A OG  1 
ATOM   587  N  N   . LYS B 1 1  ? -4.119  11.332  3.579   1.00 36.60 ? 1   LYS B N   1 
ATOM   588  C  CA  . LYS B 1 1  ? -3.696  9.943   3.947   1.00 36.79 ? 1   LYS B CA  1 
ATOM   589  C  C   . LYS B 1 1  ? -2.259  9.664   3.531   1.00 36.30 ? 1   LYS B C   1 
ATOM   590  O  O   . LYS B 1 1  ? -1.871  9.915   2.400   1.00 37.38 ? 1   LYS B O   1 
ATOM   591  C  CB  . LYS B 1 1  ? -4.665  8.872   3.388   1.00 38.23 ? 1   LYS B CB  1 
ATOM   592  C  CG  . LYS B 1 1  ? -5.999  8.759   4.201   1.00 38.55 ? 1   LYS B CG  1 
ATOM   593  C  CD  . LYS B 1 1  ? -6.872  7.559   3.809   1.00 38.61 ? 1   LYS B CD  1 
ATOM   594  C  CE  . LYS B 1 1  ? -7.847  7.096   4.954   1.00 39.33 ? 1   LYS B CE  1 
ATOM   595  N  NZ  . LYS B 1 1  ? -7.295  6.044   5.958   1.00 38.71 ? 1   LYS B NZ  1 
ATOM   596  N  N   . THR B 1 2  ? -1.473  9.168   4.480   1.00 32.85 ? 2   THR B N   1 
ATOM   597  C  CA  . THR B 1 2  ? -0.117  8.746   4.253   1.00 31.25 ? 2   THR B CA  1 
ATOM   598  C  C   . THR B 1 2  ? -0.049  7.228   4.227   1.00 28.70 ? 2   THR B C   1 
ATOM   599  O  O   . THR B 1 2  ? -0.734  6.556   4.999   1.00 30.52 ? 2   THR B O   1 
ATOM   600  C  CB  . THR B 1 2  ? 0.745   9.294   5.396   1.00 32.28 ? 2   THR B CB  1 
ATOM   601  O  OG1 . THR B 1 2  ? 0.819   10.715  5.270   1.00 32.74 ? 2   THR B OG1 1 
ATOM   602  C  CG2 . THR B 1 2  ? 2.195   8.836   5.310   1.00 32.37 ? 2   THR B CG2 1 
ATOM   603  N  N   . ILE B 1 3  ? 0.794   6.683   3.364   1.00 27.35 ? 3   ILE B N   1 
ATOM   604  C  CA  . ILE B 1 3  ? 0.959   5.235   3.279   1.00 26.49 ? 3   ILE B CA  1 
ATOM   605  C  C   . ILE B 1 3  ? 2.192   4.795   4.028   1.00 24.76 ? 3   ILE B C   1 
ATOM   606  O  O   . ILE B 1 3  ? 3.258   5.330   3.822   1.00 24.32 ? 3   ILE B O   1 
ATOM   607  C  CB  . ILE B 1 3  ? 1.028   4.771   1.814   1.00 27.81 ? 3   ILE B CB  1 
ATOM   608  C  CG1 . ILE B 1 3  ? -0.319  4.976   1.128   1.00 27.58 ? 3   ILE B CG1 1 
ATOM   609  C  CG2 . ILE B 1 3  ? 1.425   3.300   1.743   1.00 28.69 ? 3   ILE B CG2 1 
ATOM   610  C  CD1 . ILE B 1 3  ? -0.349  4.539   -0.308  1.00 27.71 ? 3   ILE B CD1 1 
ATOM   611  N  N   . PHE B 1 4  ? 2.028   3.826   4.920   1.00 25.92 ? 4   PHE B N   1 
ATOM   612  C  CA  . PHE B 1 4  ? 3.159   3.172   5.579   1.00 25.96 ? 4   PHE B CA  1 
ATOM   613  C  C   . PHE B 1 4  ? 3.276   1.782   4.975   1.00 24.88 ? 4   PHE B C   1 
ATOM   614  O  O   . PHE B 1 4  ? 2.277   1.119   4.796   1.00 23.51 ? 4   PHE B O   1 
ATOM   615  C  CB  . PHE B 1 4  ? 2.930   3.023   7.097   1.00 28.30 ? 4   PHE B CB  1 
ATOM   616  C  CG  . PHE B 1 4  ? 3.118   4.300   7.898   1.00 27.86 ? 4   PHE B CG  1 
ATOM   617  C  CD1 . PHE B 1 4  ? 2.283   5.388   7.706   1.00 27.71 ? 4   PHE B CD1 1 
ATOM   618  C  CD2 . PHE B 1 4  ? 4.104   4.377   8.869   1.00 28.73 ? 4   PHE B CD2 1 
ATOM   619  C  CE1 . PHE B 1 4  ? 2.450   6.537   8.426   1.00 28.25 ? 4   PHE B CE1 1 
ATOM   620  C  CE2 . PHE B 1 4  ? 4.285   5.530   9.620   1.00 28.54 ? 4   PHE B CE2 1 
ATOM   621  C  CZ  . PHE B 1 4  ? 3.456   6.617   9.393   1.00 28.93 ? 4   PHE B CZ  1 
ATOM   622  N  N   . VAL B 1 5  ? 4.499   1.372   4.646   1.00 24.58 ? 5   VAL B N   1 
ATOM   623  C  CA  . VAL B 1 5  ? 4.813   0.012   4.210   1.00 24.74 ? 5   VAL B CA  1 
ATOM   624  C  C   . VAL B 1 5  ? 5.667   -0.537  5.344   1.00 24.08 ? 5   VAL B C   1 
ATOM   625  O  O   . VAL B 1 5  ? 6.815   -0.103  5.515   1.00 27.70 ? 5   VAL B O   1 
ATOM   626  C  CB  . VAL B 1 5  ? 5.612   -0.029  2.889   1.00 21.61 ? 5   VAL B CB  1 
ATOM   627  C  CG1 . VAL B 1 5  ? 5.878   -1.477  2.452   1.00 22.24 ? 5   VAL B CG1 1 
ATOM   628  C  CG2 . VAL B 1 5  ? 4.904   0.710   1.789   1.00 21.43 ? 5   VAL B CG2 1 
ATOM   629  N  N   . ILE B 1 6  ? 5.087   -1.425  6.146   1.00 25.13 ? 6   ILE B N   1 
ATOM   630  C  CA  . ILE B 1 6  ? 5.728   -1.947  7.349   1.00 27.38 ? 6   ILE B CA  1 
ATOM   631  C  C   . ILE B 1 6  ? 6.310   -3.333  7.039   1.00 27.22 ? 6   ILE B C   1 
ATOM   632  O  O   . ILE B 1 6  ? 5.675   -4.137  6.356   1.00 27.05 ? 6   ILE B O   1 
ATOM   633  C  CB  . ILE B 1 6  ? 4.713   -2.053  8.544   1.00 29.95 ? 6   ILE B CB  1 
ATOM   634  C  CG1 . ILE B 1 6  ? 3.799   -0.825  8.668   1.00 32.06 ? 6   ILE B CG1 1 
ATOM   635  C  CG2 . ILE B 1 6  ? 5.443   -2.214  9.848   1.00 30.02 ? 6   ILE B CG2 1 
ATOM   636  C  CD1 . ILE B 1 6  ? 4.545   0.496   8.803   1.00 32.86 ? 6   ILE B CD1 1 
ATOM   637  N  N   . VAL B 1 7  ? 7.517   -3.622  7.521   1.00 28.27 ? 7   VAL B N   1 
ATOM   638  C  CA  . VAL B 1 7  ? 8.020   -4.989  7.411   1.00 27.35 ? 7   VAL B CA  1 
ATOM   639  C  C   . VAL B 1 7  ? 8.567   -5.508  8.745   1.00 26.61 ? 7   VAL B C   1 
ATOM   640  O  O   . VAL B 1 7  ? 9.725   -5.267  9.122   1.00 27.02 ? 7   VAL B O   1 
ATOM   641  C  CB  . VAL B 1 7  ? 8.882   -5.250  6.100   1.00 29.49 ? 7   VAL B CB  1 
ATOM   642  C  CG1 . VAL B 1 7  ? 9.192   -3.949  5.332   1.00 29.49 ? 7   VAL B CG1 1 
ATOM   643  C  CG2 . VAL B 1 7  ? 10.087  -6.096  6.348   1.00 29.49 ? 7   VAL B CG2 1 
ATOM   644  N  N   . PRO B 1 8  ? 7.688   -6.226  9.456   1.00 23.38 ? 8   PRO B N   1 
ATOM   645  C  CA  . PRO B 1 8  ? 7.987   -6.742  10.773  1.00 23.66 ? 8   PRO B CA  1 
ATOM   646  C  C   . PRO B 1 8  ? 9.094   -7.787  10.702  1.00 24.35 ? 8   PRO B C   1 
ATOM   647  O  O   . PRO B 1 8  ? 9.109   -8.622  9.785   1.00 24.25 ? 8   PRO B O   1 
ATOM   648  C  CB  . PRO B 1 8  ? 6.661   -7.378  11.211  1.00 22.02 ? 8   PRO B CB  1 
ATOM   649  C  CG  . PRO B 1 8  ? 5.984   -7.738  9.974   1.00 21.87 ? 8   PRO B CG  1 
ATOM   650  C  CD  . PRO B 1 8  ? 6.334   -6.639  9.020   1.00 22.09 ? 8   PRO B CD  1 
ATOM   651  N  N   . THR B 1 9  ? 10.028  -7.719  11.650  1.00 24.60 ? 9   THR B N   1 
ATOM   652  C  CA  . THR B 1 9  ? 11.233  -8.567  11.600  1.00 24.13 ? 9   THR B CA  1 
ATOM   653  C  C   . THR B 1 9  ? 11.093  -9.905  12.329  1.00 23.40 ? 9   THR B C   1 
ATOM   654  O  O   . THR B 1 9  ? 11.929  -10.799 12.149  1.00 23.45 ? 9   THR B O   1 
ATOM   655  C  CB  . THR B 1 9  ? 12.456  -7.815  12.219  1.00 26.71 ? 9   THR B CB  1 
ATOM   656  O  OG1 . THR B 1 9  ? 12.368  -7.855  13.630  1.00 26.38 ? 9   THR B OG1 1 
ATOM   657  C  CG2 . THR B 1 9  ? 12.452  -6.318  11.911  1.00 26.70 ? 9   THR B CG2 1 
ATOM   658  N  N   . ASN B 1 10 ? 10.063  -10.028 13.165  1.00 21.93 ? 10  ASN B N   1 
ATOM   659  C  CA  . ASN B 1 10 ? 9.838   -11.223 13.980  1.00 22.32 ? 10  ASN B CA  1 
ATOM   660  C  C   . ASN B 1 10 ? 8.347   -11.405 14.278  1.00 22.65 ? 10  ASN B C   1 
ATOM   661  O  O   . ASN B 1 10 ? 7.541   -10.564 13.853  1.00 22.94 ? 10  ASN B O   1 
ATOM   662  C  CB  . ASN B 1 10 ? 10.676  -11.170 15.279  1.00 19.58 ? 10  ASN B CB  1 
ATOM   663  C  CG  . ASN B 1 10 ? 10.322  -9.997  16.195  1.00 18.61 ? 10  ASN B CG  1 
ATOM   664  O  OD1 . ASN B 1 10 ? 11.175  -9.510  16.932  1.00 19.82 ? 10  ASN B OD1 1 
ATOM   665  N  ND2 . ASN B 1 10 ? 9.085   -9.574  16.187  1.00 16.40 ? 10  ASN B ND2 1 
ATOM   666  N  N   . GLU B 1 11 ? 7.995   -12.492 14.981  1.00 22.71 ? 11  GLU B N   1 
ATOM   667  C  CA  . GLU B 1 11 ? 6.588   -12.834 15.307  1.00 23.35 ? 11  GLU B CA  1 
ATOM   668  C  C   . GLU B 1 11 ? 5.944   -11.884 16.312  1.00 22.53 ? 11  GLU B C   1 
ATOM   669  O  O   . GLU B 1 11 ? 4.731   -11.715 16.304  1.00 21.78 ? 11  GLU B O   1 
ATOM   670  C  CB  . GLU B 1 11 ? 6.446   -14.261 15.882  1.00 25.52 ? 11  GLU B CB  1 
ATOM   671  C  CG  . GLU B 1 11 ? 6.886   -15.420 14.991  1.00 27.91 ? 11  GLU B CG  1 
ATOM   672  C  CD  . GLU B 1 11 ? 6.111   -15.555 13.683  1.00 29.35 ? 11  GLU B CD  1 
ATOM   673  O  OE1 . GLU B 1 11 ? 4.962   -15.053 13.553  1.00 30.70 ? 11  GLU B OE1 1 
ATOM   674  O  OE2 . GLU B 1 11 ? 6.674   -16.183 12.756  1.00 31.30 ? 11  GLU B OE2 1 
ATOM   675  N  N   . GLU B 1 12 ? 6.746   -11.309 17.200  1.00 20.85 ? 12  GLU B N   1 
ATOM   676  C  CA  . GLU B 1 12 ? 6.262   -10.340 18.198  1.00 22.47 ? 12  GLU B CA  1 
ATOM   677  C  C   . GLU B 1 12 ? 5.659   -9.110  17.511  1.00 23.22 ? 12  GLU B C   1 
ATOM   678  O  O   . GLU B 1 12 ? 4.615   -8.593  17.929  1.00 24.63 ? 12  GLU B O   1 
ATOM   679  C  CB  A GLU B 1 12 ? 7.385   -9.870  19.123  0.50 24.71 ? 12  GLU B CB  1 
ATOM   680  C  CB  B GLU B 1 12 ? 7.432   -9.943  19.124  0.50 19.26 ? 12  GLU B CB  1 
ATOM   681  C  CG  A GLU B 1 12 ? 7.726   -10.835 20.245  0.50 26.10 ? 12  GLU B CG  1 
ATOM   682  C  CG  B GLU B 1 12 ? 8.135   -11.119 19.835  0.50 18.16 ? 12  GLU B CG  1 
ATOM   683  C  CD  A GLU B 1 12 ? 6.907   -10.612 21.504  0.50 26.63 ? 12  GLU B CD  1 
ATOM   684  C  CD  B GLU B 1 12 ? 9.490   -11.579 19.246  0.50 16.44 ? 12  GLU B CD  1 
ATOM   685  O  OE1 A GLU B 1 12 ? 6.369   -9.490  21.667  0.50 26.60 ? 12  GLU B OE1 1 
ATOM   686  O  OE1 B GLU B 1 12 ? 10.587  -11.325 19.885  0.50 12.10 ? 12  GLU B OE1 1 
ATOM   687  O  OE2 A GLU B 1 12 ? 6.820   -11.559 22.323  0.50 26.29 ? 12  GLU B OE2 1 
ATOM   688  O  OE2 B GLU B 1 12 ? 9.448   -12.239 18.184  0.50 13.28 ? 12  GLU B OE2 1 
ATOM   689  N  N   . GLN B 1 13 ? 6.321   -8.665  16.442  1.00 23.65 ? 13  GLN B N   1 
ATOM   690  C  CA  . GLN B 1 13 ? 5.893   -7.501  15.662  1.00 22.93 ? 13  GLN B CA  1 
ATOM   691  C  C   . GLN B 1 13 ? 4.703   -7.812  14.769  1.00 23.43 ? 13  GLN B C   1 
ATOM   692  O  O   . GLN B 1 13 ? 3.875   -6.953  14.569  1.00 20.64 ? 13  GLN B O   1 
ATOM   693  C  CB  . GLN B 1 13 ? 7.064   -6.958  14.830  1.00 22.82 ? 13  GLN B CB  1 
ATOM   694  C  CG  . GLN B 1 13 ? 8.204   -6.403  15.732  1.00 23.05 ? 13  GLN B CG  1 
ATOM   695  C  CD  . GLN B 1 13 ? 9.415   -5.916  14.961  1.00 23.07 ? 13  GLN B CD  1 
ATOM   696  O  OE1 . GLN B 1 13 ? 9.417   -5.923  13.737  1.00 25.28 ? 13  GLN B OE1 1 
ATOM   697  N  NE2 . GLN B 1 13 ? 10.438  -5.486  15.673  1.00 22.97 ? 13  GLN B NE2 1 
ATOM   698  N  N   . VAL B 1 14 ? 4.646   -9.035  14.221  1.00 25.34 ? 14  VAL B N   1 
ATOM   699  C  CA  . VAL B 1 14 ? 3.470   -9.542  13.504  1.00 24.45 ? 14  VAL B CA  1 
ATOM   700  C  C   . VAL B 1 14 ? 2.241   -9.557  14.435  1.00 24.39 ? 14  VAL B C   1 
ATOM   701  O  O   . VAL B 1 14 ? 1.179   -9.116  14.047  1.00 23.78 ? 14  VAL B O   1 
ATOM   702  C  CB  . VAL B 1 14 ? 3.719   -10.957 12.915  1.00 23.97 ? 14  VAL B CB  1 
ATOM   703  C  CG1 . VAL B 1 14 ? 2.443   -11.556 12.248  1.00 23.43 ? 14  VAL B CG1 1 
ATOM   704  C  CG2 . VAL B 1 14 ? 4.864   -10.922 11.899  1.00 24.55 ? 14  VAL B CG2 1 
ATOM   705  N  N   . ALA B 1 15 ? 2.426   -10.057 15.657  1.00 25.51 ? 15  ALA B N   1 
ATOM   706  C  CA  . ALA B 1 15 ? 1.386   -10.088 16.688  1.00 25.51 ? 15  ALA B CA  1 
ATOM   707  C  C   . ALA B 1 15 ? 0.918   -8.698  17.138  1.00 25.18 ? 15  ALA B C   1 
ATOM   708  O  O   . ALA B 1 15 ? -0.282  -8.467  17.315  1.00 22.52 ? 15  ALA B O   1 
ATOM   709  C  CB  . ALA B 1 15 ? 1.892   -10.874 17.886  1.00 25.48 ? 15  ALA B CB  1 
ATOM   710  N  N   . PHE B 1 16 ? 1.865   -7.785  17.354  1.00 24.64 ? 16  PHE B N   1 
ATOM   711  C  CA  . PHE B 1 16 ? 1.531   -6.383  17.644  1.00 25.71 ? 16  PHE B CA  1 
ATOM   712  C  C   . PHE B 1 16 ? 0.645   -5.774  16.542  1.00 25.46 ? 16  PHE B C   1 
ATOM   713  O  O   . PHE B 1 16 ? -0.383  -5.167  16.824  1.00 24.71 ? 16  PHE B O   1 
ATOM   714  C  CB  . PHE B 1 16 ? 2.801   -5.519  17.807  1.00 25.53 ? 16  PHE B CB  1 
ATOM   715  C  CG  . PHE B 1 16 ? 2.505   -4.067  17.981  1.00 25.28 ? 16  PHE B CG  1 
ATOM   716  C  CD1 . PHE B 1 16 ? 2.059   -3.589  19.197  1.00 25.30 ? 16  PHE B CD1 1 
ATOM   717  C  CD2 . PHE B 1 16 ? 2.622   -3.180  16.919  1.00 26.85 ? 16  PHE B CD2 1 
ATOM   718  C  CE1 . PHE B 1 16 ? 1.756   -2.243  19.365  1.00 25.61 ? 16  PHE B CE1 1 
ATOM   719  C  CE2 . PHE B 1 16 ? 2.309   -1.797  17.082  1.00 25.68 ? 16  PHE B CE2 1 
ATOM   720  C  CZ  . PHE B 1 16 ? 1.875   -1.347  18.295  1.00 25.58 ? 16  PHE B CZ  1 
ATOM   721  N  N   . LEU B 1 17 ? 1.044   -5.969  15.286  1.00 25.91 ? 17  LEU B N   1 
ATOM   722  C  CA  . LEU B 1 17 ? 0.291   -5.421  14.140  1.00 24.15 ? 17  LEU B CA  1 
ATOM   723  C  C   . LEU B 1 17 ? -1.097  -6.042  13.959  1.00 24.86 ? 17  LEU B C   1 
ATOM   724  O  O   . LEU B 1 17 ? -2.056  -5.337  13.633  1.00 24.62 ? 17  LEU B O   1 
ATOM   725  C  CB  . LEU B 1 17 ? 1.112   -5.548  12.870  1.00 23.67 ? 17  LEU B CB  1 
ATOM   726  C  CG  . LEU B 1 17 ? 2.423   -4.756  12.820  1.00 23.45 ? 17  LEU B CG  1 
ATOM   727  C  CD1 . LEU B 1 17 ? 3.179   -5.127  11.592  1.00 24.43 ? 17  LEU B CD1 1 
ATOM   728  C  CD2 . LEU B 1 17 ? 2.177   -3.269  12.796  1.00 24.03 ? 17  LEU B CD2 1 
ATOM   729  N  N   . GLU B 1 18 ? -1.223  -7.342  14.213  1.00 25.89 ? 18  GLU B N   1 
ATOM   730  C  CA  . GLU B 1 18 ? -2.537  -8.008  14.178  1.00 28.47 ? 18  GLU B CA  1 
ATOM   731  C  C   . GLU B 1 18 ? -3.474  -7.475  15.252  1.00 27.94 ? 18  GLU B C   1 
ATOM   732  O  O   . GLU B 1 18 ? -4.662  -7.276  15.013  1.00 27.37 ? 18  GLU B O   1 
ATOM   733  C  CB  . GLU B 1 18 ? -2.369  -9.524  14.362  1.00 30.46 ? 18  GLU B CB  1 
ATOM   734  C  CG  . GLU B 1 18 ? -1.638  -10.137 13.181  1.00 32.13 ? 18  GLU B CG  1 
ATOM   735  C  CD  . GLU B 1 18 ? -1.602  -11.650 13.184  1.00 32.81 ? 18  GLU B CD  1 
ATOM   736  O  OE1 . GLU B 1 18 ? -1.151  -12.233 14.191  1.00 33.88 ? 18  GLU B OE1 1 
ATOM   737  O  OE2 . GLU B 1 18 ? -1.999  -12.243 12.155  1.00 34.34 ? 18  GLU B OE2 1 
ATOM   738  N  N   . ALA B 1 19 ? -2.927  -7.269  16.449  1.00 26.39 ? 19  ALA B N   1 
ATOM   739  C  CA  . ALA B 1 19 ? -3.683  -6.702  17.538  1.00 24.80 ? 19  ALA B CA  1 
ATOM   740  C  C   . ALA B 1 19 ? -4.150  -5.274  17.172  1.00 24.01 ? 19  ALA B C   1 
ATOM   741  O  O   . ALA B 1 19 ? -5.320  -4.934  17.331  1.00 22.04 ? 19  ALA B O   1 
ATOM   742  C  CB  . ALA B 1 19 ? -2.846  -6.704  18.811  1.00 23.20 ? 19  ALA B CB  1 
ATOM   743  N  N   . LEU B 1 20 ? -3.217  -4.474  16.675  1.00 24.23 ? 20  LEU B N   1 
ATOM   744  C  CA  . LEU B 1 20 ? -3.463  -3.076  16.257  1.00 24.52 ? 20  LEU B CA  1 
ATOM   745  C  C   . LEU B 1 20 ? -4.540  -2.918  15.181  1.00 23.93 ? 20  LEU B C   1 
ATOM   746  O  O   . LEU B 1 20 ? -5.312  -1.942  15.175  1.00 23.46 ? 20  LEU B O   1 
ATOM   747  C  CB  . LEU B 1 20 ? -2.155  -2.499  15.711  1.00 24.10 ? 20  LEU B CB  1 
ATOM   748  C  CG  . LEU B 1 20 ? -2.107  -0.998  15.489  1.00 24.06 ? 20  LEU B CG  1 
ATOM   749  C  CD1 . LEU B 1 20 ? -2.193  -0.253  16.787  1.00 24.18 ? 20  LEU B CD1 1 
ATOM   750  C  CD2 . LEU B 1 20 ? -0.828  -0.643  14.783  1.00 24.95 ? 20  LEU B CD2 1 
ATOM   751  N  N   . ALA B 1 21 ? -4.565  -3.880  14.268  1.00 22.84 ? 21  ALA B N   1 
ATOM   752  C  CA  . ALA B 1 21 ? -5.491  -3.864  13.154  1.00 23.88 ? 21  ALA B CA  1 
ATOM   753  C  C   . ALA B 1 21 ? -6.909  -4.168  13.643  1.00 22.61 ? 21  ALA B C   1 
ATOM   754  O  O   . ALA B 1 21 ? -7.845  -3.988  12.915  1.00 20.82 ? 21  ALA B O   1 
ATOM   755  C  CB  . ALA B 1 21 ? -5.040  -4.894  12.069  1.00 23.91 ? 21  ALA B CB  1 
ATOM   756  N  N   . LYS B 1 22 ? -7.047  -4.645  14.883  1.00 22.66 ? 22  LYS B N   1 
ATOM   757  C  CA  . LYS B 1 22 ? -8.351  -4.867  15.485  1.00 21.19 ? 22  LYS B CA  1 
ATOM   758  C  C   . LYS B 1 22 ? -9.020  -3.575  15.981  1.00 21.98 ? 22  LYS B C   1 
ATOM   759  O  O   . LYS B 1 22 ? -10.229 -3.550  16.255  1.00 19.85 ? 22  LYS B O   1 
ATOM   760  C  CB  . LYS B 1 22 ? -8.234  -5.890  16.607  1.00 20.51 ? 22  LYS B CB  1 
ATOM   761  C  CG  . LYS B 1 22 ? -7.835  -7.279  16.113  1.00 20.11 ? 22  LYS B CG  1 
ATOM   762  C  CD  . LYS B 1 22 ? -7.579  -8.199  17.288  1.00 20.89 ? 22  LYS B CD  1 
ATOM   763  C  CE  . LYS B 1 22 ? -7.190  -9.589  16.867  1.00 21.55 ? 22  LYS B CE  1 
ATOM   764  N  NZ  . LYS B 1 22 ? -7.249  -10.506 18.023  1.00 22.14 ? 22  LYS B NZ  1 
ATOM   765  N  N   . GLN B 1 23 ? -8.243  -2.499  16.051  1.00 22.75 ? 23  GLN B N   1 
ATOM   766  C  CA  . GLN B 1 23 ? -8.699  -1.241  16.629  1.00 23.87 ? 23  GLN B CA  1 
ATOM   767  C  C   . GLN B 1 23 ? -9.260  -0.302  15.564  1.00 23.63 ? 23  GLN B C   1 
ATOM   768  O  O   . GLN B 1 23 ? -8.546  0.545   15.019  1.00 23.73 ? 23  GLN B O   1 
ATOM   769  C  CB  . GLN B 1 23 ? -7.540  -0.562  17.353  1.00 25.00 ? 23  GLN B CB  1 
ATOM   770  C  CG  . GLN B 1 23 ? -6.813  -1.451  18.358  1.00 25.77 ? 23  GLN B CG  1 
ATOM   771  C  CD  . GLN B 1 23 ? -7.728  -2.003  19.412  1.00 26.83 ? 23  GLN B CD  1 
ATOM   772  O  OE1 . GLN B 1 23 ? -7.518  -3.128  19.891  1.00 30.26 ? 23  GLN B OE1 1 
ATOM   773  N  NE2 . GLN B 1 23 ? -8.747  -1.243  19.778  1.00 26.31 ? 23  GLN B NE2 1 
ATOM   774  N  N   . ASP B 1 24 ? -10.548 -0.443  15.286  1.00 23.10 ? 24  ASP B N   1 
ATOM   775  C  CA  . ASP B 1 24 ? -11.201 0.331   14.226  1.00 24.73 ? 24  ASP B CA  1 
ATOM   776  C  C   . ASP B 1 24 ? -11.209 1.836   14.522  1.00 23.17 ? 24  ASP B C   1 
ATOM   777  O  O   . ASP B 1 24 ? -11.297 2.654   13.620  1.00 21.28 ? 24  ASP B O   1 
ATOM   778  C  CB  . ASP B 1 24 ? -12.654 -0.152  14.033  1.00 26.60 ? 24  ASP B CB  1 
ATOM   779  C  CG  . ASP B 1 24 ? -12.739 -1.592  13.602  1.00 27.65 ? 24  ASP B CG  1 
ATOM   780  O  OD1 . ASP B 1 24 ? -11.734 -2.157  13.121  1.00 28.77 ? 24  ASP B OD1 1 
ATOM   781  O  OD2 . ASP B 1 24 ? -13.777 -2.254  13.699  1.00 29.94 ? 24  ASP B OD2 1 
ATOM   782  N  N   . GLU B 1 25 ? -11.104 2.183   15.796  1.00 23.33 ? 25  GLU B N   1 
ATOM   783  C  CA  . GLU B 1 25 ? -11.186 3.559   16.236  1.00 23.54 ? 25  GLU B CA  1 
ATOM   784  C  C   . GLU B 1 25 ? -9.950  4.352   15.823  1.00 23.20 ? 25  GLU B C   1 
ATOM   785  O  O   . GLU B 1 25 ? -9.971  5.566   15.849  1.00 23.76 ? 25  GLU B O   1 
ATOM   786  C  CB  . GLU B 1 25 ? -11.364 3.620   17.755  1.00 25.04 ? 25  GLU B CB  1 
ATOM   787  C  CG  . GLU B 1 25 ? -12.479 2.725   18.288  1.00 26.16 ? 25  GLU B CG  1 
ATOM   788  C  CD  . GLU B 1 25 ? -12.044 1.290   18.586  1.00 26.85 ? 25  GLU B CD  1 
ATOM   789  O  OE1 . GLU B 1 25 ? -10.996 0.831   18.104  1.00 24.93 ? 25  GLU B OE1 1 
ATOM   790  O  OE2 . GLU B 1 25 ? -12.786 0.608   19.320  1.00 29.82 ? 25  GLU B OE2 1 
ATOM   791  N  N   . LEU B 1 26 ? -8.872  3.682   15.444  1.00 23.08 ? 26  LEU B N   1 
ATOM   792  C  CA  . LEU B 1 26 ? -7.706  4.389   14.915  1.00 24.18 ? 26  LEU B CA  1 
ATOM   793  C  C   . LEU B 1 26 ? -7.974  4.938   13.503  1.00 26.05 ? 26  LEU B C   1 
ATOM   794  O  O   . LEU B 1 26 ? -7.289  5.869   13.055  1.00 25.93 ? 26  LEU B O   1 
ATOM   795  C  CB  . LEU B 1 26 ? -6.469  3.483   14.930  1.00 23.34 ? 26  LEU B CB  1 
ATOM   796  C  CG  . LEU B 1 26 ? -6.002  2.959   16.303  1.00 24.25 ? 26  LEU B CG  1 
ATOM   797  C  CD1 . LEU B 1 26 ? -4.722  2.116   16.208  1.00 24.11 ? 26  LEU B CD1 1 
ATOM   798  C  CD2 . LEU B 1 26 ? -5.789  4.107   17.272  1.00 24.10 ? 26  LEU B CD2 1 
ATOM   799  N  N   . ASN B 1 27 ? -8.974  4.366   12.817  1.00 27.73 ? 27  ASN B N   1 
ATOM   800  C  CA  . ASN B 1 27 ? -9.329  4.751   11.442  1.00 26.87 ? 27  ASN B CA  1 
ATOM   801  C  C   . ASN B 1 27 ? -8.198  4.503   10.450  1.00 25.88 ? 27  ASN B C   1 
ATOM   802  O  O   . ASN B 1 27 ? -8.028  5.262   9.500   1.00 23.33 ? 27  ASN B O   1 
ATOM   803  C  CB  . ASN B 1 27 ? -9.778  6.217   11.374  1.00 30.09 ? 27  ASN B CB  1 
ATOM   804  C  CG  . ASN B 1 27 ? -11.019 6.472   12.180  1.00 32.46 ? 27  ASN B CG  1 
ATOM   805  O  OD1 . ASN B 1 27 ? -10.977 7.166   13.199  1.00 34.70 ? 27  ASN B OD1 1 
ATOM   806  N  ND2 . ASN B 1 27 ? -12.144 5.907   11.738  1.00 33.13 ? 27  ASN B ND2 1 
ATOM   807  N  N   . PHE B 1 28 ? -7.437  3.430   10.681  1.00 24.61 ? 28  PHE B N   1 
ATOM   808  C  CA  . PHE B 1 28 ? -6.370  3.016   9.791   1.00 24.99 ? 28  PHE B CA  1 
ATOM   809  C  C   . PHE B 1 28 ? -6.974  2.105   8.749   1.00 26.62 ? 28  PHE B C   1 
ATOM   810  O  O   . PHE B 1 28 ? -7.831  1.285   9.034   1.00 24.85 ? 28  PHE B O   1 
ATOM   811  C  CB  . PHE B 1 28 ? -5.305  2.203   10.521  1.00 24.69 ? 28  PHE B CB  1 
ATOM   812  C  CG  . PHE B 1 28 ? -4.379  2.997   11.409  1.00 23.89 ? 28  PHE B CG  1 
ATOM   813  C  CD1 . PHE B 1 28 ? -4.633  4.316   11.768  1.00 24.46 ? 28  PHE B CD1 1 
ATOM   814  C  CD2 . PHE B 1 28 ? -3.256  2.385   11.920  1.00 24.87 ? 28  PHE B CD2 1 
ATOM   815  C  CE1 . PHE B 1 28 ? -3.769  5.010   12.601  1.00 23.92 ? 28  PHE B CE1 1 
ATOM   816  C  CE2 . PHE B 1 28 ? -2.388  3.079   12.760  1.00 24.44 ? 28  PHE B CE2 1 
ATOM   817  C  CZ  . PHE B 1 28 ? -2.656  4.388   13.103  1.00 24.44 ? 28  PHE B CZ  1 
ATOM   818  N  N   . ASP B 1 29 ? -6.464  2.214   7.541   1.00 28.21 ? 29  ASP B N   1 
ATOM   819  C  CA  . ASP B 1 29 ? -6.953  1.450   6.430   1.00 29.07 ? 29  ASP B CA  1 
ATOM   820  C  C   . ASP B 1 29 ? -5.918  0.402   6.030   1.00 28.20 ? 29  ASP B C   1 
ATOM   821  O  O   . ASP B 1 29 ? -4.988  0.699   5.296   1.00 27.60 ? 29  ASP B O   1 
ATOM   822  C  CB  . ASP B 1 29 ? -7.173  2.429   5.293   1.00 32.94 ? 29  ASP B CB  1 
ATOM   823  C  CG  . ASP B 1 29 ? -8.339  2.100   4.495   1.00 34.42 ? 29  ASP B CG  1 
ATOM   824  O  OD1 . ASP B 1 29 ? -8.372  0.985   3.917   1.00 34.77 ? 29  ASP B OD1 1 
ATOM   825  O  OD2 . ASP B 1 29 ? -9.278  2.913   4.406   1.00 36.95 ? 29  ASP B OD2 1 
ATOM   826  N  N   . TRP B 1 30 ? -6.087  -0.825  6.508   1.00 27.57 ? 30  TRP B N   1 
ATOM   827  C  CA  . TRP B 1 30 ? -5.147  -1.889  6.233   1.00 27.32 ? 30  TRP B CA  1 
ATOM   828  C  C   . TRP B 1 30 ? -5.406  -2.473  4.850   1.00 27.27 ? 30  TRP B C   1 
ATOM   829  O  O   . TRP B 1 30 ? -6.463  -3.037  4.594   1.00 27.97 ? 30  TRP B O   1 
ATOM   830  C  CB  . TRP B 1 30 ? -5.265  -2.988  7.299   1.00 26.95 ? 30  TRP B CB  1 
ATOM   831  C  CG  . TRP B 1 30 ? -4.902  -2.515  8.657   1.00 26.73 ? 30  TRP B CG  1 
ATOM   832  C  CD1 . TRP B 1 30 ? -5.604  -1.632  9.430   1.00 26.62 ? 30  TRP B CD1 1 
ATOM   833  C  CD2 . TRP B 1 30 ? -3.723  -2.851  9.404   1.00 26.82 ? 30  TRP B CD2 1 
ATOM   834  N  NE1 . TRP B 1 30 ? -4.938  -1.405  10.608  1.00 26.53 ? 30  TRP B NE1 1 
ATOM   835  C  CE2 . TRP B 1 30 ? -3.782  -2.143  10.620  1.00 26.31 ? 30  TRP B CE2 1 
ATOM   836  C  CE3 . TRP B 1 30 ? -2.610  -3.680  9.164   1.00 26.74 ? 30  TRP B CE3 1 
ATOM   837  C  CZ2 . TRP B 1 30 ? -2.795  -2.252  11.597  1.00 26.78 ? 30  TRP B CZ2 1 
ATOM   838  C  CZ3 . TRP B 1 30 ? -1.636  -3.781  10.127  1.00 26.81 ? 30  TRP B CZ3 1 
ATOM   839  C  CH2 . TRP B 1 30 ? -1.727  -3.070  11.331  1.00 26.55 ? 30  TRP B CH2 1 
ATOM   840  N  N   . GLN B 1 31 ? -4.433  -2.349  3.956   1.00 27.26 ? 31  GLN B N   1 
ATOM   841  C  CA  . GLN B 1 31 ? -4.586  -2.851  2.596   1.00 27.64 ? 31  GLN B CA  1 
ATOM   842  C  C   . GLN B 1 31 ? -4.323  -4.350  2.495   1.00 26.47 ? 31  GLN B C   1 
ATOM   843  O  O   . GLN B 1 31 ? -4.895  -5.004  1.647   1.00 27.05 ? 31  GLN B O   1 
ATOM   844  C  CB  . GLN B 1 31 ? -3.686  -2.083  1.616   1.00 28.61 ? 31  GLN B CB  1 
ATOM   845  C  CG  . GLN B 1 31 ? -4.033  -0.626  1.470   1.00 29.35 ? 31  GLN B CG  1 
ATOM   846  C  CD  . GLN B 1 31 ? -5.447  -0.435  1.008   1.00 30.46 ? 31  GLN B CD  1 
ATOM   847  O  OE1 . GLN B 1 31 ? -5.825  -0.932  -0.051  1.00 31.54 ? 31  GLN B OE1 1 
ATOM   848  N  NE2 . GLN B 1 31 ? -6.251  0.254   1.810   1.00 31.33 ? 31  GLN B NE2 1 
ATOM   849  N  N   . ASN B 1 32 ? -3.441  -4.889  3.325   1.00 26.83 ? 32  ASN B N   1 
ATOM   850  C  CA  . ASN B 1 32 ? -3.325  -6.340  3.503   1.00 28.03 ? 32  ASN B CA  1 
ATOM   851  C  C   . ASN B 1 32 ? -2.975  -6.626  4.967   1.00 28.49 ? 32  ASN B C   1 
ATOM   852  O  O   . ASN B 1 32 ? -2.479  -5.735  5.657   1.00 28.33 ? 32  ASN B O   1 
ATOM   853  C  CB  . ASN B 1 32 ? -2.283  -6.952  2.548   1.00 29.93 ? 32  ASN B CB  1 
ATOM   854  C  CG  . ASN B 1 32 ? -0.882  -6.422  2.791   1.00 31.03 ? 32  ASN B CG  1 
ATOM   855  O  OD1 . ASN B 1 32 ? -0.645  -5.215  2.703   1.00 31.31 ? 32  ASN B OD1 1 
ATOM   856  N  ND2 . ASN B 1 32 ? 0.058   -7.325  3.098   1.00 31.15 ? 32  ASN B ND2 1 
ATOM   857  N  N   . PRO B 1 33 ? -3.286  -7.825  5.461   1.00 27.04 ? 33  PRO B N   1 
ATOM   858  C  CA  . PRO B 1 33 ? -2.991  -8.165  6.846   1.00 26.74 ? 33  PRO B CA  1 
ATOM   859  C  C   . PRO B 1 33 ? -1.509  -8.487  7.055   1.00 26.56 ? 33  PRO B C   1 
ATOM   860  O  O   . PRO B 1 33 ? -0.829  -8.906  6.101   1.00 24.08 ? 33  PRO B O   1 
ATOM   861  C  CB  . PRO B 1 33 ? -3.815  -9.443  7.076   1.00 26.19 ? 33  PRO B CB  1 
ATOM   862  C  CG  . PRO B 1 33 ? -3.864  -10.087 5.746   1.00 27.04 ? 33  PRO B CG  1 
ATOM   863  C  CD  . PRO B 1 33 ? -3.973  -8.933  4.757   1.00 27.38 ? 33  PRO B CD  1 
ATOM   864  N  N   . PRO B 1 34 ? -1.025  -8.379  8.292   1.00 25.84 ? 34  PRO B N   1 
ATOM   865  C  CA  . PRO B 1 34 ? 0.275   -8.944  8.602   1.00 27.46 ? 34  PRO B CA  1 
ATOM   866  C  C   . PRO B 1 34 ? 0.152   -10.461 8.508   1.00 27.35 ? 34  PRO B C   1 
ATOM   867  O  O   . PRO B 1 34 ? -0.917  -10.997 8.762   1.00 28.01 ? 34  PRO B O   1 
ATOM   868  C  CB  . PRO B 1 34 ? 0.577   -8.455  10.031  1.00 26.75 ? 34  PRO B CB  1 
ATOM   869  C  CG  . PRO B 1 34 ? -0.521  -7.568  10.422  1.00 27.07 ? 34  PRO B CG  1 
ATOM   870  C  CD  . PRO B 1 34 ? -1.670  -7.788  9.478   1.00 27.09 ? 34  PRO B CD  1 
ATOM   871  N  N   . THR B 1 35 ? 1.222   -11.123 8.090   1.00 29.23 ? 35  THR B N   1 
ATOM   872  C  CA  . THR B 1 35 ? 1.249   -12.578 7.912   1.00 28.97 ? 35  THR B CA  1 
ATOM   873  C  C   . THR B 1 35 ? 2.420   -13.187 8.676   1.00 28.65 ? 35  THR B C   1 
ATOM   874  O  O   . THR B 1 35 ? 2.217   -13.824 9.705   1.00 32.43 ? 35  THR B O   1 
ATOM   875  C  CB  . THR B 1 35 ? 1.349   -12.955 6.407   1.00 29.43 ? 35  THR B CB  1 
ATOM   876  O  OG1 . THR B 1 35 ? 2.407   -12.219 5.763   1.00 29.26 ? 35  THR B OG1 1 
ATOM   877  C  CG2 . THR B 1 35 ? 0.109   -12.525 5.650   1.00 29.62 ? 35  THR B CG2 1 
ATOM   878  N  N   . GLU B 1 36 ? 3.633   -12.964 8.171   1.00 28.51 ? 36  GLU B N   1 
ATOM   879  C  CA  . GLU B 1 36 ? 4.865   -13.550 8.699   1.00 28.68 ? 36  GLU B CA  1 
ATOM   880  C  C   . GLU B 1 36 ? 5.969   -12.488 8.676   1.00 27.89 ? 36  GLU B C   1 
ATOM   881  O  O   . GLU B 1 36 ? 5.850   -11.456 7.997   1.00 22.25 ? 36  GLU B O   1 
ATOM   882  C  CB  A GLU B 1 36 ? 5.287   -14.784 7.883   0.50 29.83 ? 36  GLU B CB  1 
ATOM   883  C  CB  B GLU B 1 36 ? 5.328   -14.729 7.834   0.50 29.82 ? 36  GLU B CB  1 
ATOM   884  C  CG  A GLU B 1 36 ? 4.322   -15.979 7.930   0.50 30.06 ? 36  GLU B CG  1 
ATOM   885  C  CG  B GLU B 1 36 ? 4.233   -15.490 7.094   0.50 30.08 ? 36  GLU B CG  1 
ATOM   886  C  CD  A GLU B 1 36 ? 4.288   -16.705 9.272   0.50 30.30 ? 36  GLU B CD  1 
ATOM   887  C  CD  B GLU B 1 36 ? 4.726   -16.092 5.796   0.50 30.22 ? 36  GLU B CD  1 
ATOM   888  O  OE1 A GLU B 1 36 ? 5.361   -16.989 9.857   0.50 30.61 ? 36  GLU B OE1 1 
ATOM   889  O  OE1 B GLU B 1 36 ? 5.804   -16.731 5.807   0.50 30.76 ? 36  GLU B OE1 1 
ATOM   890  O  OE2 A GLU B 1 36 ? 3.173   -17.017 9.738   0.50 30.72 ? 36  GLU B OE2 1 
ATOM   891  O  OE2 B GLU B 1 36 ? 4.036   -15.919 4.766   0.50 30.31 ? 36  GLU B OE2 1 
ATOM   892  N  N   . PRO B 1 37 ? 7.032   -12.707 9.442   1.00 28.27 ? 37  PRO B N   1 
ATOM   893  C  CA  . PRO B 1 37 ? 8.218   -11.855 9.376   1.00 29.16 ? 37  PRO B CA  1 
ATOM   894  C  C   . PRO B 1 37 ? 8.759   -11.627 7.953   1.00 30.37 ? 37  PRO B C   1 
ATOM   895  O  O   . PRO B 1 37 ? 8.897   -12.570 7.177   1.00 32.27 ? 37  PRO B O   1 
ATOM   896  C  CB  . PRO B 1 37 ? 9.226   -12.614 10.226  1.00 29.21 ? 37  PRO B CB  1 
ATOM   897  C  CG  . PRO B 1 37 ? 8.381   -13.275 11.233  1.00 29.31 ? 37  PRO B CG  1 
ATOM   898  C  CD  . PRO B 1 37 ? 7.152   -13.724 10.500  1.00 29.24 ? 37  PRO B CD  1 
ATOM   899  N  N   . GLY B 1 38 ? 9.036   -10.374 7.617   1.00 30.32 ? 38  GLY B N   1 
ATOM   900  C  CA  . GLY B 1 38 ? 9.571   -10.032 6.308   1.00 30.75 ? 38  GLY B CA  1 
ATOM   901  C  C   . GLY B 1 38 ? 8.537   -9.820  5.216   1.00 31.04 ? 38  GLY B C   1 
ATOM   902  O  O   . GLY B 1 38 ? 8.893   -9.378  4.156   1.00 32.39 ? 38  GLY B O   1 
ATOM   903  N  N   . GLN B 1 39 ? 7.268   -10.146 5.459   1.00 31.67 ? 39  GLN B N   1 
ATOM   904  C  CA  . GLN B 1 39 ? 6.198   -9.870  4.491   1.00 32.44 ? 39  GLN B CA  1 
ATOM   905  C  C   . GLN B 1 39 ? 5.695   -8.438  4.698   1.00 31.70 ? 39  GLN B C   1 
ATOM   906  O  O   . GLN B 1 39 ? 5.186   -8.129  5.777   1.00 31.65 ? 39  GLN B O   1 
ATOM   907  C  CB  . GLN B 1 39 ? 5.035   -10.847 4.662   1.00 35.84 ? 39  GLN B CB  1 
ATOM   908  C  CG  . GLN B 1 39 ? 5.088   -12.160 3.861   1.00 38.47 ? 39  GLN B CG  1 
ATOM   909  C  CD  . GLN B 1 39 ? 6.325   -12.340 2.979   1.00 40.26 ? 39  GLN B CD  1 
ATOM   910  O  OE1 . GLN B 1 39 ? 6.293   -11.981 1.798   1.00 41.30 ? 39  GLN B OE1 1 
ATOM   911  N  NE2 . GLN B 1 39 ? 7.407   -12.898 3.542   1.00 41.16 ? 39  GLN B NE2 1 
ATOM   912  N  N   . PRO B 1 40 ? 5.810   -7.571  3.685   1.00 29.64 ? 40  PRO B N   1 
ATOM   913  C  CA  . PRO B 1 40 ? 5.357   -6.186  3.826   1.00 30.55 ? 40  PRO B CA  1 
ATOM   914  C  C   . PRO B 1 40 ? 3.878   -6.059  4.175   1.00 29.92 ? 40  PRO B C   1 
ATOM   915  O  O   . PRO B 1 40 ? 3.067   -6.911  3.794   1.00 28.97 ? 40  PRO B O   1 
ATOM   916  C  CB  . PRO B 1 40 ? 5.621   -5.568  2.440   1.00 30.91 ? 40  PRO B CB  1 
ATOM   917  C  CG  . PRO B 1 40 ? 6.643   -6.432  1.817   1.00 30.99 ? 40  PRO B CG  1 
ATOM   918  C  CD  . PRO B 1 40 ? 6.336   -7.830  2.334   1.00 30.61 ? 40  PRO B CD  1 
ATOM   919  N  N   . VAL B 1 41 ? 3.553   -4.985  4.893   1.00 30.74 ? 41  VAL B N   1 
ATOM   920  C  CA  . VAL B 1 41 ? 2.183   -4.662  5.290   1.00 29.88 ? 41  VAL B CA  1 
ATOM   921  C  C   . VAL B 1 41 ? 1.905   -3.193  4.934   1.00 29.07 ? 41  VAL B C   1 
ATOM   922  O  O   . VAL B 1 41 ? 2.627   -2.262  5.357   1.00 25.85 ? 41  VAL B O   1 
ATOM   923  C  CB  . VAL B 1 41 ? 1.951   -4.931  6.799   1.00 31.22 ? 41  VAL B CB  1 
ATOM   924  C  CG1 . VAL B 1 41 ? 0.521   -4.611  7.199   1.00 31.23 ? 41  VAL B CG1 1 
ATOM   925  C  CG2 . VAL B 1 41 ? 2.252   -6.391  7.113   1.00 31.08 ? 41  VAL B CG2 1 
ATOM   926  N  N   . VAL B 1 42 ? 0.865   -2.999  4.135   1.00 27.14 ? 42  VAL B N   1 
ATOM   927  C  CA  . VAL B 1 42 ? 0.528   -1.683  3.612   1.00 27.68 ? 42  VAL B CA  1 
ATOM   928  C  C   . VAL B 1 42 ? -0.722  -1.156  4.324   1.00 27.39 ? 42  VAL B C   1 
ATOM   929  O  O   . VAL B 1 42 ? -1.736  -1.840  4.374   1.00 25.18 ? 42  VAL B O   1 
ATOM   930  C  CB  . VAL B 1 42 ? 0.315   -1.724  2.100   1.00 27.12 ? 42  VAL B CB  1 
ATOM   931  C  CG1 . VAL B 1 42 ? 0.066   -0.293  1.545   1.00 27.18 ? 42  VAL B CG1 1 
ATOM   932  C  CG2 . VAL B 1 42 ? 1.524   -2.378  1.421   1.00 27.35 ? 42  VAL B CG2 1 
ATOM   933  N  N   . ILE B 1 43 ? -0.593  0.048   4.891   1.00 26.46 ? 43  ILE B N   1 
ATOM   934  C  CA  . ILE B 1 43 ? -1.658  0.745   5.619   1.00 26.36 ? 43  ILE B CA  1 
ATOM   935  C  C   . ILE B 1 43 ? -1.740  2.203   5.150   1.00 27.19 ? 43  ILE B C   1 
ATOM   936  O  O   . ILE B 1 43 ? -0.728  2.893   5.033   1.00 24.69 ? 43  ILE B O   1 
ATOM   937  C  CB  . ILE B 1 43 ? -1.383  0.723   7.149   1.00 25.16 ? 43  ILE B CB  1 
ATOM   938  C  CG1 . ILE B 1 43 ? -0.913  -0.648  7.596   1.00 25.21 ? 43  ILE B CG1 1 
ATOM   939  C  CG2 . ILE B 1 43 ? -2.637  1.085   7.935   1.00 25.28 ? 43  ILE B CG2 1 
ATOM   940  C  CD1 . ILE B 1 43 ? -0.641  -0.751  9.081   1.00 25.80 ? 43  ILE B CD1 1 
ATOM   941  N  N   . LEU B 1 44 ? -2.959  2.666   4.894   1.00 28.72 ? 44  LEU B N   1 
ATOM   942  C  CA  . LEU B 1 44 ? -3.218  4.083   4.658   1.00 29.16 ? 44  LEU B CA  1 
ATOM   943  C  C   . LEU B 1 44 ? -3.666  4.707   5.975   1.00 28.45 ? 44  LEU B C   1 
ATOM   944  O  O   . LEU B 1 44 ? -4.645  4.252   6.571   1.00 26.04 ? 44  LEU B O   1 
ATOM   945  C  CB  . LEU B 1 44 ? -4.325  4.281   3.623   1.00 31.09 ? 44  LEU B CB  1 
ATOM   946  C  CG  . LEU B 1 44 ? -4.041  4.171   2.123   1.00 32.55 ? 44  LEU B CG  1 
ATOM   947  C  CD1 . LEU B 1 44 ? -3.463  2.838   1.740   1.00 33.27 ? 44  LEU B CD1 1 
ATOM   948  C  CD2 . LEU B 1 44 ? -5.348  4.388   1.340   1.00 32.94 ? 44  LEU B CD2 1 
ATOM   949  N  N   . ILE B 1 45 ? -2.981  5.779   6.366   1.00 26.98 ? 45  ILE B N   1 
ATOM   950  C  CA  . ILE B 1 45 ? -3.049  6.352   7.701   1.00 28.24 ? 45  ILE B CA  1 
ATOM   951  C  C   . ILE B 1 45 ? -3.575  7.767   7.601   1.00 27.01 ? 45  ILE B C   1 
ATOM   952  O  O   . ILE B 1 45 ? -3.048  8.551   6.806   1.00 27.34 ? 45  ILE B O   1 
ATOM   953  C  CB  . ILE B 1 45 ? -1.601  6.378   8.270   1.00 29.16 ? 45  ILE B CB  1 
ATOM   954  C  CG1 . ILE B 1 45 ? -1.065  4.945   8.405   1.00 30.44 ? 45  ILE B CG1 1 
ATOM   955  C  CG2 . ILE B 1 45 ? -1.504  7.110   9.614   1.00 29.68 ? 45  ILE B CG2 1 
ATOM   956  C  CD1 . ILE B 1 45 ? -1.907  4.070   9.294   1.00 30.81 ? 45  ILE B CD1 1 
ATOM   957  N  N   . PRO B 1 46 ? -4.565  8.140   8.405   1.00 27.08 ? 46  PRO B N   1 
ATOM   958  C  CA  . PRO B 1 46 ? -5.002  9.542   8.391   1.00 27.71 ? 46  PRO B CA  1 
ATOM   959  C  C   . PRO B 1 46 ? -3.859  10.490  8.811   1.00 28.06 ? 46  PRO B C   1 
ATOM   960  O  O   . PRO B 1 46 ? -3.062  10.148  9.701   1.00 29.09 ? 46  PRO B O   1 
ATOM   961  C  CB  . PRO B 1 46 ? -6.163  9.580   9.402   1.00 26.49 ? 46  PRO B CB  1 
ATOM   962  C  CG  . PRO B 1 46 ? -6.565  8.224   9.616   1.00 26.95 ? 46  PRO B CG  1 
ATOM   963  C  CD  . PRO B 1 46 ? -5.335  7.345   9.383   1.00 26.62 ? 46  PRO B CD  1 
ATOM   964  N  N   . SER B 1 47 ? -3.794  11.663  8.178   1.00 28.99 ? 47  SER B N   1 
ATOM   965  C  CA  . SER B 1 47 ? -2.748  12.660  8.421   1.00 30.06 ? 47  SER B CA  1 
ATOM   966  C  C   . SER B 1 47 ? -2.543  12.951  9.918   1.00 29.79 ? 47  SER B C   1 
ATOM   967  O  O   . SER B 1 47 ? -1.421  13.129  10.382  1.00 30.19 ? 47  SER B O   1 
ATOM   968  C  CB  . SER B 1 47 ? -3.093  13.975  7.687   1.00 32.39 ? 47  SER B CB  1 
ATOM   969  O  OG  . SER B 1 47 ? -4.420  14.400  8.008   1.00 33.57 ? 47  SER B OG  1 
ATOM   970  N  N   . ASP B 1 48 ? -3.632  12.981  10.676  1.00 29.60 ? 48  ASP B N   1 
ATOM   971  C  CA  . ASP B 1 48 ? -3.553  13.363  12.086  1.00 29.08 ? 48  ASP B CA  1 
ATOM   972  C  C   . ASP B 1 48 ? -3.030  12.246  13.028  1.00 27.99 ? 48  ASP B C   1 
ATOM   973  O  O   . ASP B 1 48 ? -2.895  12.476  14.237  1.00 27.71 ? 48  ASP B O   1 
ATOM   974  C  CB  . ASP B 1 48 ? -4.890  13.929  12.574  1.00 28.87 ? 48  ASP B CB  1 
ATOM   975  C  CG  . ASP B 1 48 ? -6.008  12.918  12.584  1.00 29.58 ? 48  ASP B CG  1 
ATOM   976  O  OD1 . ASP B 1 48 ? -5.829  11.739  12.204  1.00 29.96 ? 48  ASP B OD1 1 
ATOM   977  O  OD2 . ASP B 1 48 ? -7.139  13.241  12.972  1.00 30.60 ? 48  ASP B OD2 1 
HETATM 978  N  N   . MSE B 1 49 ? -2.755  11.069  12.458  1.00 27.14 ? 49  MSE B N   1 
HETATM 979  C  CA  . MSE B 1 49 ? -2.249  9.897   13.183  1.00 27.51 ? 49  MSE B CA  1 
HETATM 980  C  C   . MSE B 1 49 ? -0.818  9.524   12.779  1.00 25.15 ? 49  MSE B C   1 
HETATM 981  O  O   . MSE B 1 49 ? -0.228  8.612   13.393  1.00 22.39 ? 49  MSE B O   1 
HETATM 982  C  CB  . MSE B 1 49 ? -3.160  8.686   12.948  1.00 30.84 ? 49  MSE B CB  1 
HETATM 983  C  CG  . MSE B 1 49 ? -4.541  8.788   13.601  1.00 33.44 ? 49  MSE B CG  1 
HETATM 984  SE SE  . MSE B 1 49 ? -4.429  9.243   15.512  1.00 38.07 ? 49  MSE B SE  1 
HETATM 985  C  CE  . MSE B 1 49 ? -3.978  7.489   16.261  1.00 35.95 ? 49  MSE B CE  1 
ATOM   986  N  N   . VAL B 1 50 ? -0.237  10.225  11.799  1.00 24.23 ? 50  VAL B N   1 
ATOM   987  C  CA  . VAL B 1 50 ? 1.061   9.779   11.279  1.00 26.27 ? 50  VAL B CA  1 
ATOM   988  C  C   . VAL B 1 50 ? 2.140   9.946   12.338  1.00 25.19 ? 50  VAL B C   1 
ATOM   989  O  O   . VAL B 1 50 ? 2.940   9.038   12.533  1.00 24.12 ? 50  VAL B O   1 
ATOM   990  C  CB  . VAL B 1 50 ? 1.521   10.365  9.881   1.00 26.04 ? 50  VAL B CB  1 
ATOM   991  C  CG1 . VAL B 1 50 ? 0.356   10.810  9.020   1.00 26.39 ? 50  VAL B CG1 1 
ATOM   992  C  CG2 . VAL B 1 50 ? 2.567   11.419  10.024  1.00 26.21 ? 50  VAL B CG2 1 
ATOM   993  N  N   . GLU B 1 51 ? 2.124   11.055  13.069  1.00 24.30 ? 51  GLU B N   1 
ATOM   994  C  CA  . GLU B 1 51 ? 3.136   11.237  14.122  1.00 26.16 ? 51  GLU B CA  1 
ATOM   995  C  C   . GLU B 1 51 ? 2.988   10.211  15.235  1.00 23.39 ? 51  GLU B C   1 
ATOM   996  O  O   . GLU B 1 51 ? 3.966   9.715   15.745  1.00 22.20 ? 51  GLU B O   1 
ATOM   997  C  CB  . GLU B 1 51 ? 3.091   12.624  14.731  1.00 29.87 ? 51  GLU B CB  1 
ATOM   998  C  CG  . GLU B 1 51 ? 4.477   13.142  15.055  1.00 32.53 ? 51  GLU B CG  1 
ATOM   999  C  CD  . GLU B 1 51 ? 5.019   14.001  13.943  1.00 34.71 ? 51  GLU B CD  1 
ATOM   1000 O  OE1 . GLU B 1 51 ? 4.273   14.909  13.515  1.00 36.54 ? 51  GLU B OE1 1 
ATOM   1001 O  OE2 . GLU B 1 51 ? 6.165   13.767  13.495  1.00 36.32 ? 51  GLU B OE2 1 
ATOM   1002 N  N   . TRP B 1 52 ? 1.758   9.911   15.635  1.00 24.50 ? 52  TRP B N   1 
ATOM   1003 C  CA  . TRP B 1 52 ? 1.550   8.895   16.664  1.00 23.90 ? 52  TRP B CA  1 
ATOM   1004 C  C   . TRP B 1 52 ? 2.154   7.570   16.183  1.00 24.49 ? 52  TRP B C   1 
ATOM   1005 O  O   . TRP B 1 52 ? 2.910   6.932   16.903  1.00 20.90 ? 52  TRP B O   1 
ATOM   1006 C  CB  . TRP B 1 52 ? 0.063   8.756   17.011  1.00 23.72 ? 52  TRP B CB  1 
ATOM   1007 C  CG  . TRP B 1 52 ? -0.201  7.659   17.988  1.00 23.91 ? 52  TRP B CG  1 
ATOM   1008 C  CD1 . TRP B 1 52 ? -0.173  7.750   19.351  1.00 23.88 ? 52  TRP B CD1 1 
ATOM   1009 C  CD2 . TRP B 1 52 ? -0.557  6.305   17.684  1.00 23.38 ? 52  TRP B CD2 1 
ATOM   1010 N  NE1 . TRP B 1 52 ? -0.458  6.524   19.909  1.00 23.80 ? 52  TRP B NE1 1 
ATOM   1011 C  CE2 . TRP B 1 52 ? -0.699  5.622   18.910  1.00 23.37 ? 52  TRP B CE2 1 
ATOM   1012 C  CE3 . TRP B 1 52 ? -0.740  5.592   16.501  1.00 23.41 ? 52  TRP B CE3 1 
ATOM   1013 C  CZ2 . TRP B 1 52 ? -1.030  4.269   18.987  1.00 23.72 ? 52  TRP B CZ2 1 
ATOM   1014 C  CZ3 . TRP B 1 52 ? -1.059  4.240   16.575  1.00 24.16 ? 52  TRP B CZ3 1 
ATOM   1015 C  CH2 . TRP B 1 52 ? -1.189  3.592   17.810  1.00 24.03 ? 52  TRP B CH2 1 
ATOM   1016 N  N   . PHE B 1 53 ? 1.866   7.206   14.931  1.00 25.19 ? 53  PHE B N   1 
ATOM   1017 C  CA  . PHE B 1 53 ? 2.265   5.913   14.357  1.00 24.95 ? 53  PHE B CA  1 
ATOM   1018 C  C   . PHE B 1 53 ? 3.797   5.831   14.152  1.00 25.22 ? 53  PHE B C   1 
ATOM   1019 O  O   . PHE B 1 53 ? 4.422   4.846   14.495  1.00 24.04 ? 53  PHE B O   1 
ATOM   1020 C  CB  . PHE B 1 53 ? 1.452   5.676   13.060  1.00 26.92 ? 53  PHE B CB  1 
ATOM   1021 C  CG  . PHE B 1 53 ? 1.414   4.237   12.585  1.00 26.83 ? 53  PHE B CG  1 
ATOM   1022 C  CD1 . PHE B 1 53 ? 1.339   3.181   13.474  1.00 26.53 ? 53  PHE B CD1 1 
ATOM   1023 C  CD2 . PHE B 1 53 ? 1.417   3.955   11.224  1.00 27.31 ? 53  PHE B CD2 1 
ATOM   1024 C  CE1 . PHE B 1 53 ? 1.304   1.860   13.014  1.00 27.49 ? 53  PHE B CE1 1 
ATOM   1025 C  CE2 . PHE B 1 53 ? 1.385   2.627   10.756  1.00 27.95 ? 53  PHE B CE2 1 
ATOM   1026 C  CZ  . PHE B 1 53 ? 1.332   1.591   11.651  1.00 27.44 ? 53  PHE B CZ  1 
ATOM   1027 N  N   . LEU B 1 54 ? 4.402   6.894   13.664  1.00 25.74 ? 54  LEU B N   1 
ATOM   1028 C  CA  . LEU B 1 54 ? 5.859   7.006   13.596  1.00 28.22 ? 54  LEU B CA  1 
ATOM   1029 C  C   . LEU B 1 54 ? 6.511   6.622   14.907  1.00 29.10 ? 54  LEU B C   1 
ATOM   1030 O  O   . LEU B 1 54 ? 7.332   5.709   14.945  1.00 27.45 ? 54  LEU B O   1 
ATOM   1031 C  CB  . LEU B 1 54 ? 6.262   8.449   13.256  1.00 29.88 ? 54  LEU B CB  1 
ATOM   1032 C  CG  . LEU B 1 54 ? 6.838   8.879   11.901  1.00 30.64 ? 54  LEU B CG  1 
ATOM   1033 C  CD1 . LEU B 1 54 ? 6.794   7.834   10.762  1.00 30.78 ? 54  LEU B CD1 1 
ATOM   1034 C  CD2 . LEU B 1 54 ? 6.205   10.210  11.477  1.00 30.38 ? 54  LEU B CD2 1 
ATOM   1035 N  N   . GLU B 1 55 ? 6.132   7.323   15.980  1.00 30.08 ? 55  GLU B N   1 
ATOM   1036 C  CA  . GLU B 1 55 ? 6.669   7.058   17.315  1.00 31.29 ? 55  GLU B CA  1 
ATOM   1037 C  C   . GLU B 1 55 ? 6.382   5.647   17.846  1.00 29.48 ? 55  GLU B C   1 
ATOM   1038 O  O   . GLU B 1 55 ? 7.197   5.086   18.550  1.00 24.00 ? 55  GLU B O   1 
ATOM   1039 C  CB  . GLU B 1 55 ? 6.109   8.049   18.335  1.00 34.43 ? 55  GLU B CB  1 
ATOM   1040 C  CG  . GLU B 1 55 ? 6.297   9.519   17.998  1.00 36.65 ? 55  GLU B CG  1 
ATOM   1041 C  CD  . GLU B 1 55 ? 7.687   9.912   17.495  1.00 38.43 ? 55  GLU B CD  1 
ATOM   1042 O  OE1 . GLU B 1 55 ? 8.699   9.633   18.200  1.00 37.55 ? 55  GLU B OE1 1 
ATOM   1043 O  OE2 . GLU B 1 55 ? 7.737   10.559  16.409  1.00 40.40 ? 55  GLU B OE2 1 
HETATM 1044 N  N   . MSE B 1 56 ? 5.213   5.107   17.535  1.00 32.48 ? 56  MSE B N   1 
HETATM 1045 C  CA  . MSE B 1 56 ? 4.822   3.765   17.945  1.00 32.56 ? 56  MSE B CA  1 
HETATM 1046 C  C   . MSE B 1 56 ? 5.709   2.702   17.265  1.00 31.46 ? 56  MSE B C   1 
HETATM 1047 O  O   . MSE B 1 56 ? 6.276   1.827   17.916  1.00 27.36 ? 56  MSE B O   1 
HETATM 1048 C  CB  . MSE B 1 56 ? 3.353   3.569   17.581  1.00 41.03 ? 56  MSE B CB  1 
HETATM 1049 C  CG  . MSE B 1 56 ? 2.689   2.294   18.097  1.00 43.79 ? 56  MSE B CG  1 
HETATM 1050 SE SE  . MSE B 1 56 ? 2.665   2.165   20.064  1.00 52.53 ? 56  MSE B SE  1 
HETATM 1051 C  CE  . MSE B 1 56 ? 1.662   3.763   20.508  1.00 49.96 ? 56  MSE B CE  1 
ATOM   1052 N  N   . LEU B 1 57 ? 5.816   2.780   15.947  1.00 30.11 ? 57  LEU B N   1 
ATOM   1053 C  CA  . LEU B 1 57 ? 6.710   1.909   15.172  1.00 29.91 ? 57  LEU B CA  1 
ATOM   1054 C  C   . LEU B 1 57 ? 8.174   2.038   15.638  1.00 29.24 ? 57  LEU B C   1 
ATOM   1055 O  O   . LEU B 1 57 ? 8.899   1.048   15.786  1.00 28.91 ? 57  LEU B O   1 
ATOM   1056 C  CB  . LEU B 1 57 ? 6.623   2.284   13.691  1.00 29.66 ? 57  LEU B CB  1 
ATOM   1057 C  CG  . LEU B 1 57 ? 5.644   1.579   12.737  1.00 30.28 ? 57  LEU B CG  1 
ATOM   1058 C  CD1 . LEU B 1 57 ? 4.632   0.658   13.425  1.00 30.25 ? 57  LEU B CD1 1 
ATOM   1059 C  CD2 . LEU B 1 57 ? 4.952   2.602   11.896  1.00 30.35 ? 57  LEU B CD2 1 
ATOM   1060 N  N   . LYS B 1 58 ? 8.591   3.278   15.850  1.00 29.82 ? 58  LYS B N   1 
ATOM   1061 C  CA  . LYS B 1 58 ? 9.932   3.604   16.336  1.00 30.05 ? 58  LYS B CA  1 
ATOM   1062 C  C   . LYS B 1 58 ? 10.199  2.961   17.706  1.00 29.22 ? 58  LYS B C   1 
ATOM   1063 O  O   . LYS B 1 58 ? 11.304  2.429   17.955  1.00 28.29 ? 58  LYS B O   1 
ATOM   1064 C  CB  . LYS B 1 58 ? 10.122  5.134   16.328  1.00 32.80 ? 58  LYS B CB  1 
ATOM   1065 C  CG  . LYS B 1 58 ? 10.790  5.748   17.533  1.00 34.48 ? 58  LYS B CG  1 
ATOM   1066 C  CD  . LYS B 1 58 ? 12.261  6.010   17.347  1.00 34.93 ? 58  LYS B CD  1 
ATOM   1067 C  CE  . LYS B 1 58 ? 12.786  6.818   18.532  1.00 35.59 ? 58  LYS B CE  1 
ATOM   1068 N  NZ  . LYS B 1 58 ? 12.373  6.211   19.876  1.00 37.03 ? 58  LYS B NZ  1 
ATOM   1069 N  N   . ALA B 1 59 ? 9.192   2.994   18.580  1.00 25.51 ? 59  ALA B N   1 
ATOM   1070 C  CA  . ALA B 1 59 ? 9.327   2.436   19.915  1.00 26.89 ? 59  ALA B CA  1 
ATOM   1071 C  C   . ALA B 1 59 ? 9.340   0.905   19.895  1.00 25.90 ? 59  ALA B C   1 
ATOM   1072 O  O   . ALA B 1 59 ? 9.925   0.286   20.765  1.00 25.40 ? 59  ALA B O   1 
ATOM   1073 C  CB  . ALA B 1 59 ? 8.222   2.946   20.836  1.00 26.16 ? 59  ALA B CB  1 
ATOM   1074 N  N   . LYS B 1 60 ? 8.686   0.296   18.915  1.00 25.24 ? 60  LYS B N   1 
ATOM   1075 C  CA  . LYS B 1 60 ? 8.629   -1.171  18.849  1.00 26.62 ? 60  LYS B CA  1 
ATOM   1076 C  C   . LYS B 1 60 ? 9.774   -1.783  18.024  1.00 25.86 ? 60  LYS B C   1 
ATOM   1077 O  O   . LYS B 1 60 ? 9.868   -3.004  17.927  1.00 27.57 ? 60  LYS B O   1 
ATOM   1078 C  CB  . LYS B 1 60 ? 7.274   -1.624  18.298  1.00 28.65 ? 60  LYS B CB  1 
ATOM   1079 C  CG  . LYS B 1 60 ? 6.078   -1.264  19.186  1.00 29.06 ? 60  LYS B CG  1 
ATOM   1080 C  CD  . LYS B 1 60 ? 6.048   -2.145  20.425  1.00 29.63 ? 60  LYS B CD  1 
ATOM   1081 C  CE  . LYS B 1 60 ? 4.975   -1.734  21.419  1.00 29.94 ? 60  LYS B CE  1 
ATOM   1082 N  NZ  . LYS B 1 60 ? 4.694   -2.852  22.387  1.00 30.10 ? 60  LYS B NZ  1 
ATOM   1083 N  N   . GLY B 1 61 ? 10.625  -0.932  17.443  1.00 24.56 ? 61  GLY B N   1 
ATOM   1084 C  CA  . GLY B 1 61 ? 11.734  -1.349  16.567  1.00 25.25 ? 61  GLY B CA  1 
ATOM   1085 C  C   . GLY B 1 61 ? 11.299  -1.899  15.212  1.00 25.69 ? 61  GLY B C   1 
ATOM   1086 O  O   . GLY B 1 61 ? 11.986  -2.749  14.614  1.00 23.40 ? 61  GLY B O   1 
ATOM   1087 N  N   . ILE B 1 62 ? 10.161  -1.415  14.718  1.00 25.49 ? 62  ILE B N   1 
ATOM   1088 C  CA  . ILE B 1 62 ? 9.559   -1.993  13.530  1.00 25.80 ? 62  ILE B CA  1 
ATOM   1089 C  C   . ILE B 1 62 ? 9.966   -1.215  12.305  1.00 24.13 ? 62  ILE B C   1 
ATOM   1090 O  O   . ILE B 1 62 ? 9.723   -0.005  12.221  1.00 23.85 ? 62  ILE B O   1 
ATOM   1091 C  CB  . ILE B 1 62 ? 8.028   -2.061  13.635  1.00 25.85 ? 62  ILE B CB  1 
ATOM   1092 C  CG1 . ILE B 1 62 ? 7.621   -3.082  14.691  1.00 26.54 ? 62  ILE B CG1 1 
ATOM   1093 C  CG2 . ILE B 1 62 ? 7.449   -2.525  12.333  1.00 26.04 ? 62  ILE B CG2 1 
ATOM   1094 C  CD1 . ILE B 1 62 ? 6.168   -3.034  15.096  1.00 26.62 ? 62  ILE B CD1 1 
ATOM   1095 N  N   . PRO B 1 63 ? 10.596  -1.891  11.354  1.00 24.55 ? 63  PRO B N   1 
ATOM   1096 C  CA  . PRO B 1 63 ? 11.043  -1.223  10.148  1.00 24.43 ? 63  PRO B CA  1 
ATOM   1097 C  C   . PRO B 1 63 ? 9.867   -0.772  9.285   1.00 25.19 ? 63  PRO B C   1 
ATOM   1098 O  O   . PRO B 1 63 ? 8.836   -1.457  9.208   1.00 24.37 ? 63  PRO B O   1 
ATOM   1099 C  CB  . PRO B 1 63 ? 11.878  -2.288  9.441   1.00 26.12 ? 63  PRO B CB  1 
ATOM   1100 C  CG  . PRO B 1 63 ? 12.192  -3.291  10.497  1.00 26.25 ? 63  PRO B CG  1 
ATOM   1101 C  CD  . PRO B 1 63 ? 10.982  -3.311  11.365  1.00 26.06 ? 63  PRO B CD  1 
ATOM   1102 N  N   . PHE B 1 64 ? 10.013  0.391   8.669   1.00 24.56 ? 64  PHE B N   1 
ATOM   1103 C  CA  . PHE B 1 64 ? 8.979   0.916   7.797   1.00 26.61 ? 64  PHE B CA  1 
ATOM   1104 C  C   . PHE B 1 64 ? 9.514   2.013   6.867   1.00 26.65 ? 64  PHE B C   1 
ATOM   1105 O  O   . PHE B 1 64 ? 10.600  2.579   7.067   1.00 24.98 ? 64  PHE B O   1 
ATOM   1106 C  CB  . PHE B 1 64 ? 7.831   1.492   8.633   1.00 26.91 ? 64  PHE B CB  1 
ATOM   1107 C  CG  . PHE B 1 64 ? 8.223   2.718   9.368   1.00 26.74 ? 64  PHE B CG  1 
ATOM   1108 C  CD1 . PHE B 1 64 ? 8.798   2.627   10.619  1.00 26.72 ? 64  PHE B CD1 1 
ATOM   1109 C  CD2 . PHE B 1 64 ? 8.081   3.959   8.783   1.00 26.94 ? 64  PHE B CD2 1 
ATOM   1110 C  CE1 . PHE B 1 64 ? 9.205   3.751   11.291  1.00 27.44 ? 64  PHE B CE1 1 
ATOM   1111 C  CE2 . PHE B 1 64 ? 8.482   5.090   9.446   1.00 27.32 ? 64  PHE B CE2 1 
ATOM   1112 C  CZ  . PHE B 1 64 ? 9.062   4.998   10.691  1.00 27.59 ? 64  PHE B CZ  1 
ATOM   1113 N  N   . THR B 1 65 ? 8.700   2.288   5.854   1.00 28.56 ? 65  THR B N   1 
ATOM   1114 C  CA  . THR B 1 65 ? 8.913   3.341   4.890   1.00 27.28 ? 65  THR B CA  1 
ATOM   1115 C  C   . THR B 1 65 ? 7.582   4.059   4.711   1.00 27.84 ? 65  THR B C   1 
ATOM   1116 O  O   . THR B 1 65 ? 6.537   3.420   4.685   1.00 26.98 ? 65  THR B O   1 
ATOM   1117 C  CB  . THR B 1 65 ? 9.327   2.701   3.588   1.00 28.60 ? 65  THR B CB  1 
ATOM   1118 O  OG1 . THR B 1 65 ? 10.471  1.885   3.833   1.00 28.80 ? 65  THR B OG1 1 
ATOM   1119 C  CG2 . THR B 1 65 ? 9.799   3.737   2.595   1.00 29.21 ? 65  THR B CG2 1 
ATOM   1120 N  N   . VAL B 1 66 ? 7.642   5.383   4.593   1.00 27.77 ? 66  VAL B N   1 
ATOM   1121 C  CA  . VAL B 1 66 ? 6.474   6.244   4.458   1.00 27.04 ? 66  VAL B CA  1 
ATOM   1122 C  C   . VAL B 1 66 ? 6.432   6.795   3.040   1.00 25.99 ? 66  VAL B C   1 
ATOM   1123 O  O   . VAL B 1 66 ? 7.462   7.149   2.473   1.00 25.71 ? 66  VAL B O   1 
ATOM   1124 C  CB  . VAL B 1 66 ? 6.559   7.435   5.449   1.00 28.00 ? 66  VAL B CB  1 
ATOM   1125 C  CG1 . VAL B 1 66 ? 5.453   8.434   5.203   1.00 28.81 ? 66  VAL B CG1 1 
ATOM   1126 C  CG2 . VAL B 1 66 ? 6.481   6.953   6.857   1.00 28.49 ? 66  VAL B CG2 1 
ATOM   1127 N  N   . TYR B 1 67 ? 5.229   6.853   2.481   1.00 25.26 ? 67  TYR B N   1 
ATOM   1128 C  CA  . TYR B 1 67 ? 4.991   7.305   1.127   1.00 24.21 ? 67  TYR B CA  1 
ATOM   1129 C  C   . TYR B 1 67 ? 3.883   8.385   1.167   1.00 24.39 ? 67  TYR B C   1 
ATOM   1130 O  O   . TYR B 1 67 ? 2.903   8.239   1.902   1.00 25.47 ? 67  TYR B O   1 
ATOM   1131 C  CB  . TYR B 1 67 ? 4.552   6.105   0.263   1.00 24.09 ? 67  TYR B CB  1 
ATOM   1132 C  CG  . TYR B 1 67 ? 5.634   5.084   -0.039  1.00 24.15 ? 67  TYR B CG  1 
ATOM   1133 C  CD1 . TYR B 1 67 ? 6.084   4.184   0.925   1.00 23.59 ? 67  TYR B CD1 1 
ATOM   1134 C  CD2 . TYR B 1 67 ? 6.194   5.009   -1.307  1.00 24.06 ? 67  TYR B CD2 1 
ATOM   1135 C  CE1 . TYR B 1 67 ? 7.078   3.248   0.621   1.00 23.86 ? 67  TYR B CE1 1 
ATOM   1136 C  CE2 . TYR B 1 67 ? 7.176   4.098   -1.606  1.00 24.01 ? 67  TYR B CE2 1 
ATOM   1137 C  CZ  . TYR B 1 67 ? 7.607   3.222   -0.650  1.00 23.66 ? 67  TYR B CZ  1 
ATOM   1138 O  OH  . TYR B 1 67 ? 8.583   2.339   -1.010  1.00 24.29 ? 67  TYR B OH  1 
ATOM   1139 N  N   . VAL B 1 68 ? 4.047   9.454   0.394   1.00 22.48 ? 68  VAL B N   1 
ATOM   1140 C  CA  . VAL B 1 68 ? 3.041   10.500  0.262   1.00 23.30 ? 68  VAL B CA  1 
ATOM   1141 C  C   . VAL B 1 68 ? 2.693   10.704  -1.201  1.00 23.75 ? 68  VAL B C   1 
ATOM   1142 O  O   . VAL B 1 68 ? 3.487   10.369  -2.093  1.00 22.22 ? 68  VAL B O   1 
ATOM   1143 C  CB  . VAL B 1 68 ? 3.525   11.832  0.886   1.00 24.56 ? 68  VAL B CB  1 
ATOM   1144 C  CG1 . VAL B 1 68 ? 3.941   11.608  2.372   1.00 24.68 ? 68  VAL B CG1 1 
ATOM   1145 C  CG2 . VAL B 1 68 ? 4.697   12.437  0.094   1.00 24.34 ? 68  VAL B CG2 1 
ATOM   1146 N  N   . GLU B 1 69 ? 1.511   11.255  -1.461  1.00 23.15 ? 69  GLU B N   1 
ATOM   1147 C  CA  . GLU B 1 69 ? 1.101   11.551  -2.821  1.00 25.64 ? 69  GLU B CA  1 
ATOM   1148 C  C   . GLU B 1 69 ? 2.132   12.433  -3.525  1.00 27.58 ? 69  GLU B C   1 
ATOM   1149 O  O   . GLU B 1 69 ? 2.641   13.364  -2.937  1.00 28.07 ? 69  GLU B O   1 
ATOM   1150 C  CB  . GLU B 1 69 ? -0.283  12.221  -2.841  1.00 25.13 ? 69  GLU B CB  1 
ATOM   1151 C  CG  . GLU B 1 69 ? -0.580  12.957  -4.138  1.00 24.33 ? 69  GLU B CG  1 
ATOM   1152 C  CD  . GLU B 1 69 ? -2.017  13.389  -4.301  1.00 24.22 ? 69  GLU B CD  1 
ATOM   1153 O  OE1 . GLU B 1 69 ? -2.748  13.467  -3.314  1.00 23.81 ? 69  GLU B OE1 1 
ATOM   1154 O  OE2 . GLU B 1 69 ? -2.404  13.645  -5.449  1.00 24.12 ? 69  GLU B OE2 1 
ATOM   1155 N  N   . GLU B 1 70 ? 2.437   12.117  -4.782  1.00 31.85 ? 70  GLU B N   1 
ATOM   1156 C  CA  . GLU B 1 70 ? 3.235   12.976  -5.653  1.00 35.50 ? 70  GLU B CA  1 
ATOM   1157 C  C   . GLU B 1 70 ? 2.663   14.383  -5.698  1.00 36.65 ? 70  GLU B C   1 
ATOM   1158 O  O   . GLU B 1 70 ? 1.516   14.565  -6.098  1.00 35.89 ? 70  GLU B O   1 
ATOM   1159 C  CB  . GLU B 1 70 ? 3.274   12.421  -7.093  1.00 38.91 ? 70  GLU B CB  1 
ATOM   1160 C  CG  . GLU B 1 70 ? 4.614   11.840  -7.528  1.00 40.81 ? 70  GLU B CG  1 
ATOM   1161 C  CD  . GLU B 1 70 ? 5.551   12.831  -8.225  1.00 42.44 ? 70  GLU B CD  1 
ATOM   1162 O  OE1 . GLU B 1 70 ? 5.073   13.783  -8.883  1.00 42.82 ? 70  GLU B OE1 1 
ATOM   1163 O  OE2 . GLU B 1 70 ? 6.795   12.642  -8.137  1.00 44.05 ? 70  GLU B OE2 1 
ATOM   1164 N  N   . GLY B 1 71 ? 3.460   15.369  -5.285  1.00 39.21 ? 71  GLY B N   1 
ATOM   1165 C  CA  . GLY B 1 71 ? 3.048   16.785  -5.313  1.00 41.42 ? 71  GLY B CA  1 
ATOM   1166 C  C   . GLY B 1 71 ? 1.719   17.073  -4.627  1.00 43.59 ? 71  GLY B C   1 
ATOM   1167 O  O   . GLY B 1 71 ? 0.900   17.829  -5.140  1.00 43.38 ? 71  GLY B O   1 
ATOM   1168 N  N   . GLY B 1 72 ? 1.507   16.469  -3.462  1.00 46.22 ? 72  GLY B N   1 
ATOM   1169 C  CA  . GLY B 1 72 ? 0.243   16.593  -2.737  1.00 47.27 ? 72  GLY B CA  1 
ATOM   1170 C  C   . GLY B 1 72 ? 0.337   17.389  -1.444  1.00 49.54 ? 72  GLY B C   1 
ATOM   1171 O  O   . GLY B 1 72 ? 1.328   18.101  -1.189  1.00 49.14 ? 72  GLY B O   1 
ATOM   1172 N  N   . SER B 1 73 ? -0.710  17.245  -0.625  1.00 51.06 ? 73  SER B N   1 
ATOM   1173 C  CA  . SER B 1 73 ? -0.848  17.968  0.644   1.00 51.31 ? 73  SER B CA  1 
ATOM   1174 C  C   . SER B 1 73 ? 0.005   17.364  1.763   1.00 52.16 ? 73  SER B C   1 
ATOM   1175 O  O   . SER B 1 73 ? 0.308   16.167  1.756   1.00 51.90 ? 73  SER B O   1 
ATOM   1176 C  CB  . SER B 1 73 ? -2.319  17.982  1.072   1.00 51.92 ? 73  SER B CB  1 
ATOM   1177 O  OG  . SER B 1 73 ? -2.890  16.682  1.018   1.00 52.01 ? 73  SER B OG  1 
HETATM 1178 O  O   . HOH C 2 .  ? -0.841  10.779  -8.725  1.00 24.28 ? 80  HOH A O   1 
HETATM 1179 O  O   . HOH C 2 .  ? -10.985 -4.057  -6.746  1.00 34.53 ? 81  HOH A O   1 
HETATM 1180 O  O   . HOH C 2 .  ? 1.994   -8.139  -12.750 1.00 27.84 ? 82  HOH A O   1 
HETATM 1181 O  O   . HOH C 2 .  ? -6.960  7.377   -14.793 1.00 31.87 ? 83  HOH A O   1 
HETATM 1182 O  O   . HOH C 2 .  ? -6.436  8.981   -12.016 1.00 24.14 ? 84  HOH A O   1 
HETATM 1183 O  O   . HOH C 2 .  ? -9.373  -4.765  -4.125  1.00 38.81 ? 85  HOH A O   1 
HETATM 1184 O  O   . HOH C 2 .  ? 2.329   2.568   -21.340 1.00 26.12 ? 86  HOH A O   1 
HETATM 1185 O  O   . HOH C 2 .  ? 9.103   6.305   -14.785 1.00 26.53 ? 87  HOH A O   1 
HETATM 1186 O  O   . HOH C 2 .  ? -6.531  6.005   -5.760  1.00 26.92 ? 88  HOH A O   1 
HETATM 1187 O  O   . HOH C 2 .  ? 5.038   -5.236  -17.788 1.00 33.13 ? 89  HOH A O   1 
HETATM 1188 O  O   . HOH C 2 .  ? -8.982  9.039   -13.900 1.00 42.80 ? 90  HOH A O   1 
HETATM 1189 O  O   . HOH C 2 .  ? 9.112   6.669   -4.568  1.00 25.15 ? 91  HOH A O   1 
HETATM 1190 O  O   . HOH C 2 .  ? 16.328  7.241   8.259   1.00 47.25 ? 92  HOH A O   1 
HETATM 1191 O  O   . HOH C 2 .  ? 0.806   -16.119 -17.992 1.00 30.60 ? 93  HOH A O   1 
HETATM 1192 O  O   . HOH C 2 .  ? -19.831 -3.392  -13.873 1.00 42.58 ? 94  HOH A O   1 
HETATM 1193 O  O   . HOH C 2 .  ? -1.719  7.687   -21.552 1.00 31.36 ? 95  HOH A O   1 
HETATM 1194 O  O   . HOH C 2 .  ? 15.002  8.584   6.324   1.00 47.37 ? 96  HOH A O   1 
HETATM 1195 O  O   . HOH C 2 .  ? 3.696   -9.106  -10.922 1.00 31.13 ? 97  HOH A O   1 
HETATM 1196 O  O   . HOH C 2 .  ? 16.981  4.335   7.293   1.00 54.36 ? 98  HOH A O   1 
HETATM 1197 O  O   . HOH C 2 .  ? 6.291   9.063   -9.509  1.00 43.50 ? 99  HOH A O   1 
HETATM 1198 O  O   . HOH C 2 .  ? 4.584   8.079   -21.187 1.00 46.02 ? 100 HOH A O   1 
HETATM 1199 O  O   . HOH C 2 .  ? 8.151   7.789   -8.736  1.00 35.61 ? 101 HOH A O   1 
HETATM 1200 O  O   . HOH C 2 .  ? 10.887  10.188  -3.751  1.00 42.76 ? 102 HOH A O   1 
HETATM 1201 O  O   . HOH C 2 .  ? 1.887   -17.074 -15.776 1.00 33.04 ? 103 HOH A O   1 
HETATM 1202 O  O   . HOH C 2 .  ? 1.738   -6.059  -14.341 1.00 29.16 ? 104 HOH A O   1 
HETATM 1203 O  O   . HOH C 2 .  ? 2.645   -9.702  -6.904  1.00 35.11 ? 105 HOH A O   1 
HETATM 1204 O  O   . HOH C 2 .  ? 9.393   -13.046 -12.979 1.00 56.09 ? 106 HOH A O   1 
HETATM 1205 O  O   . HOH C 2 .  ? 3.651   -8.655  -2.245  1.00 54.75 ? 107 HOH A O   1 
HETATM 1206 O  O   . HOH C 2 .  ? 1.841   -10.915 -9.764  1.00 36.96 ? 108 HOH A O   1 
HETATM 1207 O  O   . HOH C 2 .  ? 10.834  3.067   -2.290  1.00 26.78 ? 109 HOH A O   1 
HETATM 1208 O  O   . HOH D 2 .  ? 3.622   -9.639  7.787   1.00 25.20 ? 80  HOH B O   1 
HETATM 1209 O  O   . HOH D 2 .  ? -8.034  1.153   12.511  1.00 20.32 ? 81  HOH B O   1 
HETATM 1210 O  O   . HOH D 2 .  ? 1.671   -9.605  5.238   1.00 27.02 ? 82  HOH B O   1 
HETATM 1211 O  O   . HOH D 2 .  ? -0.134  12.089  15.492  1.00 19.98 ? 83  HOH B O   1 
HETATM 1212 O  O   . HOH D 2 .  ? 11.381  1.558   13.268  1.00 27.56 ? 84  HOH B O   1 
HETATM 1213 O  O   . HOH D 2 .  ? 13.568  -6.217  17.371  1.00 18.82 ? 85  HOH B O   1 
HETATM 1214 O  O   . HOH D 2 .  ? -5.967  -8.567  13.158  1.00 20.97 ? 86  HOH B O   1 
HETATM 1215 O  O   . HOH D 2 .  ? 0.892   14.378  3.238   1.00 38.83 ? 87  HOH B O   1 
HETATM 1216 O  O   . HOH D 2 .  ? 12.217  -6.159  8.696   1.00 37.54 ? 88  HOH B O   1 
HETATM 1217 O  O   . HOH D 2 .  ? 6.648   -13.957 20.444  1.00 32.62 ? 89  HOH B O   1 
HETATM 1218 O  O   . HOH D 2 .  ? -6.827  -5.958  5.570   1.00 54.72 ? 90  HOH B O   1 
HETATM 1219 O  O   . HOH D 2 .  ? -2.322  15.108  -1.273  1.00 33.41 ? 91  HOH B O   1 
HETATM 1220 O  O   . HOH D 2 .  ? -12.522 -1.736  16.872  1.00 33.17 ? 92  HOH B O   1 
HETATM 1221 O  O   . HOH D 2 .  ? -1.993  -10.339 18.059  1.00 29.97 ? 93  HOH B O   1 
HETATM 1222 O  O   . HOH D 2 .  ? 13.519  -4.870  14.425  1.00 42.19 ? 94  HOH B O   1 
HETATM 1223 O  O   . HOH D 2 .  ? -5.151  12.168  5.795   1.00 39.94 ? 95  HOH B O   1 
HETATM 1224 O  O   . HOH D 2 .  ? 9.519   -0.321  4.075   1.00 29.03 ? 96  HOH B O   1 
HETATM 1225 O  O   . HOH D 2 .  ? -8.614  -1.540  7.448   1.00 34.69 ? 97  HOH B O   1 
HETATM 1226 O  O   . HOH D 2 .  ? -11.548 1.933   10.788  1.00 34.88 ? 98  HOH B O   1 
HETATM 1227 O  O   . HOH D 2 .  ? -8.949  -1.419  11.927  1.00 43.86 ? 99  HOH B O   1 
HETATM 1228 O  O   . HOH D 2 .  ? 8.019   14.442  11.040  1.00 42.60 ? 100 HOH B O   1 
HETATM 1229 O  O   . HOH D 2 .  ? 11.022  -1.414  5.538   1.00 34.95 ? 101 HOH B O   1 
HETATM 1230 O  O   . HOH D 2 .  ? 0.371   13.573  12.650  1.00 27.65 ? 102 HOH B O   1 
HETATM 1231 O  O   . HOH D 2 .  ? 13.778  -10.970 10.241  1.00 33.25 ? 103 HOH B O   1 
HETATM 1232 O  O   . HOH D 2 .  ? -8.154  8.167   14.181  1.00 34.47 ? 104 HOH B O   1 
HETATM 1233 O  O   . HOH D 2 .  ? 11.236  -6.930  18.527  1.00 26.86 ? 105 HOH B O   1 
HETATM 1234 O  O   . HOH D 2 .  ? -5.882  -6.401  8.548   1.00 37.35 ? 106 HOH B O   1 
HETATM 1235 O  O   . HOH D 2 .  ? -11.485 0.974   22.090  1.00 44.32 ? 107 HOH B O   1 
HETATM 1236 O  O   . HOH D 2 .  ? 12.370  -3.752  5.887   1.00 44.90 ? 108 HOH B O   1 
HETATM 1237 O  O   . HOH D 2 .  ? 11.719  4.816   22.118  1.00 38.62 ? 109 HOH B O   1 
HETATM 1238 O  O   . HOH D 2 .  ? 2.990   -8.240  20.395  1.00 38.56 ? 110 HOH B O   1 
HETATM 1239 O  O   . HOH D 2 .  ? 8.707   7.534   19.608  1.00 40.18 ? 111 HOH B O   1 
HETATM 1240 O  O   . HOH D 2 .  ? -5.519  -0.215  13.098  1.00 20.09 ? 112 HOH B O   1 
HETATM 1241 O  O   . HOH D 2 .  ? 13.398  1.968   16.210  1.00 36.42 ? 113 HOH B O   1 
HETATM 1242 O  O   . HOH D 2 .  ? -4.849  17.852  2.676   1.00 40.18 ? 114 HOH B O   1 
HETATM 1243 O  O   . HOH D 2 .  ? 0.928   14.590  9.324   1.00 40.67 ? 115 HOH B O   1 
# 
